data_5VX9
# 
_entry.id   5VX9 
# 
_audit_conform.dict_name       mmcif_pdbx.dic 
_audit_conform.dict_version    5.379 
_audit_conform.dict_location   http://mmcif.pdb.org/dictionaries/ascii/mmcif_pdbx.dic 
# 
loop_
_database_2.database_id 
_database_2.database_code 
_database_2.pdbx_database_accession 
_database_2.pdbx_DOI 
PDB   5VX9         pdb_00005vx9 10.2210/pdb5vx9/pdb 
WWPDB D_1000228099 ?            ?                   
# 
_pdbx_database_status.status_code                     REL 
_pdbx_database_status.status_code_sf                  REL 
_pdbx_database_status.status_code_mr                  ? 
_pdbx_database_status.entry_id                        5VX9 
_pdbx_database_status.recvd_initial_deposition_date   2017-05-23 
_pdbx_database_status.SG_entry                        N 
_pdbx_database_status.deposit_site                    RCSB 
_pdbx_database_status.process_site                    RCSB 
_pdbx_database_status.status_code_cs                  ? 
_pdbx_database_status.methods_development_category    ? 
_pdbx_database_status.pdb_format_compatible           Y 
_pdbx_database_status.status_code_nmr_data            ? 
# 
loop_
_audit_author.name 
_audit_author.pdbx_ordinal 
_audit_author.identifier_ORCID 
'Hu, L.'                  1 ? 
'Venkataram Prasad, B.V.' 2 ? 
# 
_citation.abstract                  ? 
_citation.abstract_id_CAS           ? 
_citation.book_id_ISBN              ? 
_citation.book_publisher            ? 
_citation.book_publisher_city       ? 
_citation.book_title                ? 
_citation.coordinate_linkage        ? 
_citation.country                   UK 
_citation.database_id_Medline       ? 
_citation.details                   ? 
_citation.id                        primary 
_citation.journal_abbrev            'Nat Commun' 
_citation.journal_id_ASTM           ? 
_citation.journal_id_CSD            ? 
_citation.journal_id_ISSN           2041-1723 
_citation.journal_full              ? 
_citation.journal_issue             ? 
_citation.journal_volume            9 
_citation.language                  ? 
_citation.page_first                2631 
_citation.page_last                 2631 
_citation.title                     'Glycan recognition in globally dominant human rotaviruses.' 
_citation.year                      2018 
_citation.database_id_CSD           ? 
_citation.pdbx_database_id_DOI      10.1038/s41467-018-05098-4 
_citation.pdbx_database_id_PubMed   29980685 
_citation.unpublished_flag          ? 
# 
loop_
_citation_author.citation_id 
_citation_author.name 
_citation_author.ordinal 
_citation_author.identifier_ORCID 
primary 'Hu, L.'          1  ? 
primary 'Sankaran, B.'    2  ? 
primary 'Laucirica, D.R.' 3  ? 
primary 'Patil, K.'       4  ? 
primary 'Salmen, W.'      5  ? 
primary 'Ferreon, A.C.M.' 6  ? 
primary 'Tsoi, P.S.'      7  ? 
primary 'Lasanajak, Y.'   8  ? 
primary 'Smith, D.F.'     9  ? 
primary 'Ramani, S.'      10 ? 
primary 'Atmar, R.L.'     11 ? 
primary 'Estes, M.K.'     12 ? 
primary 'Ferreon, J.C.'   13 ? 
primary 'Prasad, B.V.V.'  14 ? 
# 
_cell.angle_alpha                  90.00 
_cell.angle_alpha_esd              ? 
_cell.angle_beta                   90.00 
_cell.angle_beta_esd               ? 
_cell.angle_gamma                  90.00 
_cell.angle_gamma_esd              ? 
_cell.entry_id                     5VX9 
_cell.details                      ? 
_cell.formula_units_Z              ? 
_cell.length_a                     36.510 
_cell.length_a_esd                 ? 
_cell.length_b                     42.630 
_cell.length_b_esd                 ? 
_cell.length_c                     95.070 
_cell.length_c_esd                 ? 
_cell.volume                       ? 
_cell.volume_esd                   ? 
_cell.Z_PDB                        4 
_cell.reciprocal_angle_alpha       ? 
_cell.reciprocal_angle_beta        ? 
_cell.reciprocal_angle_gamma       ? 
_cell.reciprocal_angle_alpha_esd   ? 
_cell.reciprocal_angle_beta_esd    ? 
_cell.reciprocal_angle_gamma_esd   ? 
_cell.reciprocal_length_a          ? 
_cell.reciprocal_length_b          ? 
_cell.reciprocal_length_c          ? 
_cell.reciprocal_length_a_esd      ? 
_cell.reciprocal_length_b_esd      ? 
_cell.reciprocal_length_c_esd      ? 
_cell.pdbx_unique_axis             ? 
# 
_symmetry.entry_id                         5VX9 
_symmetry.cell_setting                     ? 
_symmetry.Int_Tables_number                19 
_symmetry.space_group_name_Hall            ? 
_symmetry.space_group_name_H-M             'P 21 21 21' 
_symmetry.pdbx_full_space_group_name_H-M   ? 
# 
loop_
_entity.id 
_entity.type 
_entity.src_method 
_entity.pdbx_description 
_entity.formula_weight 
_entity.pdbx_number_of_molecules 
_entity.pdbx_ec 
_entity.pdbx_mutation 
_entity.pdbx_fragment 
_entity.details 
1 polymer     man 'Outer capsid protein VP4' 18483.477 1   ? ? 'UNP residues 65-223' ? 
2 branched    man 
;alpha-L-fucopyranose-(1-2)-beta-D-galactopyranose-(1-3)-2-acetamido-2-deoxy-beta-D-glucopyranose-(1-3)-beta-D-galactopyranose-(1-4)-beta-D-glucopyranose
;
853.771   1   ? ? ?                     ? 
3 non-polymer syn 'SULFATE ION' 96.063    2   ? ? ?                     ? 
4 water       nat water 18.015    194 ? ? ?                     ? 
# 
_entity_name_com.entity_id   1 
_entity_name_com.name        'Rotavirus RV3 VP8*' 
# 
_entity_poly.entity_id                      1 
_entity_poly.type                           'polypeptide(L)' 
_entity_poly.nstd_linkage                   no 
_entity_poly.nstd_monomer                   no 
_entity_poly.pdbx_seq_one_letter_code       
;GSLDGPYQSTSFKPPSDYWILLNPTNQQVVLEGTNKTDIWVALLLVEPNVTNQSRQYTLFGETKQITVENNTNKWKFFEM
FRSSVSAEFQHKRTLTSDTKLAGFLKHYNSVWTFHGETPHATTDYSSTSNLSEVETTIHVEFYIIPRSQESKCVEYINTG
L
;
_entity_poly.pdbx_seq_one_letter_code_can   
;GSLDGPYQSTSFKPPSDYWILLNPTNQQVVLEGTNKTDIWVALLLVEPNVTNQSRQYTLFGETKQITVENNTNKWKFFEM
FRSSVSAEFQHKRTLTSDTKLAGFLKHYNSVWTFHGETPHATTDYSSTSNLSEVETTIHVEFYIIPRSQESKCVEYINTG
L
;
_entity_poly.pdbx_strand_id                 A 
_entity_poly.pdbx_target_identifier         ? 
# 
loop_
_entity_poly_seq.entity_id 
_entity_poly_seq.num 
_entity_poly_seq.mon_id 
_entity_poly_seq.hetero 
1 1   GLY n 
1 2   SER n 
1 3   LEU n 
1 4   ASP n 
1 5   GLY n 
1 6   PRO n 
1 7   TYR n 
1 8   GLN n 
1 9   SER n 
1 10  THR n 
1 11  SER n 
1 12  PHE n 
1 13  LYS n 
1 14  PRO n 
1 15  PRO n 
1 16  SER n 
1 17  ASP n 
1 18  TYR n 
1 19  TRP n 
1 20  ILE n 
1 21  LEU n 
1 22  LEU n 
1 23  ASN n 
1 24  PRO n 
1 25  THR n 
1 26  ASN n 
1 27  GLN n 
1 28  GLN n 
1 29  VAL n 
1 30  VAL n 
1 31  LEU n 
1 32  GLU n 
1 33  GLY n 
1 34  THR n 
1 35  ASN n 
1 36  LYS n 
1 37  THR n 
1 38  ASP n 
1 39  ILE n 
1 40  TRP n 
1 41  VAL n 
1 42  ALA n 
1 43  LEU n 
1 44  LEU n 
1 45  LEU n 
1 46  VAL n 
1 47  GLU n 
1 48  PRO n 
1 49  ASN n 
1 50  VAL n 
1 51  THR n 
1 52  ASN n 
1 53  GLN n 
1 54  SER n 
1 55  ARG n 
1 56  GLN n 
1 57  TYR n 
1 58  THR n 
1 59  LEU n 
1 60  PHE n 
1 61  GLY n 
1 62  GLU n 
1 63  THR n 
1 64  LYS n 
1 65  GLN n 
1 66  ILE n 
1 67  THR n 
1 68  VAL n 
1 69  GLU n 
1 70  ASN n 
1 71  ASN n 
1 72  THR n 
1 73  ASN n 
1 74  LYS n 
1 75  TRP n 
1 76  LYS n 
1 77  PHE n 
1 78  PHE n 
1 79  GLU n 
1 80  MET n 
1 81  PHE n 
1 82  ARG n 
1 83  SER n 
1 84  SER n 
1 85  VAL n 
1 86  SER n 
1 87  ALA n 
1 88  GLU n 
1 89  PHE n 
1 90  GLN n 
1 91  HIS n 
1 92  LYS n 
1 93  ARG n 
1 94  THR n 
1 95  LEU n 
1 96  THR n 
1 97  SER n 
1 98  ASP n 
1 99  THR n 
1 100 LYS n 
1 101 LEU n 
1 102 ALA n 
1 103 GLY n 
1 104 PHE n 
1 105 LEU n 
1 106 LYS n 
1 107 HIS n 
1 108 TYR n 
1 109 ASN n 
1 110 SER n 
1 111 VAL n 
1 112 TRP n 
1 113 THR n 
1 114 PHE n 
1 115 HIS n 
1 116 GLY n 
1 117 GLU n 
1 118 THR n 
1 119 PRO n 
1 120 HIS n 
1 121 ALA n 
1 122 THR n 
1 123 THR n 
1 124 ASP n 
1 125 TYR n 
1 126 SER n 
1 127 SER n 
1 128 THR n 
1 129 SER n 
1 130 ASN n 
1 131 LEU n 
1 132 SER n 
1 133 GLU n 
1 134 VAL n 
1 135 GLU n 
1 136 THR n 
1 137 THR n 
1 138 ILE n 
1 139 HIS n 
1 140 VAL n 
1 141 GLU n 
1 142 PHE n 
1 143 TYR n 
1 144 ILE n 
1 145 ILE n 
1 146 PRO n 
1 147 ARG n 
1 148 SER n 
1 149 GLN n 
1 150 GLU n 
1 151 SER n 
1 152 LYS n 
1 153 CYS n 
1 154 VAL n 
1 155 GLU n 
1 156 TYR n 
1 157 ILE n 
1 158 ASN n 
1 159 THR n 
1 160 GLY n 
1 161 LEU n 
# 
_entity_src_gen.entity_id                          1 
_entity_src_gen.pdbx_src_id                        1 
_entity_src_gen.pdbx_alt_source_flag               sample 
_entity_src_gen.pdbx_seq_type                      'Biological sequence' 
_entity_src_gen.pdbx_beg_seq_num                   1 
_entity_src_gen.pdbx_end_seq_num                   161 
_entity_src_gen.gene_src_common_name               ? 
_entity_src_gen.gene_src_genus                     ? 
_entity_src_gen.pdbx_gene_src_gene                 ? 
_entity_src_gen.gene_src_species                   ? 
_entity_src_gen.gene_src_strain                    ? 
_entity_src_gen.gene_src_tissue                    ? 
_entity_src_gen.gene_src_tissue_fraction           ? 
_entity_src_gen.gene_src_details                   ? 
_entity_src_gen.pdbx_gene_src_fragment             ? 
_entity_src_gen.pdbx_gene_src_scientific_name      'Human rotavirus A' 
_entity_src_gen.pdbx_gene_src_ncbi_taxonomy_id     10941 
_entity_src_gen.pdbx_gene_src_variant              ? 
_entity_src_gen.pdbx_gene_src_cell_line            ? 
_entity_src_gen.pdbx_gene_src_atcc                 ? 
_entity_src_gen.pdbx_gene_src_organ                ? 
_entity_src_gen.pdbx_gene_src_organelle            ? 
_entity_src_gen.pdbx_gene_src_cell                 ? 
_entity_src_gen.pdbx_gene_src_cellular_location    ? 
_entity_src_gen.host_org_common_name               ? 
_entity_src_gen.pdbx_host_org_scientific_name      'Escherichia coli BL21(DE3)' 
_entity_src_gen.pdbx_host_org_ncbi_taxonomy_id     469008 
_entity_src_gen.host_org_genus                     ? 
_entity_src_gen.pdbx_host_org_gene                 ? 
_entity_src_gen.pdbx_host_org_organ                ? 
_entity_src_gen.host_org_species                   ? 
_entity_src_gen.pdbx_host_org_tissue               ? 
_entity_src_gen.pdbx_host_org_tissue_fraction      ? 
_entity_src_gen.pdbx_host_org_strain               ? 
_entity_src_gen.pdbx_host_org_variant              ? 
_entity_src_gen.pdbx_host_org_cell_line            ? 
_entity_src_gen.pdbx_host_org_atcc                 ? 
_entity_src_gen.pdbx_host_org_culture_collection   ? 
_entity_src_gen.pdbx_host_org_cell                 ? 
_entity_src_gen.pdbx_host_org_organelle            ? 
_entity_src_gen.pdbx_host_org_cellular_location    ? 
_entity_src_gen.pdbx_host_org_vector_type          ? 
_entity_src_gen.pdbx_host_org_vector               ? 
_entity_src_gen.host_org_details                   ? 
_entity_src_gen.expression_system_id               ? 
_entity_src_gen.plasmid_name                       ? 
_entity_src_gen.plasmid_details                    ? 
_entity_src_gen.pdbx_description                   ? 
# 
_struct_ref.id                         1 
_struct_ref.db_name                    UNP 
_struct_ref.db_code                    D7F7M7_9REOV 
_struct_ref.pdbx_db_accession          D7F7M7 
_struct_ref.pdbx_db_isoform            ? 
_struct_ref.entity_id                  1 
_struct_ref.pdbx_seq_one_letter_code   
;LDGPYQSTSFKPPSDYWILLNPTNQQVVLEGTNKTDIWVALLLVEPNVTNQSRQYTLFGETKQITVENNTNKWKFFEMFR
SSVSAEFQHKRTLTSDTKLAGFLKHYNSVWTFHGETPHATTDYSSTSNLSEVETTIHVEFYIIPRSQESKCVEYINTGL
;
_struct_ref.pdbx_align_begin           65 
# 
_struct_ref_seq.align_id                      1 
_struct_ref_seq.ref_id                        1 
_struct_ref_seq.pdbx_PDB_id_code              5VX9 
_struct_ref_seq.pdbx_strand_id                A 
_struct_ref_seq.seq_align_beg                 3 
_struct_ref_seq.pdbx_seq_align_beg_ins_code   ? 
_struct_ref_seq.seq_align_end                 161 
_struct_ref_seq.pdbx_seq_align_end_ins_code   ? 
_struct_ref_seq.pdbx_db_accession             D7F7M7 
_struct_ref_seq.db_align_beg                  65 
_struct_ref_seq.pdbx_db_align_beg_ins_code    ? 
_struct_ref_seq.db_align_end                  223 
_struct_ref_seq.pdbx_db_align_end_ins_code    ? 
_struct_ref_seq.pdbx_auth_seq_align_beg       65 
_struct_ref_seq.pdbx_auth_seq_align_end       223 
# 
loop_
_struct_ref_seq_dif.align_id 
_struct_ref_seq_dif.pdbx_pdb_id_code 
_struct_ref_seq_dif.mon_id 
_struct_ref_seq_dif.pdbx_pdb_strand_id 
_struct_ref_seq_dif.seq_num 
_struct_ref_seq_dif.pdbx_pdb_ins_code 
_struct_ref_seq_dif.pdbx_seq_db_name 
_struct_ref_seq_dif.pdbx_seq_db_accession_code 
_struct_ref_seq_dif.db_mon_id 
_struct_ref_seq_dif.pdbx_seq_db_seq_num 
_struct_ref_seq_dif.details 
_struct_ref_seq_dif.pdbx_auth_seq_num 
_struct_ref_seq_dif.pdbx_ordinal 
1 5VX9 GLY A 1 ? UNP D7F7M7 ? ? 'expression tag' 63 1 
1 5VX9 SER A 2 ? UNP D7F7M7 ? ? 'expression tag' 64 2 
# 
loop_
_chem_comp.id 
_chem_comp.type 
_chem_comp.mon_nstd_flag 
_chem_comp.name 
_chem_comp.pdbx_synonyms 
_chem_comp.formula 
_chem_comp.formula_weight 
ALA 'L-peptide linking'           y ALANINE                                  ? 'C3 H7 N O2'     89.093  
ARG 'L-peptide linking'           y ARGININE                                 ? 'C6 H15 N4 O2 1' 175.209 
ASN 'L-peptide linking'           y ASPARAGINE                               ? 'C4 H8 N2 O3'    132.118 
ASP 'L-peptide linking'           y 'ASPARTIC ACID'                          ? 'C4 H7 N O4'     133.103 
BGC 'D-saccharide, beta linking'  . beta-D-glucopyranose                     'beta-D-glucose; D-glucose; glucose' 'C6 H12 O6'      
180.156 
CYS 'L-peptide linking'           y CYSTEINE                                 ? 'C3 H7 N O2 S'   121.158 
FUC 'L-saccharide, alpha linking' . alpha-L-fucopyranose                     
'alpha-L-fucose; 6-deoxy-alpha-L-galactopyranose; L-fucose; fucose' 'C6 H12 O5'      164.156 
GAL 'D-saccharide, beta linking'  . beta-D-galactopyranose                   'beta-D-galactose; D-galactose; galactose' 
'C6 H12 O6'      180.156 
GLN 'L-peptide linking'           y GLUTAMINE                                ? 'C5 H10 N2 O3'   146.144 
GLU 'L-peptide linking'           y 'GLUTAMIC ACID'                          ? 'C5 H9 N O4'     147.129 
GLY 'peptide linking'             y GLYCINE                                  ? 'C2 H5 N O2'     75.067  
HIS 'L-peptide linking'           y HISTIDINE                                ? 'C6 H10 N3 O2 1' 156.162 
HOH non-polymer                   . WATER                                    ? 'H2 O'           18.015  
ILE 'L-peptide linking'           y ISOLEUCINE                               ? 'C6 H13 N O2'    131.173 
LEU 'L-peptide linking'           y LEUCINE                                  ? 'C6 H13 N O2'    131.173 
LYS 'L-peptide linking'           y LYSINE                                   ? 'C6 H15 N2 O2 1' 147.195 
MET 'L-peptide linking'           y METHIONINE                               ? 'C5 H11 N O2 S'  149.211 
NAG 'D-saccharide, beta linking'  . 2-acetamido-2-deoxy-beta-D-glucopyranose 
;N-acetyl-beta-D-glucosamine; 2-acetamido-2-deoxy-beta-D-glucose; 2-acetamido-2-deoxy-D-glucose; 2-acetamido-2-deoxy-glucose; N-ACETYL-D-GLUCOSAMINE
;
'C8 H15 N O6'    221.208 
PHE 'L-peptide linking'           y PHENYLALANINE                            ? 'C9 H11 N O2'    165.189 
PRO 'L-peptide linking'           y PROLINE                                  ? 'C5 H9 N O2'     115.130 
SER 'L-peptide linking'           y SERINE                                   ? 'C3 H7 N O3'     105.093 
SO4 non-polymer                   . 'SULFATE ION'                            ? 'O4 S -2'        96.063  
THR 'L-peptide linking'           y THREONINE                                ? 'C4 H9 N O3'     119.119 
TRP 'L-peptide linking'           y TRYPTOPHAN                               ? 'C11 H12 N2 O2'  204.225 
TYR 'L-peptide linking'           y TYROSINE                                 ? 'C9 H11 N O3'    181.189 
VAL 'L-peptide linking'           y VALINE                                   ? 'C5 H11 N O2'    117.146 
# 
_exptl.absorpt_coefficient_mu     ? 
_exptl.absorpt_correction_T_max   ? 
_exptl.absorpt_correction_T_min   ? 
_exptl.absorpt_correction_type    ? 
_exptl.absorpt_process_details    ? 
_exptl.entry_id                   5VX9 
_exptl.crystals_number            1 
_exptl.details                    ? 
_exptl.method                     'X-RAY DIFFRACTION' 
_exptl.method_details             ? 
# 
_exptl_crystal.colour                      ? 
_exptl_crystal.density_diffrn              ? 
_exptl_crystal.density_Matthews            2.00 
_exptl_crystal.density_method              ? 
_exptl_crystal.density_percent_sol         38.54 
_exptl_crystal.description                 ? 
_exptl_crystal.F_000                       ? 
_exptl_crystal.id                          1 
_exptl_crystal.preparation                 ? 
_exptl_crystal.size_max                    ? 
_exptl_crystal.size_mid                    ? 
_exptl_crystal.size_min                    ? 
_exptl_crystal.size_rad                    ? 
_exptl_crystal.colour_lustre               ? 
_exptl_crystal.colour_modifier             ? 
_exptl_crystal.colour_primary              ? 
_exptl_crystal.density_meas                ? 
_exptl_crystal.density_meas_esd            ? 
_exptl_crystal.density_meas_gt             ? 
_exptl_crystal.density_meas_lt             ? 
_exptl_crystal.density_meas_temp           ? 
_exptl_crystal.density_meas_temp_esd       ? 
_exptl_crystal.density_meas_temp_gt        ? 
_exptl_crystal.density_meas_temp_lt        ? 
_exptl_crystal.pdbx_crystal_image_url      ? 
_exptl_crystal.pdbx_crystal_image_format   ? 
_exptl_crystal.pdbx_mosaicity              ? 
_exptl_crystal.pdbx_mosaicity_esd          ? 
# 
_exptl_crystal_grow.apparatus       ? 
_exptl_crystal_grow.atmosphere      ? 
_exptl_crystal_grow.crystal_id      1 
_exptl_crystal_grow.details         ? 
_exptl_crystal_grow.method          'VAPOR DIFFUSION, SITTING DROP' 
_exptl_crystal_grow.method_ref      ? 
_exptl_crystal_grow.pH              8.5 
_exptl_crystal_grow.pressure        ? 
_exptl_crystal_grow.pressure_esd    ? 
_exptl_crystal_grow.seeding         ? 
_exptl_crystal_grow.seeding_ref     ? 
_exptl_crystal_grow.temp            293 
_exptl_crystal_grow.temp_details    ? 
_exptl_crystal_grow.temp_esd        ? 
_exptl_crystal_grow.time            ? 
_exptl_crystal_grow.pdbx_details    '2.0 M ammonium sulfate, 0.1 M Tris, pH 8.5' 
_exptl_crystal_grow.pdbx_pH_range   ? 
# 
_diffrn.ambient_environment    ? 
_diffrn.ambient_temp           100 
_diffrn.ambient_temp_details   ? 
_diffrn.ambient_temp_esd       ? 
_diffrn.crystal_id             1 
_diffrn.crystal_support        ? 
_diffrn.crystal_treatment      ? 
_diffrn.details                ? 
_diffrn.id                     1 
_diffrn.ambient_pressure       ? 
_diffrn.ambient_pressure_esd   ? 
_diffrn.ambient_pressure_gt    ? 
_diffrn.ambient_pressure_lt    ? 
_diffrn.ambient_temp_gt        ? 
_diffrn.ambient_temp_lt        ? 
# 
_diffrn_detector.details                      ? 
_diffrn_detector.detector                     CCD 
_diffrn_detector.diffrn_id                    1 
_diffrn_detector.type                         'DECTRIS PILATUS3 S 6M' 
_diffrn_detector.area_resol_mean              ? 
_diffrn_detector.dtime                        ? 
_diffrn_detector.pdbx_frames_total            ? 
_diffrn_detector.pdbx_collection_time_total   ? 
_diffrn_detector.pdbx_collection_date         2015-12-12 
# 
_diffrn_radiation.collimation                      ? 
_diffrn_radiation.diffrn_id                        1 
_diffrn_radiation.filter_edge                      ? 
_diffrn_radiation.inhomogeneity                    ? 
_diffrn_radiation.monochromator                    ? 
_diffrn_radiation.polarisn_norm                    ? 
_diffrn_radiation.polarisn_ratio                   ? 
_diffrn_radiation.probe                            ? 
_diffrn_radiation.type                             ? 
_diffrn_radiation.xray_symbol                      ? 
_diffrn_radiation.wavelength_id                    1 
_diffrn_radiation.pdbx_monochromatic_or_laue_m_l   M 
_diffrn_radiation.pdbx_wavelength_list             ? 
_diffrn_radiation.pdbx_wavelength                  ? 
_diffrn_radiation.pdbx_diffrn_protocol             'SINGLE WAVELENGTH' 
_diffrn_radiation.pdbx_analyzer                    ? 
_diffrn_radiation.pdbx_scattering_type             x-ray 
# 
_diffrn_radiation_wavelength.id           1 
_diffrn_radiation_wavelength.wavelength   1.0 
_diffrn_radiation_wavelength.wt           1.0 
# 
_diffrn_source.current                     ? 
_diffrn_source.details                     ? 
_diffrn_source.diffrn_id                   1 
_diffrn_source.power                       ? 
_diffrn_source.size                        ? 
_diffrn_source.source                      SYNCHROTRON 
_diffrn_source.target                      ? 
_diffrn_source.type                        'APS BEAMLINE 17-ID' 
_diffrn_source.voltage                     ? 
_diffrn_source.take-off_angle              ? 
_diffrn_source.pdbx_wavelength_list        1.0 
_diffrn_source.pdbx_wavelength             ? 
_diffrn_source.pdbx_synchrotron_beamline   17-ID 
_diffrn_source.pdbx_synchrotron_site       APS 
# 
_reflns.B_iso_Wilson_estimate            ? 
_reflns.entry_id                         5VX9 
_reflns.data_reduction_details           ? 
_reflns.data_reduction_method            ? 
_reflns.d_resolution_high                1.822 
_reflns.d_resolution_low                 31.74 
_reflns.details                          ? 
_reflns.limit_h_max                      ? 
_reflns.limit_h_min                      ? 
_reflns.limit_k_max                      ? 
_reflns.limit_k_min                      ? 
_reflns.limit_l_max                      ? 
_reflns.limit_l_min                      ? 
_reflns.number_all                       ? 
_reflns.number_obs                       13693 
_reflns.observed_criterion               ? 
_reflns.observed_criterion_F_max         ? 
_reflns.observed_criterion_F_min         ? 
_reflns.observed_criterion_I_max         ? 
_reflns.observed_criterion_I_min         ? 
_reflns.observed_criterion_sigma_F       ? 
_reflns.observed_criterion_sigma_I       ? 
_reflns.percent_possible_obs             98.8 
_reflns.R_free_details                   ? 
_reflns.Rmerge_F_all                     ? 
_reflns.Rmerge_F_obs                     ? 
_reflns.Friedel_coverage                 ? 
_reflns.number_gt                        ? 
_reflns.threshold_expression             ? 
_reflns.pdbx_redundancy                  1.9 
_reflns.pdbx_Rmerge_I_obs                0.091 
_reflns.pdbx_Rmerge_I_all                ? 
_reflns.pdbx_Rsym_value                  ? 
_reflns.pdbx_netI_over_av_sigmaI         ? 
_reflns.pdbx_netI_over_sigmaI            11.62 
_reflns.pdbx_res_netI_over_av_sigmaI_2   ? 
_reflns.pdbx_res_netI_over_sigmaI_2      ? 
_reflns.pdbx_chi_squared                 ? 
_reflns.pdbx_scaling_rejects             ? 
_reflns.pdbx_d_res_high_opt              ? 
_reflns.pdbx_d_res_low_opt               ? 
_reflns.pdbx_d_res_opt_method            ? 
_reflns.phase_calculation_details        ? 
_reflns.pdbx_Rrim_I_all                  ? 
_reflns.pdbx_Rpim_I_all                  0.046 
_reflns.pdbx_d_opt                       ? 
_reflns.pdbx_number_measured_all         ? 
_reflns.pdbx_diffrn_id                   1 
_reflns.pdbx_ordinal                     1 
_reflns.pdbx_CC_half                     0.993 
_reflns.pdbx_R_split                     ? 
# 
_reflns_shell.d_res_high                  1.822 
_reflns_shell.d_res_low                   ? 
_reflns_shell.meanI_over_sigI_all         ? 
_reflns_shell.meanI_over_sigI_obs         ? 
_reflns_shell.number_measured_all         ? 
_reflns_shell.number_measured_obs         ? 
_reflns_shell.number_possible             ? 
_reflns_shell.number_unique_all           ? 
_reflns_shell.number_unique_obs           ? 
_reflns_shell.percent_possible_all        ? 
_reflns_shell.percent_possible_obs        ? 
_reflns_shell.Rmerge_F_all                ? 
_reflns_shell.Rmerge_F_obs                ? 
_reflns_shell.Rmerge_I_all                ? 
_reflns_shell.Rmerge_I_obs                0.183 
_reflns_shell.meanI_over_sigI_gt          ? 
_reflns_shell.meanI_over_uI_all           ? 
_reflns_shell.meanI_over_uI_gt            ? 
_reflns_shell.number_measured_gt          ? 
_reflns_shell.number_unique_gt            ? 
_reflns_shell.percent_possible_gt         ? 
_reflns_shell.Rmerge_F_gt                 ? 
_reflns_shell.Rmerge_I_gt                 ? 
_reflns_shell.pdbx_redundancy             ? 
_reflns_shell.pdbx_Rsym_value             ? 
_reflns_shell.pdbx_chi_squared            ? 
_reflns_shell.pdbx_netI_over_sigmaI_all   ? 
_reflns_shell.pdbx_netI_over_sigmaI_obs   ? 
_reflns_shell.pdbx_Rrim_I_all             ? 
_reflns_shell.pdbx_Rpim_I_all             0.091 
_reflns_shell.pdbx_rejects                ? 
_reflns_shell.pdbx_ordinal                1 
_reflns_shell.pdbx_diffrn_id              1 
_reflns_shell.pdbx_CC_half                0.962 
_reflns_shell.pdbx_R_split                ? 
# 
_refine.aniso_B[1][1]                            ? 
_refine.aniso_B[1][2]                            ? 
_refine.aniso_B[1][3]                            ? 
_refine.aniso_B[2][2]                            ? 
_refine.aniso_B[2][3]                            ? 
_refine.aniso_B[3][3]                            ? 
_refine.B_iso_max                                ? 
_refine.B_iso_mean                               ? 
_refine.B_iso_min                                ? 
_refine.correlation_coeff_Fo_to_Fc               ? 
_refine.correlation_coeff_Fo_to_Fc_free          ? 
_refine.details                                  ? 
_refine.diff_density_max                         ? 
_refine.diff_density_max_esd                     ? 
_refine.diff_density_min                         ? 
_refine.diff_density_min_esd                     ? 
_refine.diff_density_rms                         ? 
_refine.diff_density_rms_esd                     ? 
_refine.entry_id                                 5VX9 
_refine.pdbx_refine_id                           'X-RAY DIFFRACTION' 
_refine.ls_abs_structure_details                 ? 
_refine.ls_abs_structure_Flack                   ? 
_refine.ls_abs_structure_Flack_esd               ? 
_refine.ls_abs_structure_Rogers                  ? 
_refine.ls_abs_structure_Rogers_esd              ? 
_refine.ls_d_res_high                            1.822 
_refine.ls_d_res_low                             31.74 
_refine.ls_extinction_coef                       ? 
_refine.ls_extinction_coef_esd                   ? 
_refine.ls_extinction_expression                 ? 
_refine.ls_extinction_method                     ? 
_refine.ls_goodness_of_fit_all                   ? 
_refine.ls_goodness_of_fit_all_esd               ? 
_refine.ls_goodness_of_fit_obs                   ? 
_refine.ls_goodness_of_fit_obs_esd               ? 
_refine.ls_hydrogen_treatment                    ? 
_refine.ls_matrix_type                           ? 
_refine.ls_number_constraints                    ? 
_refine.ls_number_parameters                     ? 
_refine.ls_number_reflns_all                     ? 
_refine.ls_number_reflns_obs                     13692 
_refine.ls_number_reflns_R_free                  684 
_refine.ls_number_reflns_R_work                  ? 
_refine.ls_number_restraints                     ? 
_refine.ls_percent_reflns_obs                    98.05 
_refine.ls_percent_reflns_R_free                 4.88 
_refine.ls_R_factor_all                          ? 
_refine.ls_R_factor_obs                          0.1459 
_refine.ls_R_factor_R_free                       0.1994 
_refine.ls_R_factor_R_free_error                 ? 
_refine.ls_R_factor_R_free_error_details         ? 
_refine.ls_R_factor_R_work                       0.1432 
_refine.ls_R_Fsqd_factor_obs                     ? 
_refine.ls_R_I_factor_obs                        ? 
_refine.ls_redundancy_reflns_all                 ? 
_refine.ls_redundancy_reflns_obs                 ? 
_refine.ls_restrained_S_all                      ? 
_refine.ls_restrained_S_obs                      ? 
_refine.ls_shift_over_esd_max                    ? 
_refine.ls_shift_over_esd_mean                   ? 
_refine.ls_structure_factor_coef                 ? 
_refine.ls_weighting_details                     ? 
_refine.ls_weighting_scheme                      ? 
_refine.ls_wR_factor_all                         ? 
_refine.ls_wR_factor_obs                         ? 
_refine.ls_wR_factor_R_free                      ? 
_refine.ls_wR_factor_R_work                      ? 
_refine.occupancy_max                            ? 
_refine.occupancy_min                            ? 
_refine.solvent_model_details                    ? 
_refine.solvent_model_param_bsol                 ? 
_refine.solvent_model_param_ksol                 ? 
_refine.ls_R_factor_gt                           ? 
_refine.ls_goodness_of_fit_gt                    ? 
_refine.ls_goodness_of_fit_ref                   ? 
_refine.ls_shift_over_su_max                     ? 
_refine.ls_shift_over_su_max_lt                  ? 
_refine.ls_shift_over_su_mean                    ? 
_refine.ls_shift_over_su_mean_lt                 ? 
_refine.pdbx_ls_sigma_I                          ? 
_refine.pdbx_ls_sigma_F                          1.19 
_refine.pdbx_ls_sigma_Fsqd                       ? 
_refine.pdbx_data_cutoff_high_absF               ? 
_refine.pdbx_data_cutoff_high_rms_absF           ? 
_refine.pdbx_data_cutoff_low_absF                ? 
_refine.pdbx_isotropic_thermal_model             ? 
_refine.pdbx_ls_cross_valid_method               'FREE R-VALUE' 
_refine.pdbx_method_to_determine_struct          'MOLECULAR REPLACEMENT' 
_refine.pdbx_starting_model                      'PDB entry 2AEN' 
_refine.pdbx_stereochemistry_target_values       ? 
_refine.pdbx_R_Free_selection_details            ? 
_refine.pdbx_stereochem_target_val_spec_case     ? 
_refine.pdbx_overall_ESU_R                       ? 
_refine.pdbx_overall_ESU_R_Free                  ? 
_refine.pdbx_solvent_vdw_probe_radii             1.11 
_refine.pdbx_solvent_ion_probe_radii             ? 
_refine.pdbx_solvent_shrinkage_radii             0.90 
_refine.pdbx_real_space_R                        ? 
_refine.pdbx_density_correlation                 ? 
_refine.pdbx_pd_number_of_powder_patterns        ? 
_refine.pdbx_pd_number_of_points                 ? 
_refine.pdbx_pd_meas_number_of_points            ? 
_refine.pdbx_pd_proc_ls_prof_R_factor            ? 
_refine.pdbx_pd_proc_ls_prof_wR_factor           ? 
_refine.pdbx_pd_Marquardt_correlation_coeff      ? 
_refine.pdbx_pd_Fsqrd_R_factor                   ? 
_refine.pdbx_pd_ls_matrix_band_width             ? 
_refine.pdbx_overall_phase_error                 16.99 
_refine.pdbx_overall_SU_R_free_Cruickshank_DPI   ? 
_refine.pdbx_overall_SU_R_free_Blow_DPI          ? 
_refine.pdbx_overall_SU_R_Blow_DPI               ? 
_refine.pdbx_TLS_residual_ADP_flag               ? 
_refine.pdbx_diffrn_id                           1 
_refine.overall_SU_B                             ? 
_refine.overall_SU_ML                            0.18 
_refine.overall_SU_R_Cruickshank_DPI             ? 
_refine.overall_SU_R_free                        ? 
_refine.overall_FOM_free_R_set                   ? 
_refine.overall_FOM_work_R_set                   ? 
_refine.pdbx_average_fsc_overall                 ? 
_refine.pdbx_average_fsc_work                    ? 
_refine.pdbx_average_fsc_free                    ? 
# 
_refine_hist.pdbx_refine_id                   'X-RAY DIFFRACTION' 
_refine_hist.cycle_id                         LAST 
_refine_hist.pdbx_number_atoms_protein        1306 
_refine_hist.pdbx_number_atoms_nucleic_acid   0 
_refine_hist.pdbx_number_atoms_ligand         68 
_refine_hist.number_atoms_solvent             194 
_refine_hist.number_atoms_total               1568 
_refine_hist.d_res_high                       1.822 
_refine_hist.d_res_low                        31.74 
# 
loop_
_refine_ls_restr.pdbx_refine_id 
_refine_ls_restr.criterion 
_refine_ls_restr.dev_ideal 
_refine_ls_restr.dev_ideal_target 
_refine_ls_restr.number 
_refine_ls_restr.rejects 
_refine_ls_restr.type 
_refine_ls_restr.weight 
_refine_ls_restr.pdbx_restraint_function 
'X-RAY DIFFRACTION' ? 0.007  ? 1420 ? f_bond_d           ? ? 
'X-RAY DIFFRACTION' ? 1.094  ? 1945 ? f_angle_d          ? ? 
'X-RAY DIFFRACTION' ? 13.077 ? 610  ? f_dihedral_angle_d ? ? 
'X-RAY DIFFRACTION' ? 0.052  ? 231  ? f_chiral_restr     ? ? 
'X-RAY DIFFRACTION' ? 0.004  ? 235  ? f_plane_restr      ? ? 
# 
loop_
_refine_ls_shell.pdbx_refine_id 
_refine_ls_shell.d_res_high 
_refine_ls_shell.d_res_low 
_refine_ls_shell.number_reflns_all 
_refine_ls_shell.number_reflns_obs 
_refine_ls_shell.number_reflns_R_free 
_refine_ls_shell.number_reflns_R_work 
_refine_ls_shell.percent_reflns_obs 
_refine_ls_shell.percent_reflns_R_free 
_refine_ls_shell.R_factor_all 
_refine_ls_shell.R_factor_obs 
_refine_ls_shell.R_factor_R_free 
_refine_ls_shell.R_factor_R_free_error 
_refine_ls_shell.R_factor_R_work 
_refine_ls_shell.redundancy_reflns_all 
_refine_ls_shell.redundancy_reflns_obs 
_refine_ls_shell.wR_factor_all 
_refine_ls_shell.wR_factor_obs 
_refine_ls_shell.wR_factor_R_free 
_refine_ls_shell.wR_factor_R_work 
_refine_ls_shell.pdbx_total_number_of_bins_used 
_refine_ls_shell.pdbx_phase_error 
_refine_ls_shell.pdbx_fsc_work 
_refine_ls_shell.pdbx_fsc_free 
'X-RAY DIFFRACTION' 1.8220 1.8950  . . 130 2660 98.00 . . . 0.2318 . 0.1600 . . . . . . . . . . 
'X-RAY DIFFRACTION' 1.8950 1.9812  . . 178 2613 98.00 . . . 0.2845 . 0.1524 . . . . . . . . . . 
'X-RAY DIFFRACTION' 1.9812 2.0857  . . 144 2640 98.00 . . . 0.2177 . 0.1459 . . . . . . . . . . 
'X-RAY DIFFRACTION' 2.0857 2.2163  . . 139 2669 99.00 . . . 0.2020 . 0.1377 . . . . . . . . . . 
'X-RAY DIFFRACTION' 2.2163 2.3874  . . 117 2650 98.00 . . . 0.2112 . 0.1455 . . . . . . . . . . 
'X-RAY DIFFRACTION' 2.3874 2.6276  . . 133 2636 97.00 . . . 0.2175 . 0.1523 . . . . . . . . . . 
'X-RAY DIFFRACTION' 2.6276 3.0076  . . 138 2682 99.00 . . . 0.1945 . 0.1543 . . . . . . . . . . 
'X-RAY DIFFRACTION' 3.0076 3.7884  . . 119 2659 98.00 . . . 0.2013 . 0.1330 . . . . . . . . . . 
'X-RAY DIFFRACTION' 3.7884 34.0890 . . 128 2669 98.00 . . . 0.1397 . 0.1336 . . . . . . . . . . 
# 
_struct.entry_id                     5VX9 
_struct.title                        'VP8* of P[6] Human Rotavirus RV3 in complex with LNFP1' 
_struct.pdbx_model_details           ? 
_struct.pdbx_formula_weight          ? 
_struct.pdbx_formula_weight_method   ? 
_struct.pdbx_model_type_details      ? 
_struct.pdbx_CASP_flag               N 
# 
_struct_keywords.entry_id        5VX9 
_struct_keywords.text            'Glycan, HBGA, rotavirus, VIRAL PROTEIN' 
_struct_keywords.pdbx_keywords   'VIRAL PROTEIN' 
# 
loop_
_struct_asym.id 
_struct_asym.pdbx_blank_PDB_chainid_flag 
_struct_asym.pdbx_modified 
_struct_asym.entity_id 
_struct_asym.details 
A N N 1 ? 
B N N 2 ? 
C N N 3 ? 
D N N 3 ? 
E N N 4 ? 
# 
loop_
_struct_conf.conf_type_id 
_struct_conf.id 
_struct_conf.pdbx_PDB_helix_id 
_struct_conf.beg_label_comp_id 
_struct_conf.beg_label_asym_id 
_struct_conf.beg_label_seq_id 
_struct_conf.pdbx_beg_PDB_ins_code 
_struct_conf.end_label_comp_id 
_struct_conf.end_label_asym_id 
_struct_conf.end_label_seq_id 
_struct_conf.pdbx_end_PDB_ins_code 
_struct_conf.beg_auth_comp_id 
_struct_conf.beg_auth_asym_id 
_struct_conf.beg_auth_seq_id 
_struct_conf.end_auth_comp_id 
_struct_conf.end_auth_asym_id 
_struct_conf.end_auth_seq_id 
_struct_conf.pdbx_PDB_helix_class 
_struct_conf.details 
_struct_conf.pdbx_PDB_helix_length 
HELX_P HELX_P1 AA1 ASN A 130 ? VAL A 134 ? ASN A 192 VAL A 196 5 ? 5  
HELX_P HELX_P2 AA2 GLN A 149 ? GLY A 160 ? GLN A 211 GLY A 222 1 ? 12 
# 
_struct_conf_type.id          HELX_P 
_struct_conf_type.criteria    ? 
_struct_conf_type.reference   ? 
# 
loop_
_struct_conn.id 
_struct_conn.conn_type_id 
_struct_conn.pdbx_leaving_atom_flag 
_struct_conn.pdbx_PDB_id 
_struct_conn.ptnr1_label_asym_id 
_struct_conn.ptnr1_label_comp_id 
_struct_conn.ptnr1_label_seq_id 
_struct_conn.ptnr1_label_atom_id 
_struct_conn.pdbx_ptnr1_label_alt_id 
_struct_conn.pdbx_ptnr1_PDB_ins_code 
_struct_conn.pdbx_ptnr1_standard_comp_id 
_struct_conn.ptnr1_symmetry 
_struct_conn.ptnr2_label_asym_id 
_struct_conn.ptnr2_label_comp_id 
_struct_conn.ptnr2_label_seq_id 
_struct_conn.ptnr2_label_atom_id 
_struct_conn.pdbx_ptnr2_label_alt_id 
_struct_conn.pdbx_ptnr2_PDB_ins_code 
_struct_conn.ptnr1_auth_asym_id 
_struct_conn.ptnr1_auth_comp_id 
_struct_conn.ptnr1_auth_seq_id 
_struct_conn.ptnr2_auth_asym_id 
_struct_conn.ptnr2_auth_comp_id 
_struct_conn.ptnr2_auth_seq_id 
_struct_conn.ptnr2_symmetry 
_struct_conn.pdbx_ptnr3_label_atom_id 
_struct_conn.pdbx_ptnr3_label_seq_id 
_struct_conn.pdbx_ptnr3_label_comp_id 
_struct_conn.pdbx_ptnr3_label_asym_id 
_struct_conn.pdbx_ptnr3_label_alt_id 
_struct_conn.pdbx_ptnr3_PDB_ins_code 
_struct_conn.details 
_struct_conn.pdbx_dist_value 
_struct_conn.pdbx_value_order 
_struct_conn.pdbx_role 
covale1 covale both ? B BGC . O4 ? ? ? 1_555 B GAL . C1 ? ? B BGC 1 B GAL 2 1_555 ? ? ? ? ? ? ? 1.420 ? ? 
covale2 covale both ? B GAL . O3 ? ? ? 1_555 B NAG . C1 ? ? B GAL 2 B NAG 3 1_555 ? ? ? ? ? ? ? 1.411 ? ? 
covale3 covale both ? B NAG . O3 ? ? ? 1_555 B GAL . C1 ? ? B NAG 3 B GAL 4 1_555 ? ? ? ? ? ? ? 1.432 ? ? 
covale4 covale both ? B GAL . O2 ? ? ? 1_555 B FUC . C1 ? ? B GAL 4 B FUC 5 1_555 ? ? ? ? ? ? ? 1.436 ? ? 
# 
_struct_conn_type.id          covale 
_struct_conn_type.criteria    ? 
_struct_conn_type.reference   ? 
# 
loop_
_struct_mon_prot_cis.pdbx_id 
_struct_mon_prot_cis.label_comp_id 
_struct_mon_prot_cis.label_seq_id 
_struct_mon_prot_cis.label_asym_id 
_struct_mon_prot_cis.label_alt_id 
_struct_mon_prot_cis.pdbx_PDB_ins_code 
_struct_mon_prot_cis.auth_comp_id 
_struct_mon_prot_cis.auth_seq_id 
_struct_mon_prot_cis.auth_asym_id 
_struct_mon_prot_cis.pdbx_label_comp_id_2 
_struct_mon_prot_cis.pdbx_label_seq_id_2 
_struct_mon_prot_cis.pdbx_label_asym_id_2 
_struct_mon_prot_cis.pdbx_PDB_ins_code_2 
_struct_mon_prot_cis.pdbx_auth_comp_id_2 
_struct_mon_prot_cis.pdbx_auth_seq_id_2 
_struct_mon_prot_cis.pdbx_auth_asym_id_2 
_struct_mon_prot_cis.pdbx_PDB_model_num 
_struct_mon_prot_cis.pdbx_omega_angle 
1 GLY 5   A . ? GLY 67  A PRO 6   A ? PRO 68  A 1 6.27 
2 THR 118 A . ? THR 180 A PRO 119 A ? PRO 181 A 1 3.52 
# 
loop_
_struct_sheet.id 
_struct_sheet.type 
_struct_sheet.number_strands 
_struct_sheet.details 
AA1 ? 11 ? 
AA2 ? 6  ? 
AA3 ? 2  ? 
# 
loop_
_struct_sheet_order.sheet_id 
_struct_sheet_order.range_id_1 
_struct_sheet_order.range_id_2 
_struct_sheet_order.offset 
_struct_sheet_order.sense 
AA1 1  2  ? anti-parallel 
AA1 2  3  ? anti-parallel 
AA1 3  4  ? anti-parallel 
AA1 4  5  ? anti-parallel 
AA1 5  6  ? parallel      
AA1 6  7  ? anti-parallel 
AA1 7  8  ? anti-parallel 
AA1 8  9  ? anti-parallel 
AA1 9  10 ? anti-parallel 
AA1 10 11 ? anti-parallel 
AA2 1  2  ? anti-parallel 
AA2 2  3  ? anti-parallel 
AA2 3  4  ? anti-parallel 
AA2 4  5  ? anti-parallel 
AA2 5  6  ? anti-parallel 
AA3 1  2  ? anti-parallel 
# 
loop_
_struct_sheet_range.sheet_id 
_struct_sheet_range.id 
_struct_sheet_range.beg_label_comp_id 
_struct_sheet_range.beg_label_asym_id 
_struct_sheet_range.beg_label_seq_id 
_struct_sheet_range.pdbx_beg_PDB_ins_code 
_struct_sheet_range.end_label_comp_id 
_struct_sheet_range.end_label_asym_id 
_struct_sheet_range.end_label_seq_id 
_struct_sheet_range.pdbx_end_PDB_ins_code 
_struct_sheet_range.beg_auth_comp_id 
_struct_sheet_range.beg_auth_asym_id 
_struct_sheet_range.beg_auth_seq_id 
_struct_sheet_range.end_auth_comp_id 
_struct_sheet_range.end_auth_asym_id 
_struct_sheet_range.end_auth_seq_id 
AA1 1  ASP A 4   ? TYR A 7   ? ASP A 66  TYR A 69  
AA1 2  GLU A 141 ? PRO A 146 ? GLU A 203 PRO A 208 
AA1 3  TYR A 18  ? ASN A 23  ? TYR A 80  ASN A 85  
AA1 4  ALA A 102 ? HIS A 107 ? ALA A 164 HIS A 169 
AA1 5  SER A 110 ? GLU A 117 ? SER A 172 GLU A 179 
AA1 6  GLN A 90  ? SER A 97  ? GLN A 152 SER A 159 
AA1 7  TRP A 75  ? ARG A 82  ? TRP A 137 ARG A 144 
AA1 8  TRP A 40  ? VAL A 46  ? TRP A 102 VAL A 108 
AA1 9  VAL A 29  ? THR A 34  ? VAL A 91  THR A 96  
AA1 10 GLU A 135 ? ILE A 138 ? GLU A 197 ILE A 200 
AA1 11 THR A 10  ? PHE A 12  ? THR A 72  PHE A 74  
AA2 1  ASP A 4   ? TYR A 7   ? ASP A 66  TYR A 69  
AA2 2  GLU A 141 ? PRO A 146 ? GLU A 203 PRO A 208 
AA2 3  TYR A 18  ? ASN A 23  ? TYR A 80  ASN A 85  
AA2 4  ALA A 102 ? HIS A 107 ? ALA A 164 HIS A 169 
AA2 5  SER A 110 ? GLU A 117 ? SER A 172 GLU A 179 
AA2 6  THR A 122 ? SER A 127 ? THR A 184 SER A 189 
AA3 1  VAL A 50  ? LEU A 59  ? VAL A 112 LEU A 121 
AA3 2  GLU A 62  ? ASN A 70  ? GLU A 124 ASN A 132 
# 
loop_
_pdbx_struct_sheet_hbond.sheet_id 
_pdbx_struct_sheet_hbond.range_id_1 
_pdbx_struct_sheet_hbond.range_id_2 
_pdbx_struct_sheet_hbond.range_1_label_atom_id 
_pdbx_struct_sheet_hbond.range_1_label_comp_id 
_pdbx_struct_sheet_hbond.range_1_label_asym_id 
_pdbx_struct_sheet_hbond.range_1_label_seq_id 
_pdbx_struct_sheet_hbond.range_1_PDB_ins_code 
_pdbx_struct_sheet_hbond.range_1_auth_atom_id 
_pdbx_struct_sheet_hbond.range_1_auth_comp_id 
_pdbx_struct_sheet_hbond.range_1_auth_asym_id 
_pdbx_struct_sheet_hbond.range_1_auth_seq_id 
_pdbx_struct_sheet_hbond.range_2_label_atom_id 
_pdbx_struct_sheet_hbond.range_2_label_comp_id 
_pdbx_struct_sheet_hbond.range_2_label_asym_id 
_pdbx_struct_sheet_hbond.range_2_label_seq_id 
_pdbx_struct_sheet_hbond.range_2_PDB_ins_code 
_pdbx_struct_sheet_hbond.range_2_auth_atom_id 
_pdbx_struct_sheet_hbond.range_2_auth_comp_id 
_pdbx_struct_sheet_hbond.range_2_auth_asym_id 
_pdbx_struct_sheet_hbond.range_2_auth_seq_id 
AA1 1  2  N TYR A 7   ? N TYR A 69  O PHE A 142 ? O PHE A 204 
AA1 2  3  O ILE A 145 ? O ILE A 207 N TRP A 19  ? N TRP A 81  
AA1 3  4  N LEU A 22  ? N LEU A 84  O ALA A 102 ? O ALA A 164 
AA1 4  5  N LEU A 105 ? N LEU A 167 O TRP A 112 ? O TRP A 174 
AA1 5  6  O GLY A 116 ? O GLY A 178 N THR A 96  ? N THR A 158 
AA1 6  7  O SER A 97  ? O SER A 159 N TRP A 75  ? N TRP A 137 
AA1 7  8  O MET A 80  ? O MET A 142 N ALA A 42  ? N ALA A 104 
AA1 8  9  O VAL A 41  ? O VAL A 103 N GLY A 33  ? N GLY A 95  
AA1 9  10 N GLU A 32  ? N GLU A 94  O THR A 137 ? O THR A 199 
AA1 10 11 O ILE A 138 ? O ILE A 200 N THR A 10  ? N THR A 72  
AA2 1  2  N TYR A 7   ? N TYR A 69  O PHE A 142 ? O PHE A 204 
AA2 2  3  O ILE A 145 ? O ILE A 207 N TRP A 19  ? N TRP A 81  
AA2 3  4  N LEU A 22  ? N LEU A 84  O ALA A 102 ? O ALA A 164 
AA2 4  5  N LEU A 105 ? N LEU A 167 O TRP A 112 ? O TRP A 174 
AA2 5  6  N HIS A 115 ? N HIS A 177 O THR A 122 ? O THR A 184 
AA3 1  2  N TYR A 57  ? N TYR A 119 O LYS A 64  ? O LYS A 126 
# 
_atom_sites.entry_id                    5VX9 
_atom_sites.fract_transf_matrix[1][1]   -0.00473365 
_atom_sites.fract_transf_matrix[1][2]   -0.02697648 
_atom_sites.fract_transf_matrix[1][3]   -0.00027274 
_atom_sites.fract_transf_matrix[2][1]   0.00120766 
_atom_sites.fract_transf_matrix[2][2]   0.00002494 
_atom_sites.fract_transf_matrix[2][3]   -0.02342688 
_atom_sites.fract_transf_matrix[3][1]   0.01034656 
_atom_sites.fract_transf_matrix[3][2]   -0.00182092 
_atom_sites.fract_transf_matrix[3][3]   0.00053143 
_atom_sites.fract_transf_vector[1]      0.632491 
_atom_sites.fract_transf_vector[2]      0.947927 
_atom_sites.fract_transf_vector[3]      0.122150 
# 
loop_
_atom_type.symbol 
C 
N 
O 
S 
# 
loop_
_atom_site.group_PDB 
_atom_site.id 
_atom_site.type_symbol 
_atom_site.label_atom_id 
_atom_site.label_alt_id 
_atom_site.label_comp_id 
_atom_site.label_asym_id 
_atom_site.label_entity_id 
_atom_site.label_seq_id 
_atom_site.pdbx_PDB_ins_code 
_atom_site.Cartn_x 
_atom_site.Cartn_y 
_atom_site.Cartn_z 
_atom_site.occupancy 
_atom_site.B_iso_or_equiv 
_atom_site.pdbx_formal_charge 
_atom_site.auth_seq_id 
_atom_site.auth_comp_id 
_atom_site.auth_asym_id 
_atom_site.auth_atom_id 
_atom_site.pdbx_PDB_model_num 
ATOM   1    N N   . GLY A 1 1   ? -2.501  -23.226 8.875   1.00 14.80 ? 63  GLY A N   1 
ATOM   2    C CA  . GLY A 1 1   ? -3.126  -23.086 7.573   1.00 15.09 ? 63  GLY A CA  1 
ATOM   3    C C   . GLY A 1 1   ? -2.101  -22.796 6.496   1.00 15.05 ? 63  GLY A C   1 
ATOM   4    O O   . GLY A 1 1   ? -0.907  -23.044 6.672   1.00 12.69 ? 63  GLY A O   1 
ATOM   5    N N   . SER A 1 2   ? -2.568  -22.284 5.367   1.00 12.30 ? 64  SER A N   1 
ATOM   6    C CA  . SER A 1 2   ? -1.679  -21.995 4.251   1.00 10.94 ? 64  SER A CA  1 
ATOM   7    C C   . SER A 1 2   ? -1.817  -20.541 3.829   1.00 16.22 ? 64  SER A C   1 
ATOM   8    O O   . SER A 1 2   ? -2.845  -19.898 4.056   1.00 10.35 ? 64  SER A O   1 
ATOM   9    C CB  . SER A 1 2   ? -1.975  -22.914 3.069   1.00 14.75 ? 64  SER A CB  1 
ATOM   10   O OG  . SER A 1 2   ? -3.205  -22.554 2.457   1.00 18.21 ? 64  SER A OG  1 
ATOM   11   N N   . LEU A 1 3   ? -0.765  -20.040 3.204   1.00 9.29  ? 65  LEU A N   1 
ATOM   12   C CA  . LEU A 1 3   ? -0.721  -18.681 2.714   1.00 9.96  ? 65  LEU A CA  1 
ATOM   13   C C   . LEU A 1 3   ? -0.050  -18.701 1.341   1.00 10.40 ? 65  LEU A C   1 
ATOM   14   O O   . LEU A 1 3   ? 1.084   -19.139 1.209   1.00 10.31 ? 65  LEU A O   1 
ATOM   15   C CB  . LEU A 1 3   ? 0.046   -17.798 3.709   1.00 12.15 ? 65  LEU A CB  1 
ATOM   16   C CG  . LEU A 1 3   ? 0.213   -16.313 3.420   1.00 12.81 ? 65  LEU A CG  1 
ATOM   17   C CD1 . LEU A 1 3   ? -1.159  -15.662 3.305   1.00 11.79 ? 65  LEU A CD1 1 
ATOM   18   C CD2 . LEU A 1 3   ? 1.038   -15.665 4.525   1.00 19.56 ? 65  LEU A CD2 1 
ATOM   19   N N   . ASP A 1 4   ? -0.779  -18.257 0.322   1.00 7.28  ? 66  ASP A N   1 
ATOM   20   C CA  . ASP A 1 4   ? -0.296  -18.211 -1.055  1.00 6.09  ? 66  ASP A CA  1 
ATOM   21   C C   . ASP A 1 4   ? 0.876   -17.230 -1.219  1.00 11.18 ? 66  ASP A C   1 
ATOM   22   O O   . ASP A 1 4   ? 0.670   -16.022 -1.208  1.00 11.39 ? 66  ASP A O   1 
ATOM   23   C CB  . ASP A 1 4   ? -1.470  -17.809 -1.952  1.00 13.00 ? 66  ASP A CB  1 
ATOM   24   C CG  . ASP A 1 4   ? -1.221  -18.046 -3.418  1.00 20.92 ? 66  ASP A CG  1 
ATOM   25   O OD1 . ASP A 1 4   ? -0.055  -18.204 -3.825  1.00 21.68 ? 66  ASP A OD1 1 
ATOM   26   O OD2 . ASP A 1 4   ? -2.224  -18.063 -4.173  1.00 27.07 ? 66  ASP A OD2 1 
ATOM   27   N N   . GLY A 1 5   ? 2.091   -17.753 -1.384  1.00 8.20  ? 67  GLY A N   1 
ATOM   28   C CA  . GLY A 1 5   ? 3.295   -16.936 -1.480  1.00 7.37  ? 67  GLY A CA  1 
ATOM   29   C C   . GLY A 1 5   ? 4.450   -17.462 -0.628  1.00 7.59  ? 67  GLY A C   1 
ATOM   30   O O   . GLY A 1 5   ? 4.336   -18.501 0.026   1.00 8.36  ? 67  GLY A O   1 
ATOM   31   N N   . PRO A 1 6   ? 5.568   -16.724 -0.570  1.00 10.07 ? 68  PRO A N   1 
ATOM   32   C CA  . PRO A 1 6   ? 5.795   -15.387 -1.129  1.00 12.34 ? 68  PRO A CA  1 
ATOM   33   C C   . PRO A 1 6   ? 5.997   -15.363 -2.644  1.00 15.62 ? 68  PRO A C   1 
ATOM   34   O O   . PRO A 1 6   ? 6.480   -16.320 -3.265  1.00 13.43 ? 68  PRO A O   1 
ATOM   35   C CB  . PRO A 1 6   ? 7.069   -14.920 -0.409  1.00 11.48 ? 68  PRO A CB  1 
ATOM   36   C CG  . PRO A 1 6   ? 7.817   -16.188 -0.107  1.00 15.92 ? 68  PRO A CG  1 
ATOM   37   C CD  . PRO A 1 6   ? 6.735   -17.215 0.194   1.00 11.66 ? 68  PRO A CD  1 
ATOM   38   N N   . TYR A 1 7   ? 5.578   -14.250 -3.230  1.00 9.42  ? 69  TYR A N   1 
ATOM   39   C CA  . TYR A 1 7   ? 5.915   -13.901 -4.609  1.00 11.12 ? 69  TYR A CA  1 
ATOM   40   C C   . TYR A 1 7   ? 6.981   -12.820 -4.570  1.00 10.38 ? 69  TYR A C   1 
ATOM   41   O O   . TYR A 1 7   ? 6.964   -11.984 -3.672  1.00 8.38  ? 69  TYR A O   1 
ATOM   42   C CB  . TYR A 1 7   ? 4.692   -13.392 -5.365  1.00 8.62  ? 69  TYR A CB  1 
ATOM   43   C CG  . TYR A 1 7   ? 3.589   -14.410 -5.549  1.00 18.11 ? 69  TYR A CG  1 
ATOM   44   C CD1 . TYR A 1 7   ? 2.649   -14.641 -4.547  1.00 10.41 ? 69  TYR A CD1 1 
ATOM   45   C CD2 . TYR A 1 7   ? 3.468   -15.116 -6.741  1.00 16.43 ? 69  TYR A CD2 1 
ATOM   46   C CE1 . TYR A 1 7   ? 1.639   -15.575 -4.717  1.00 20.75 ? 69  TYR A CE1 1 
ATOM   47   C CE2 . TYR A 1 7   ? 2.453   -16.056 -6.919  1.00 21.69 ? 69  TYR A CE2 1 
ATOM   48   C CZ  . TYR A 1 7   ? 1.543   -16.276 -5.905  1.00 20.63 ? 69  TYR A CZ  1 
ATOM   49   O OH  . TYR A 1 7   ? 0.536   -17.200 -6.081  1.00 23.86 ? 69  TYR A OH  1 
ATOM   50   N N   . GLN A 1 8   ? 7.903   -12.830 -5.530  1.00 10.64 ? 70  GLN A N   1 
ATOM   51   C CA  . GLN A 1 8   ? 8.928   -11.788 -5.585  1.00 13.77 ? 70  GLN A CA  1 
ATOM   52   C C   . GLN A 1 8   ? 8.375   -10.513 -6.203  1.00 10.93 ? 70  GLN A C   1 
ATOM   53   O O   . GLN A 1 8   ? 7.355   -10.550 -6.897  1.00 14.70 ? 70  GLN A O   1 
ATOM   54   C CB  . GLN A 1 8   ? 10.147  -12.273 -6.371  1.00 15.66 ? 70  GLN A CB  1 
ATOM   55   C CG  . GLN A 1 8   ? 10.843  -13.446 -5.706  1.00 17.18 ? 70  GLN A CG  1 
ATOM   56   C CD  . GLN A 1 8   ? 11.181  -13.174 -4.243  1.00 30.59 ? 70  GLN A CD  1 
ATOM   57   O OE1 . GLN A 1 8   ? 11.924  -12.239 -3.926  1.00 30.75 ? 70  GLN A OE1 1 
ATOM   58   N NE2 . GLN A 1 8   ? 10.617  -13.980 -3.344  1.00 25.24 ? 70  GLN A NE2 1 
ATOM   59   N N   . SER A 1 9   ? 9.059   -9.394  -5.966  1.00 11.98 ? 71  SER A N   1 
ATOM   60   C CA  . SER A 1 9   ? 8.613   -8.102  -6.484  1.00 11.56 ? 71  SER A CA  1 
ATOM   61   C C   . SER A 1 9   ? 8.400   -8.207  -7.993  1.00 12.26 ? 71  SER A C   1 
ATOM   62   O O   . SER A 1 9   ? 9.105   -8.950  -8.674  1.00 11.88 ? 71  SER A O   1 
ATOM   63   C CB  . SER A 1 9   ? 9.618   -6.990  -6.136  1.00 14.87 ? 71  SER A CB  1 
ATOM   64   O OG  . SER A 1 9   ? 10.879  -7.192  -6.736  1.00 24.36 ? 71  SER A OG  1 
ATOM   65   N N   . THR A 1 10  ? 7.401   -7.502  -8.505  1.00 14.11 ? 72  THR A N   1 
ATOM   66   C CA  . THR A 1 10  ? 7.021   -7.640  -9.907  1.00 13.26 ? 72  THR A CA  1 
ATOM   67   C C   . THR A 1 10  ? 5.980   -6.602  -10.278 1.00 16.85 ? 72  THR A C   1 
ATOM   68   O O   . THR A 1 10  ? 5.514   -5.846  -9.423  1.00 16.42 ? 72  THR A O   1 
ATOM   69   C CB  . THR A 1 10  ? 6.465   -9.053  -10.223 1.00 18.96 ? 72  THR A CB  1 
ATOM   70   O OG1 . THR A 1 10  ? 6.448   -9.258  -11.639 1.00 18.22 ? 72  THR A OG1 1 
ATOM   71   C CG2 . THR A 1 10  ? 5.049   -9.228  -9.668  1.00 17.68 ? 72  THR A CG2 1 
ATOM   72   N N   . SER A 1 11  ? 5.633   -6.570  -11.560 1.00 12.85 ? 73  SER A N   1 
ATOM   73   C CA  . SER A 1 11  ? 4.562   -5.721  -12.074 1.00 13.64 ? 73  SER A CA  1 
ATOM   74   C C   . SER A 1 11  ? 3.478   -6.579  -12.710 1.00 19.01 ? 73  SER A C   1 
ATOM   75   O O   . SER A 1 11  ? 3.773   -7.363  -13.607 1.00 14.08 ? 73  SER A O   1 
ATOM   76   C CB  . SER A 1 11  ? 5.101   -4.741  -13.115 1.00 20.95 ? 73  SER A CB  1 
ATOM   77   O OG  . SER A 1 11  ? 6.148   -3.942  -12.591 1.00 34.91 ? 73  SER A OG  1 
ATOM   78   N N   . PHE A 1 12  ? 2.233   -6.434  -12.260 1.00 12.94 ? 74  PHE A N   1 
ATOM   79   C CA  . PHE A 1 12  ? 1.125   -7.186  -12.848 1.00 12.48 ? 74  PHE A CA  1 
ATOM   80   C C   . PHE A 1 12  ? -0.230  -6.621  -12.428 1.00 14.78 ? 74  PHE A C   1 
ATOM   81   O O   . PHE A 1 12  ? -0.308  -5.757  -11.554 1.00 13.93 ? 74  PHE A O   1 
ATOM   82   C CB  . PHE A 1 12  ? 1.233   -8.677  -12.477 1.00 13.94 ? 74  PHE A CB  1 
ATOM   83   C CG  . PHE A 1 12  ? 0.689   -9.028  -11.112 1.00 17.28 ? 74  PHE A CG  1 
ATOM   84   C CD1 . PHE A 1 12  ? -0.309  -9.990  -10.978 1.00 18.94 ? 74  PHE A CD1 1 
ATOM   85   C CD2 . PHE A 1 12  ? 1.175   -8.419  -9.971  1.00 14.58 ? 74  PHE A CD2 1 
ATOM   86   C CE1 . PHE A 1 12  ? -0.810  -10.334 -9.732  1.00 21.92 ? 74  PHE A CE1 1 
ATOM   87   C CE2 . PHE A 1 12  ? 0.671   -8.755  -8.719  1.00 12.41 ? 74  PHE A CE2 1 
ATOM   88   C CZ  . PHE A 1 12  ? -0.316  -9.724  -8.604  1.00 17.30 ? 74  PHE A CZ  1 
ATOM   89   N N   . LYS A 1 13  ? -1.292  -7.090  -13.081 1.00 15.28 ? 75  LYS A N   1 
ATOM   90   C CA  . LYS A 1 13  ? -2.651  -6.683  -12.729 1.00 11.89 ? 75  LYS A CA  1 
ATOM   91   C C   . LYS A 1 13  ? -3.261  -7.721  -11.809 1.00 15.31 ? 75  LYS A C   1 
ATOM   92   O O   . LYS A 1 13  ? -3.606  -8.799  -12.271 1.00 12.69 ? 75  LYS A O   1 
ATOM   93   C CB  . LYS A 1 13  ? -3.524  -6.523  -13.984 1.00 15.14 ? 75  LYS A CB  1 
ATOM   94   C CG  . LYS A 1 13  ? -3.168  -5.331  -14.834 1.00 17.53 ? 75  LYS A CG  1 
ATOM   95   C CD  . LYS A 1 13  ? -4.233  -5.075  -15.887 1.00 20.27 ? 75  LYS A CD  1 
ATOM   96   C CE  . LYS A 1 13  ? -3.615  -4.481  -17.147 1.00 27.26 ? 75  LYS A CE  1 
ATOM   97   N NZ  . LYS A 1 13  ? -2.596  -3.436  -16.835 1.00 35.49 ? 75  LYS A NZ  1 
ATOM   98   N N   . PRO A 1 14  ? -3.393  -7.409  -10.505 1.00 10.46 ? 76  PRO A N   1 
ATOM   99   C CA  . PRO A 1 14  ? -3.925  -8.427  -9.597  1.00 12.63 ? 76  PRO A CA  1 
ATOM   100  C C   . PRO A 1 14  ? -5.374  -8.710  -9.937  1.00 13.03 ? 76  PRO A C   1 
ATOM   101  O O   . PRO A 1 14  ? -6.087  -7.790  -10.307 1.00 10.88 ? 76  PRO A O   1 
ATOM   102  C CB  . PRO A 1 14  ? -3.812  -7.782  -8.211  1.00 14.79 ? 76  PRO A CB  1 
ATOM   103  C CG  . PRO A 1 14  ? -2.915  -6.597  -8.388  1.00 16.14 ? 76  PRO A CG  1 
ATOM   104  C CD  . PRO A 1 14  ? -3.064  -6.158  -9.805  1.00 12.95 ? 76  PRO A CD  1 
ATOM   105  N N   . PRO A 1 15  ? -5.805  -9.965  -9.810  1.00 14.08 ? 77  PRO A N   1 
ATOM   106  C CA  . PRO A 1 15  ? -7.226  -10.230 -10.019 1.00 12.73 ? 77  PRO A CA  1 
ATOM   107  C C   . PRO A 1 15  ? -8.046  -9.563  -8.927  1.00 9.50  ? 77  PRO A C   1 
ATOM   108  O O   . PRO A 1 15  ? -7.571  -9.391  -7.806  1.00 10.79 ? 77  PRO A O   1 
ATOM   109  C CB  . PRO A 1 15  ? -7.322  -11.750 -9.916  1.00 12.51 ? 77  PRO A CB  1 
ATOM   110  C CG  . PRO A 1 15  ? -6.167  -12.123 -9.034  1.00 19.45 ? 77  PRO A CG  1 
ATOM   111  C CD  . PRO A 1 15  ? -5.067  -11.163 -9.379  1.00 17.46 ? 77  PRO A CD  1 
ATOM   112  N N   . SER A 1 16  ? -9.280  -9.213  -9.252  1.00 7.20  ? 78  SER A N   1 
ATOM   113  C CA  . SER A 1 16  ? -10.217 -8.746  -8.246  1.00 8.12  ? 78  SER A CA  1 
ATOM   114  C C   . SER A 1 16  ? -10.438 -9.822  -7.196  1.00 11.79 ? 78  SER A C   1 
ATOM   115  O O   . SER A 1 16  ? -10.298 -11.012 -7.489  1.00 7.99  ? 78  SER A O   1 
ATOM   116  C CB  . SER A 1 16  ? -11.551 -8.367  -8.896  1.00 12.99 ? 78  SER A CB  1 
ATOM   117  O OG  . SER A 1 16  ? -11.359 -7.284  -9.784  1.00 23.24 ? 78  SER A OG  1 
ATOM   118  N N   . ASP A 1 17  ? -10.779 -9.375  -5.986  1.00 6.87  ? 79  ASP A N   1 
ATOM   119  C CA  . ASP A 1 17  ? -11.185 -10.217 -4.867  1.00 7.87  ? 79  ASP A CA  1 
ATOM   120  C C   . ASP A 1 17  ? -10.030 -11.010 -4.278  1.00 6.63  ? 79  ASP A C   1 
ATOM   121  O O   . ASP A 1 17  ? -10.236 -12.022 -3.617  1.00 7.87  ? 79  ASP A O   1 
ATOM   122  C CB  . ASP A 1 17  ? -12.346 -11.141 -5.280  1.00 8.85  ? 79  ASP A CB  1 
ATOM   123  C CG  . ASP A 1 17  ? -13.643 -10.373 -5.483  1.00 16.32 ? 79  ASP A CG  1 
ATOM   124  O OD1 . ASP A 1 17  ? -13.592 -9.125  -5.437  1.00 19.65 ? 79  ASP A OD1 1 
ATOM   125  O OD2 . ASP A 1 17  ? -14.709 -10.996 -5.708  1.00 16.44 ? 79  ASP A OD2 1 
ATOM   126  N N   . TYR A 1 18  ? -8.809  -10.514 -4.482  1.00 7.61  ? 80  TYR A N   1 
ATOM   127  C CA  . TYR A 1 18  ? -7.633  -11.071 -3.808  1.00 6.06  ? 80  TYR A CA  1 
ATOM   128  C C   . TYR A 1 18  ? -6.836  -9.964  -3.133  1.00 6.34  ? 80  TYR A C   1 
ATOM   129  O O   . TYR A 1 18  ? -6.433  -9.006  -3.790  1.00 6.60  ? 80  TYR A O   1 
ATOM   130  C CB  . TYR A 1 18  ? -6.738  -11.844 -4.796  1.00 7.47  ? 80  TYR A CB  1 
ATOM   131  C CG  . TYR A 1 18  ? -7.278  -13.223 -5.071  1.00 7.16  ? 80  TYR A CG  1 
ATOM   132  C CD1 . TYR A 1 18  ? -6.898  -14.310 -4.288  1.00 10.82 ? 80  TYR A CD1 1 
ATOM   133  C CD2 . TYR A 1 18  ? -8.217  -13.430 -6.074  1.00 12.75 ? 80  TYR A CD2 1 
ATOM   134  C CE1 . TYR A 1 18  ? -7.419  -15.573 -4.524  1.00 12.62 ? 80  TYR A CE1 1 
ATOM   135  C CE2 . TYR A 1 18  ? -8.740  -14.673 -6.312  1.00 16.90 ? 80  TYR A CE2 1 
ATOM   136  C CZ  . TYR A 1 18  ? -8.346  -15.741 -5.534  1.00 21.08 ? 80  TYR A CZ  1 
ATOM   137  O OH  . TYR A 1 18  ? -8.888  -16.977 -5.786  1.00 15.23 ? 80  TYR A OH  1 
ATOM   138  N N   . TRP A 1 19  ? -6.640  -10.076 -1.821  1.00 5.43  ? 81  TRP A N   1 
ATOM   139  C CA  . TRP A 1 19  ? -5.742  -9.154  -1.126  1.00 5.64  ? 81  TRP A CA  1 
ATOM   140  C C   . TRP A 1 19  ? -4.295  -9.427  -1.490  1.00 8.04  ? 81  TRP A C   1 
ATOM   141  O O   . TRP A 1 19  ? -3.869  -10.587 -1.551  1.00 6.58  ? 81  TRP A O   1 
ATOM   142  C CB  . TRP A 1 19  ? -5.891  -9.258  0.402   1.00 2.77  ? 81  TRP A CB  1 
ATOM   143  C CG  . TRP A 1 19  ? -7.060  -8.482  0.947   1.00 4.72  ? 81  TRP A CG  1 
ATOM   144  C CD1 . TRP A 1 19  ? -8.290  -8.976  1.284   1.00 9.08  ? 81  TRP A CD1 1 
ATOM   145  C CD2 . TRP A 1 19  ? -7.101  -7.076  1.225   1.00 4.91  ? 81  TRP A CD2 1 
ATOM   146  N NE1 . TRP A 1 19  ? -9.096  -7.960  1.751   1.00 4.44  ? 81  TRP A NE1 1 
ATOM   147  C CE2 . TRP A 1 19  ? -8.388  -6.784  1.719   1.00 5.13  ? 81  TRP A CE2 1 
ATOM   148  C CE3 . TRP A 1 19  ? -6.184  -6.031  1.071   1.00 4.40  ? 81  TRP A CE3 1 
ATOM   149  C CZ2 . TRP A 1 19  ? -8.777  -5.497  2.072   1.00 5.73  ? 81  TRP A CZ2 1 
ATOM   150  C CZ3 . TRP A 1 19  ? -6.572  -4.744  1.438   1.00 8.22  ? 81  TRP A CZ3 1 
ATOM   151  C CH2 . TRP A 1 19  ? -7.857  -4.491  1.926   1.00 6.48  ? 81  TRP A CH2 1 
ATOM   152  N N   . ILE A 1 20  ? -3.546  -8.353  -1.732  1.00 5.36  ? 82  ILE A N   1 
ATOM   153  C CA  . ILE A 1 20  ? -2.085  -8.420  -1.808  1.00 5.47  ? 82  ILE A CA  1 
ATOM   154  C C   . ILE A 1 20  ? -1.538  -8.032  -0.446  1.00 5.32  ? 82  ILE A C   1 
ATOM   155  O O   . ILE A 1 20  ? -1.740  -6.902  -0.010  1.00 4.61  ? 82  ILE A O   1 
ATOM   156  C CB  . ILE A 1 20  ? -1.497  -7.444  -2.861  1.00 7.07  ? 82  ILE A CB  1 
ATOM   157  C CG1 . ILE A 1 20  ? -2.193  -7.576  -4.214  1.00 9.19  ? 82  ILE A CG1 1 
ATOM   158  C CG2 . ILE A 1 20  ? 0.041   -7.552  -2.920  1.00 5.97  ? 82  ILE A CG2 1 
ATOM   159  C CD1 . ILE A 1 20  ? -2.085  -8.898  -4.867  1.00 15.06 ? 82  ILE A CD1 1 
ATOM   160  N N   . LEU A 1 21  ? -0.868  -8.961  0.229   1.00 3.09  ? 83  LEU A N   1 
ATOM   161  C CA  . LEU A 1 21  ? -0.289  -8.725  1.547   1.00 7.37  ? 83  LEU A CA  1 
ATOM   162  C C   . LEU A 1 21  ? 1.188   -8.400  1.366   1.00 8.69  ? 83  LEU A C   1 
ATOM   163  O O   . LEU A 1 21  ? 1.968   -9.244  0.936   1.00 7.32  ? 83  LEU A O   1 
ATOM   164  C CB  . LEU A 1 21  ? -0.456  -9.959  2.457   1.00 4.45  ? 83  LEU A CB  1 
ATOM   165  C CG  . LEU A 1 21  ? 0.062   -9.837  3.898   1.00 5.28  ? 83  LEU A CG  1 
ATOM   166  C CD1 . LEU A 1 21  ? -0.687  -8.743  4.650   1.00 6.70  ? 83  LEU A CD1 1 
ATOM   167  C CD2 . LEU A 1 21  ? -0.070  -11.177 4.652   1.00 7.15  ? 83  LEU A CD2 1 
ATOM   168  N N   . LEU A 1 22  ? 1.565   -7.175  1.698   1.00 5.12  ? 84  LEU A N   1 
ATOM   169  C CA  . LEU A 1 22  ? 2.885   -6.651  1.364   1.00 6.55  ? 84  LEU A CA  1 
ATOM   170  C C   . LEU A 1 22  ? 3.862   -6.805  2.521   1.00 7.96  ? 84  LEU A C   1 
ATOM   171  O O   . LEU A 1 22  ? 3.531   -6.449  3.645   1.00 7.40  ? 84  LEU A O   1 
ATOM   172  C CB  . LEU A 1 22  ? 2.739   -5.178  0.971   1.00 5.95  ? 84  LEU A CB  1 
ATOM   173  C CG  . LEU A 1 22  ? 1.774   -4.954  -0.198  1.00 4.94  ? 84  LEU A CG  1 
ATOM   174  C CD1 . LEU A 1 22  ? 1.145   -3.551  -0.124  1.00 7.41  ? 84  LEU A CD1 1 
ATOM   175  C CD2 . LEU A 1 22  ? 2.527   -5.132  -1.512  1.00 12.00 ? 84  LEU A CD2 1 
ATOM   176  N N   . ASN A 1 23  ? 5.072   -7.300  2.239   1.00 5.95  ? 85  ASN A N   1 
ATOM   177  C CA  . ASN A 1 23  ? 6.021   -7.674  3.283   1.00 6.56  ? 85  ASN A CA  1 
ATOM   178  C C   . ASN A 1 23  ? 7.398   -7.025  3.101   1.00 11.47 ? 85  ASN A C   1 
ATOM   179  O O   . ASN A 1 23  ? 8.388   -7.719  2.842   1.00 9.76  ? 85  ASN A O   1 
ATOM   180  C CB  . ASN A 1 23  ? 6.145   -9.207  3.295   1.00 8.61  ? 85  ASN A CB  1 
ATOM   181  C CG  . ASN A 1 23  ? 6.918   -9.753  4.485   1.00 16.31 ? 85  ASN A CG  1 
ATOM   182  O OD1 . ASN A 1 23  ? 7.038   -9.120  5.538   1.00 16.27 ? 85  ASN A OD1 1 
ATOM   183  N ND2 . ASN A 1 23  ? 7.426   -10.966 4.323   1.00 13.94 ? 85  ASN A ND2 1 
ATOM   184  N N   . PRO A 1 24  ? 7.472   -5.692  3.239   1.00 5.44  ? 86  PRO A N   1 
ATOM   185  C CA  . PRO A 1 24  ? 8.756   -4.992  3.046   1.00 5.74  ? 86  PRO A CA  1 
ATOM   186  C C   . PRO A 1 24  ? 9.818   -5.298  4.113   1.00 8.69  ? 86  PRO A C   1 
ATOM   187  O O   . PRO A 1 24  ? 9.499   -5.702  5.236   1.00 9.75  ? 86  PRO A O   1 
ATOM   188  C CB  . PRO A 1 24  ? 8.358   -3.511  3.107   1.00 9.57  ? 86  PRO A CB  1 
ATOM   189  C CG  . PRO A 1 24  ? 7.103   -3.492  3.923   1.00 8.71  ? 86  PRO A CG  1 
ATOM   190  C CD  . PRO A 1 24  ? 6.373   -4.756  3.534   1.00 6.41  ? 86  PRO A CD  1 
ATOM   191  N N   . THR A 1 25  ? 11.080  -5.136  3.730   1.00 8.50  ? 87  THR A N   1 
ATOM   192  C CA  . THR A 1 25  ? 12.174  -5.106  4.690   1.00 7.95  ? 87  THR A CA  1 
ATOM   193  C C   . THR A 1 25  ? 12.597  -3.640  4.864   1.00 11.84 ? 87  THR A C   1 
ATOM   194  O O   . THR A 1 25  ? 12.224  -3.004  5.850   1.00 16.63 ? 87  THR A O   1 
ATOM   195  C CB  . THR A 1 25  ? 13.363  -5.982  4.238   1.00 16.55 ? 87  THR A CB  1 
ATOM   196  O OG1 . THR A 1 25  ? 13.729  -5.652  2.892   1.00 16.33 ? 87  THR A OG1 1 
ATOM   197  C CG2 . THR A 1 25  ? 12.977  -7.461  4.286   1.00 18.51 ? 87  THR A CG2 1 
ATOM   198  N N   . ASN A 1 26  ? 13.339  -3.092  3.903   1.00 7.61  ? 88  ASN A N   1 
ATOM   199  C CA  . ASN A 1 26  ? 13.759  -1.685  4.017   1.00 9.72  ? 88  ASN A CA  1 
ATOM   200  C C   . ASN A 1 26  ? 13.479  -0.847  2.775   1.00 12.06 ? 88  ASN A C   1 
ATOM   201  O O   . ASN A 1 26  ? 14.022  0.251   2.636   1.00 9.02  ? 88  ASN A O   1 
ATOM   202  C CB  . ASN A 1 26  ? 15.255  -1.592  4.364   1.00 11.62 ? 88  ASN A CB  1 
ATOM   203  C CG  . ASN A 1 26  ? 16.149  -2.103  3.252   1.00 27.45 ? 88  ASN A CG  1 
ATOM   204  O OD1 . ASN A 1 26  ? 15.724  -2.892  2.406   1.00 32.77 ? 88  ASN A OD1 1 
ATOM   205  N ND2 . ASN A 1 26  ? 17.402  -1.654  3.248   1.00 40.01 ? 88  ASN A ND2 1 
ATOM   206  N N   . GLN A 1 27  ? 12.624  -1.351  1.887   1.00 11.19 ? 89  GLN A N   1 
ATOM   207  C CA  . GLN A 1 27  ? 12.213  -0.586  0.707   1.00 10.69 ? 89  GLN A CA  1 
ATOM   208  C C   . GLN A 1 27  ? 11.538  0.721   1.110   1.00 9.95  ? 89  GLN A C   1 
ATOM   209  O O   . GLN A 1 27  ? 10.860  0.784   2.137   1.00 12.01 ? 89  GLN A O   1 
ATOM   210  C CB  . GLN A 1 27  ? 11.256  -1.401  -0.175  1.00 8.60  ? 89  GLN A CB  1 
ATOM   211  C CG  . GLN A 1 27  ? 11.854  -2.659  -0.786  1.00 5.76  ? 89  GLN A CG  1 
ATOM   212  C CD  . GLN A 1 27  ? 11.852  -3.843  0.160   1.00 7.88  ? 89  GLN A CD  1 
ATOM   213  O OE1 . GLN A 1 27  ? 11.387  -3.749  1.300   1.00 10.29 ? 89  GLN A OE1 1 
ATOM   214  N NE2 . GLN A 1 27  ? 12.364  -4.981  -0.317  1.00 13.59 ? 89  GLN A NE2 1 
ATOM   215  N N   . GLN A 1 28  ? 11.728  1.762   0.300   1.00 5.15  ? 90  GLN A N   1 
ATOM   216  C CA  . GLN A 1 28  ? 11.146  3.073   0.585   1.00 8.12  ? 90  GLN A CA  1 
ATOM   217  C C   . GLN A 1 28  ? 9.782   3.235   -0.085  1.00 10.98 ? 90  GLN A C   1 
ATOM   218  O O   . GLN A 1 28  ? 8.832   3.732   0.533   1.00 10.53 ? 90  GLN A O   1 
ATOM   219  C CB  . GLN A 1 28  ? 12.084  4.187   0.120   1.00 6.46  ? 90  GLN A CB  1 
ATOM   220  C CG  . GLN A 1 28  ? 13.479  4.096   0.729   1.00 12.94 ? 90  GLN A CG  1 
ATOM   221  C CD  . GLN A 1 28  ? 13.510  4.514   2.183   1.00 25.55 ? 90  GLN A CD  1 
ATOM   222  O OE1 . GLN A 1 28  ? 13.277  5.679   2.512   1.00 18.34 ? 90  GLN A OE1 1 
ATOM   223  N NE2 . GLN A 1 28  ? 13.790  3.559   3.066   1.00 27.86 ? 90  GLN A NE2 1 
ATOM   224  N N   . VAL A 1 29  ? 9.701   2.834   -1.352  1.00 5.02  ? 91  VAL A N   1 
ATOM   225  C CA  . VAL A 1 29  ? 8.417   2.767   -2.061  1.00 2.51  ? 91  VAL A CA  1 
ATOM   226  C C   . VAL A 1 29  ? 8.012   1.308   -2.069  1.00 8.83  ? 91  VAL A C   1 
ATOM   227  O O   . VAL A 1 29  ? 8.775   0.468   -2.533  1.00 9.38  ? 91  VAL A O   1 
ATOM   228  C CB  . VAL A 1 29  ? 8.495   3.272   -3.520  1.00 9.12  ? 91  VAL A CB  1 
ATOM   229  C CG1 . VAL A 1 29  ? 7.133   3.115   -4.218  1.00 10.41 ? 91  VAL A CG1 1 
ATOM   230  C CG2 . VAL A 1 29  ? 8.948   4.713   -3.567  1.00 6.43  ? 91  VAL A CG2 1 
ATOM   231  N N   . VAL A 1 30  ? 6.831   1.005   -1.546  1.00 3.72  ? 92  VAL A N   1 
ATOM   232  C CA  . VAL A 1 30  ? 6.403   -0.379  -1.374  1.00 4.61  ? 92  VAL A CA  1 
ATOM   233  C C   . VAL A 1 30  ? 5.541   -0.846  -2.540  1.00 8.19  ? 92  VAL A C   1 
ATOM   234  O O   . VAL A 1 30  ? 5.669   -1.975  -3.019  1.00 5.09  ? 92  VAL A O   1 
ATOM   235  C CB  . VAL A 1 30  ? 5.627   -0.526  -0.047  1.00 6.63  ? 92  VAL A CB  1 
ATOM   236  C CG1 . VAL A 1 30  ? 5.107   -1.952  0.141   1.00 8.23  ? 92  VAL A CG1 1 
ATOM   237  C CG2 . VAL A 1 30  ? 6.540   -0.100  1.114   1.00 6.74  ? 92  VAL A CG2 1 
ATOM   238  N N   . LEU A 1 31  ? 4.670   0.041   -3.004  1.00 4.78  ? 93  LEU A N   1 
ATOM   239  C CA  . LEU A 1 31  ? 3.703   -0.305  -4.039  1.00 7.77  ? 93  LEU A CA  1 
ATOM   240  C C   . LEU A 1 31  ? 3.341   0.933   -4.828  1.00 9.88  ? 93  LEU A C   1 
ATOM   241  O O   . LEU A 1 31  ? 3.211   2.008   -4.252  1.00 7.17  ? 93  LEU A O   1 
ATOM   242  C CB  . LEU A 1 31  ? 2.431   -0.929  -3.435  1.00 11.27 ? 93  LEU A CB  1 
ATOM   243  C CG  . LEU A 1 31  ? 1.293   -1.254  -4.422  1.00 10.33 ? 93  LEU A CG  1 
ATOM   244  C CD1 . LEU A 1 31  ? 0.604   -2.562  -4.049  1.00 13.32 ? 93  LEU A CD1 1 
ATOM   245  C CD2 . LEU A 1 31  ? 0.272   -0.123  -4.482  1.00 8.33  ? 93  LEU A CD2 1 
ATOM   246  N N   . GLU A 1 32  ? 3.202   0.765   -6.145  1.00 5.96  ? 94  GLU A N   1 
ATOM   247  C CA  . GLU A 1 32  ? 2.651   1.785   -7.040  1.00 5.11  ? 94  GLU A CA  1 
ATOM   248  C C   . GLU A 1 32  ? 1.492   1.143   -7.776  1.00 8.62  ? 94  GLU A C   1 
ATOM   249  O O   . GLU A 1 32  ? 1.653   0.055   -8.321  1.00 13.16 ? 94  GLU A O   1 
ATOM   250  C CB  . GLU A 1 32  ? 3.673   2.267   -8.066  1.00 8.82  ? 94  GLU A CB  1 
ATOM   251  C CG  . GLU A 1 32  ? 4.985   2.801   -7.522  1.00 18.75 ? 94  GLU A CG  1 
ATOM   252  C CD  . GLU A 1 32  ? 6.021   2.933   -8.632  1.00 26.90 ? 94  GLU A CD  1 
ATOM   253  O OE1 . GLU A 1 32  ? 5.819   3.778   -9.530  1.00 24.41 ? 94  GLU A OE1 1 
ATOM   254  O OE2 . GLU A 1 32  ? 7.023   2.173   -8.622  1.00 19.68 ? 94  GLU A OE2 1 
ATOM   255  N N   . GLY A 1 33  ? 0.336   1.792   -7.816  1.00 5.16  ? 95  GLY A N   1 
ATOM   256  C CA  . GLY A 1 33  ? -0.768  1.225   -8.571  1.00 5.15  ? 95  GLY A CA  1 
ATOM   257  C C   . GLY A 1 33  ? -1.487  2.260   -9.404  1.00 4.53  ? 95  GLY A C   1 
ATOM   258  O O   . GLY A 1 33  ? -1.765  3.342   -8.913  1.00 7.86  ? 95  GLY A O   1 
ATOM   259  N N   . THR A 1 34  ? -1.778  1.951   -10.667 1.00 5.00  ? 96  THR A N   1 
ATOM   260  C CA  . THR A 1 34  ? -2.518  2.909   -11.487 1.00 5.49  ? 96  THR A CA  1 
ATOM   261  C C   . THR A 1 34  ? -3.269  2.226   -12.615 1.00 6.41  ? 96  THR A C   1 
ATOM   262  O O   . THR A 1 34  ? -2.855  1.161   -13.085 1.00 8.38  ? 96  THR A O   1 
ATOM   263  C CB  . THR A 1 34  ? -1.582  3.994   -12.096 1.00 6.92  ? 96  THR A CB  1 
ATOM   264  O OG1 . THR A 1 34  ? -2.367  5.042   -12.696 1.00 8.92  ? 96  THR A OG1 1 
ATOM   265  C CG2 . THR A 1 34  ? -0.639  3.395   -13.150 1.00 7.08  ? 96  THR A CG2 1 
ATOM   266  N N   . ASN A 1 35  ? -4.376  2.840   -13.035 1.00 7.05  ? 97  ASN A N   1 
ATOM   267  C CA  . ASN A 1 35  ? -5.065  2.439   -14.258 1.00 4.58  ? 97  ASN A CA  1 
ATOM   268  C C   . ASN A 1 35  ? -4.912  3.509   -15.348 1.00 10.49 ? 97  ASN A C   1 
ATOM   269  O O   . ASN A 1 35  ? -5.508  3.402   -16.411 1.00 11.96 ? 97  ASN A O   1 
ATOM   270  C CB  . ASN A 1 35  ? -6.552  2.165   -13.983 1.00 6.91  ? 97  ASN A CB  1 
ATOM   271  C CG  . ASN A 1 35  ? -7.258  3.339   -13.314 1.00 11.03 ? 97  ASN A CG  1 
ATOM   272  O OD1 . ASN A 1 35  ? -6.755  4.456   -13.311 1.00 8.68  ? 97  ASN A OD1 1 
ATOM   273  N ND2 . ASN A 1 35  ? -8.434  3.081   -12.739 1.00 5.86  ? 97  ASN A ND2 1 
ATOM   274  N N   . LYS A 1 36  ? -4.115  4.534   -15.063 1.00 7.67  ? 98  LYS A N   1 
ATOM   275  C CA  . LYS A 1 36  ? -3.886  5.649   -15.989 1.00 12.17 ? 98  LYS A CA  1 
ATOM   276  C C   . LYS A 1 36  ? -5.152  6.435   -16.343 1.00 11.90 ? 98  LYS A C   1 
ATOM   277  O O   . LYS A 1 36  ? -5.156  7.205   -17.304 1.00 15.20 ? 98  LYS A O   1 
ATOM   278  C CB  . LYS A 1 36  ? -3.227  5.153   -17.281 1.00 10.79 ? 98  LYS A CB  1 
ATOM   279  C CG  . LYS A 1 36  ? -1.825  4.611   -17.100 1.00 13.55 ? 98  LYS A CG  1 
ATOM   280  C CD  . LYS A 1 36  ? -1.269  4.129   -18.427 1.00 21.27 ? 98  LYS A CD  1 
ATOM   281  C CE  . LYS A 1 36  ? 0.164   3.666   -18.300 1.00 37.90 ? 98  LYS A CE  1 
ATOM   282  N NZ  . LYS A 1 36  ? 0.702   3.242   -19.626 1.00 58.31 ? 98  LYS A NZ  1 
ATOM   283  N N   . THR A 1 37  ? -6.225  6.272   -15.577 1.00 10.21 ? 99  THR A N   1 
ATOM   284  C CA  . THR A 1 37  ? -7.395  7.095   -15.839 1.00 9.64  ? 99  THR A CA  1 
ATOM   285  C C   . THR A 1 37  ? -7.849  7.840   -14.595 1.00 12.50 ? 99  THR A C   1 
ATOM   286  O O   . THR A 1 37  ? -7.968  9.059   -14.630 1.00 12.20 ? 99  THR A O   1 
ATOM   287  C CB  . THR A 1 37  ? -8.584  6.284   -16.402 1.00 10.13 ? 99  THR A CB  1 
ATOM   288  O OG1 . THR A 1 37  ? -8.968  5.260   -15.475 1.00 13.99 ? 99  THR A OG1 1 
ATOM   289  C CG2 . THR A 1 37  ? -8.222  5.666   -17.737 1.00 16.25 ? 99  THR A CG2 1 
ATOM   290  N N   . ASP A 1 38  ? -8.108  7.145   -13.489 1.00 9.86  ? 100 ASP A N   1 
ATOM   291  C CA  . ASP A 1 38  ? -8.529  7.898   -12.306 1.00 7.95  ? 100 ASP A CA  1 
ATOM   292  C C   . ASP A 1 38  ? -7.913  7.438   -10.983 1.00 9.35  ? 100 ASP A C   1 
ATOM   293  O O   . ASP A 1 38  ? -8.252  7.969   -9.925  1.00 10.66 ? 100 ASP A O   1 
ATOM   294  C CB  . ASP A 1 38  ? -10.063 7.899   -12.182 1.00 13.02 ? 100 ASP A CB  1 
ATOM   295  C CG  . ASP A 1 38  ? -10.672 6.505   -12.070 1.00 13.26 ? 100 ASP A CG  1 
ATOM   296  O OD1 . ASP A 1 38  ? -9.947  5.493   -12.007 1.00 14.87 ? 100 ASP A OD1 1 
ATOM   297  O OD2 . ASP A 1 38  ? -11.920 6.424   -12.030 1.00 17.44 ? 100 ASP A OD2 1 
ATOM   298  N N   . ILE A 1 39  ? -7.001  6.477   -11.045 1.00 7.22  ? 101 ILE A N   1 
ATOM   299  C CA  . ILE A 1 39  ? -6.351  5.967   -9.839  1.00 4.31  ? 101 ILE A CA  1 
ATOM   300  C C   . ILE A 1 39  ? -4.836  6.015   -9.996  1.00 4.72  ? 101 ILE A C   1 
ATOM   301  O O   . ILE A 1 39  ? -4.304  5.391   -10.913 1.00 7.21  ? 101 ILE A O   1 
ATOM   302  C CB  . ILE A 1 39  ? -6.765  4.498   -9.538  1.00 3.55  ? 101 ILE A CB  1 
ATOM   303  C CG1 . ILE A 1 39  ? -8.243  4.406   -9.152  1.00 15.08 ? 101 ILE A CG1 1 
ATOM   304  C CG2 . ILE A 1 39  ? -5.881  3.901   -8.442  1.00 11.40 ? 101 ILE A CG2 1 
ATOM   305  C CD1 . ILE A 1 39  ? -8.585  4.956   -7.780  1.00 14.21 ? 101 ILE A CD1 1 
ATOM   306  N N   . TRP A 1 40  ? -4.155  6.775   -9.131  1.00 6.66  ? 102 TRP A N   1 
ATOM   307  C CA  . TRP A 1 40  ? -2.706  6.638   -8.920  1.00 5.00  ? 102 TRP A CA  1 
ATOM   308  C C   . TRP A 1 40  ? -2.500  6.505   -7.422  1.00 6.50  ? 102 TRP A C   1 
ATOM   309  O O   . TRP A 1 40  ? -2.807  7.437   -6.690  1.00 7.96  ? 102 TRP A O   1 
ATOM   310  C CB  . TRP A 1 40  ? -1.907  7.839   -9.434  1.00 5.18  ? 102 TRP A CB  1 
ATOM   311  C CG  . TRP A 1 40  ? -1.718  7.915   -10.911 1.00 5.58  ? 102 TRP A CG  1 
ATOM   312  C CD1 . TRP A 1 40  ? -0.576  7.647   -11.612 1.00 7.00  ? 102 TRP A CD1 1 
ATOM   313  C CD2 . TRP A 1 40  ? -2.696  8.328   -11.879 1.00 6.74  ? 102 TRP A CD2 1 
ATOM   314  N NE1 . TRP A 1 40  ? -0.788  7.853   -12.957 1.00 8.40  ? 102 TRP A NE1 1 
ATOM   315  C CE2 . TRP A 1 40  ? -2.086  8.256   -13.146 1.00 5.74  ? 102 TRP A CE2 1 
ATOM   316  C CE3 . TRP A 1 40  ? -4.034  8.735   -11.793 1.00 10.33 ? 102 TRP A CE3 1 
ATOM   317  C CZ2 . TRP A 1 40  ? -2.768  8.582   -14.326 1.00 7.54  ? 102 TRP A CZ2 1 
ATOM   318  C CZ3 . TRP A 1 40  ? -4.712  9.049   -12.970 1.00 9.30  ? 102 TRP A CZ3 1 
ATOM   319  C CH2 . TRP A 1 40  ? -4.074  8.963   -14.216 1.00 5.37  ? 102 TRP A CH2 1 
ATOM   320  N N   . VAL A 1 41  ? -2.002  5.359   -6.958  1.00 5.42  ? 103 VAL A N   1 
ATOM   321  C CA  . VAL A 1 41  ? -1.808  5.168   -5.524  1.00 3.83  ? 103 VAL A CA  1 
ATOM   322  C C   . VAL A 1 41  ? -0.432  4.570   -5.258  1.00 6.37  ? 103 VAL A C   1 
ATOM   323  O O   . VAL A 1 41  ? 0.037   3.684   -5.978  1.00 7.44  ? 103 VAL A O   1 
ATOM   324  C CB  . VAL A 1 41  ? -2.910  4.260   -4.897  1.00 10.20 ? 103 VAL A CB  1 
ATOM   325  C CG1 . VAL A 1 41  ? -2.936  2.882   -5.562  1.00 10.29 ? 103 VAL A CG1 1 
ATOM   326  C CG2 . VAL A 1 41  ? -2.727  4.147   -3.372  1.00 9.52  ? 103 VAL A CG2 1 
ATOM   327  N N   . ALA A 1 42  ? 0.230   5.094   -4.235  1.00 5.46  ? 104 ALA A N   1 
ATOM   328  C CA  . ALA A 1 42  ? 1.560   4.625   -3.872  1.00 4.89  ? 104 ALA A CA  1 
ATOM   329  C C   . ALA A 1 42  ? 1.648   4.539   -2.358  1.00 6.59  ? 104 ALA A C   1 
ATOM   330  O O   . ALA A 1 42  ? 1.054   5.353   -1.661  1.00 11.69 ? 104 ALA A O   1 
ATOM   331  C CB  . ALA A 1 42  ? 2.620   5.552   -4.423  1.00 7.31  ? 104 ALA A CB  1 
ATOM   332  N N   . LEU A 1 43  ? 2.358   3.532   -1.861  1.00 4.93  ? 105 LEU A N   1 
ATOM   333  C CA  . LEU A 1 43  ? 2.601   3.386   -0.439  1.00 4.35  ? 105 LEU A CA  1 
ATOM   334  C C   . LEU A 1 43  ? 4.087   3.618   -0.145  1.00 6.87  ? 105 LEU A C   1 
ATOM   335  O O   . LEU A 1 43  ? 4.954   2.946   -0.718  1.00 8.99  ? 105 LEU A O   1 
ATOM   336  C CB  . LEU A 1 43  ? 2.167   1.998   0.048   1.00 4.50  ? 105 LEU A CB  1 
ATOM   337  C CG  . LEU A 1 43  ? 0.708   1.610   -0.176  1.00 6.50  ? 105 LEU A CG  1 
ATOM   338  C CD1 . LEU A 1 43  ? 0.432   0.224   0.387   1.00 12.06 ? 105 LEU A CD1 1 
ATOM   339  C CD2 . LEU A 1 43  ? -0.236  2.648   0.453   1.00 10.29 ? 105 LEU A CD2 1 
ATOM   340  N N   . LEU A 1 44  ? 4.370   4.583   0.724   1.00 4.47  ? 106 LEU A N   1 
ATOM   341  C CA  . LEU A 1 44  ? 5.737   4.859   1.179   1.00 4.75  ? 106 LEU A CA  1 
ATOM   342  C C   . LEU A 1 44  ? 5.929   4.320   2.575   1.00 6.77  ? 106 LEU A C   1 
ATOM   343  O O   . LEU A 1 44  ? 5.016   4.392   3.379   1.00 7.29  ? 106 LEU A O   1 
ATOM   344  C CB  . LEU A 1 44  ? 6.024   6.360   1.193   1.00 5.16  ? 106 LEU A CB  1 
ATOM   345  C CG  . LEU A 1 44  ? 5.601   7.225   0.006   1.00 10.60 ? 106 LEU A CG  1 
ATOM   346  C CD1 . LEU A 1 44  ? 6.061   8.664   0.226   1.00 8.09  ? 106 LEU A CD1 1 
ATOM   347  C CD2 . LEU A 1 44  ? 6.159   6.664   -1.293  1.00 8.74  ? 106 LEU A CD2 1 
ATOM   348  N N   . LEU A 1 45  ? 7.118   3.810   2.878   1.00 4.45  ? 107 LEU A N   1 
ATOM   349  C CA  . LEU A 1 45  ? 7.368   3.240   4.197   1.00 3.10  ? 107 LEU A CA  1 
ATOM   350  C C   . LEU A 1 45  ? 8.399   4.071   4.951   1.00 4.52  ? 107 LEU A C   1 
ATOM   351  O O   . LEU A 1 45  ? 9.493   4.319   4.441   1.00 4.94  ? 107 LEU A O   1 
ATOM   352  C CB  . LEU A 1 45  ? 7.844   1.787   4.074   1.00 4.84  ? 107 LEU A CB  1 
ATOM   353  C CG  . LEU A 1 45  ? 8.137   1.058   5.382   1.00 6.80  ? 107 LEU A CG  1 
ATOM   354  C CD1 . LEU A 1 45  ? 6.886   1.013   6.262   1.00 6.79  ? 107 LEU A CD1 1 
ATOM   355  C CD2 . LEU A 1 45  ? 8.635   -0.347  5.077   1.00 10.42 ? 107 LEU A CD2 1 
ATOM   356  N N   . VAL A 1 46  ? 8.037   4.501   6.157   1.00 2.41  ? 108 VAL A N   1 
ATOM   357  C CA  . VAL A 1 46  ? 8.919   5.332   6.981   1.00 3.91  ? 108 VAL A CA  1 
ATOM   358  C C   . VAL A 1 46  ? 9.167   4.667   8.334   1.00 6.24  ? 108 VAL A C   1 
ATOM   359  O O   . VAL A 1 46  ? 8.220   4.281   9.026   1.00 5.11  ? 108 VAL A O   1 
ATOM   360  C CB  . VAL A 1 46  ? 8.321   6.741   7.188   1.00 8.42  ? 108 VAL A CB  1 
ATOM   361  C CG1 . VAL A 1 46  ? 9.270   7.624   8.012   1.00 8.97  ? 108 VAL A CG1 1 
ATOM   362  C CG2 . VAL A 1 46  ? 8.025   7.383   5.829   1.00 8.79  ? 108 VAL A CG2 1 
ATOM   363  N N   . GLU A 1 47  ? 10.444  4.526   8.697   1.00 4.45  ? 109 GLU A N   1 
ATOM   364  C CA  . GLU A 1 47  ? 10.833  3.794   9.893   1.00 6.38  ? 109 GLU A CA  1 
ATOM   365  C C   . GLU A 1 47  ? 10.557  4.621   11.165  1.00 7.39  ? 109 GLU A C   1 
ATOM   366  O O   . GLU A 1 47  ? 10.202  5.802   11.075  1.00 7.00  ? 109 GLU A O   1 
ATOM   367  C CB  . GLU A 1 47  ? 12.318  3.387   9.782   1.00 10.58 ? 109 GLU A CB  1 
ATOM   368  C CG  . GLU A 1 47  ? 13.299  4.532   9.929   1.00 16.05 ? 109 GLU A CG  1 
ATOM   369  C CD  . GLU A 1 47  ? 13.577  5.283   8.633   1.00 22.00 ? 109 GLU A CD  1 
ATOM   370  O OE1 . GLU A 1 47  ? 12.870  5.059   7.625   1.00 17.31 ? 109 GLU A OE1 1 
ATOM   371  O OE2 . GLU A 1 47  ? 14.520  6.102   8.628   1.00 24.08 ? 109 GLU A OE2 1 
ATOM   372  N N   . PRO A 1 48  ? 10.654  3.991   12.354  1.00 5.79  ? 110 PRO A N   1 
ATOM   373  C CA  . PRO A 1 48  ? 10.368  4.727   13.594  1.00 6.48  ? 110 PRO A CA  1 
ATOM   374  C C   . PRO A 1 48  ? 11.311  5.911   13.873  1.00 7.35  ? 110 PRO A C   1 
ATOM   375  O O   . PRO A 1 48  ? 12.466  5.906   13.413  1.00 6.18  ? 110 PRO A O   1 
ATOM   376  C CB  . PRO A 1 48  ? 10.548  3.653   14.677  1.00 9.62  ? 110 PRO A CB  1 
ATOM   377  C CG  . PRO A 1 48  ? 10.261  2.357   13.975  1.00 6.33  ? 110 PRO A CG  1 
ATOM   378  C CD  . PRO A 1 48  ? 10.820  2.542   12.600  1.00 6.22  ? 110 PRO A CD  1 
ATOM   379  N N   . ASN A 1 49  ? 10.800  6.894   14.619  1.00 7.37  ? 111 ASN A N   1 
ATOM   380  C CA  . ASN A 1 49  ? 11.573  8.015   15.152  1.00 9.70  ? 111 ASN A CA  1 
ATOM   381  C C   . ASN A 1 49  ? 12.319  8.827   14.105  1.00 15.16 ? 111 ASN A C   1 
ATOM   382  O O   . ASN A 1 49  ? 13.529  9.046   14.219  1.00 12.85 ? 111 ASN A O   1 
ATOM   383  C CB  . ASN A 1 49  ? 12.581  7.522   16.184  1.00 5.31  ? 111 ASN A CB  1 
ATOM   384  C CG  . ASN A 1 49  ? 11.973  6.567   17.191  1.00 11.53 ? 111 ASN A CG  1 
ATOM   385  O OD1 . ASN A 1 49  ? 12.454  5.450   17.358  1.00 22.13 ? 111 ASN A OD1 1 
ATOM   386  N ND2 . ASN A 1 49  ? 10.933  7.007   17.879  1.00 11.59 ? 111 ASN A ND2 1 
ATOM   387  N N   . VAL A 1 50  ? 11.590  9.296   13.104  1.00 9.74  ? 112 VAL A N   1 
ATOM   388  C CA  . VAL A 1 50  ? 12.169  10.123  12.052  1.00 9.02  ? 112 VAL A CA  1 
ATOM   389  C C   . VAL A 1 50  ? 11.576  11.531  12.128  1.00 10.03 ? 112 VAL A C   1 
ATOM   390  O O   . VAL A 1 50  ? 10.367  11.679  12.205  1.00 9.75  ? 112 VAL A O   1 
ATOM   391  C CB  . VAL A 1 50  ? 11.914  9.473   10.669  1.00 15.05 ? 112 VAL A CB  1 
ATOM   392  C CG1 . VAL A 1 50  ? 12.072  10.480  9.540   1.00 16.48 ? 112 VAL A CG1 1 
ATOM   393  C CG2 . VAL A 1 50  ? 12.840  8.273   10.483  1.00 15.61 ? 112 VAL A CG2 1 
ATOM   394  N N   . THR A 1 51  ? 12.425  12.557  12.140  1.00 11.52 ? 113 THR A N   1 
ATOM   395  C CA  . THR A 1 51  ? 11.959  13.946  12.208  1.00 12.25 ? 113 THR A CA  1 
ATOM   396  C C   . THR A 1 51  ? 12.411  14.729  10.986  1.00 16.35 ? 113 THR A C   1 
ATOM   397  O O   . THR A 1 51  ? 13.606  14.809  10.721  1.00 13.61 ? 113 THR A O   1 
ATOM   398  C CB  . THR A 1 51  ? 12.477  14.674  13.483  1.00 13.23 ? 113 THR A CB  1 
ATOM   399  O OG1 . THR A 1 51  ? 12.037  13.969  14.651  1.00 19.17 ? 113 THR A OG1 1 
ATOM   400  C CG2 . THR A 1 51  ? 11.958  16.108  13.556  1.00 13.62 ? 113 THR A CG2 1 
ATOM   401  N N   . ASN A 1 52  ? 11.459  15.292  10.238  1.00 12.57 ? 114 ASN A N   1 
ATOM   402  C CA  . ASN A 1 52  ? 11.782  16.261  9.195   1.00 16.96 ? 114 ASN A CA  1 
ATOM   403  C C   . ASN A 1 52  ? 12.898  15.767  8.268   1.00 19.00 ? 114 ASN A C   1 
ATOM   404  O O   . ASN A 1 52  ? 13.917  16.432  8.118   1.00 14.07 ? 114 ASN A O   1 
ATOM   405  C CB  . ASN A 1 52  ? 12.177  17.604  9.852   1.00 18.09 ? 114 ASN A CB  1 
ATOM   406  C CG  . ASN A 1 52  ? 12.402  18.731  8.845   1.00 26.64 ? 114 ASN A CG  1 
ATOM   407  O OD1 . ASN A 1 52  ? 11.767  18.781  7.799   1.00 22.38 ? 114 ASN A OD1 1 
ATOM   408  N ND2 . ASN A 1 52  ? 13.308  19.649  9.175   1.00 28.67 ? 114 ASN A ND2 1 
ATOM   409  N N   . GLN A 1 53  ? 12.725  14.589  7.664   1.00 11.54 ? 115 GLN A N   1 
ATOM   410  C CA  . GLN A 1 53  ? 13.785  14.025  6.833   1.00 13.69 ? 115 GLN A CA  1 
ATOM   411  C C   . GLN A 1 53  ? 13.460  14.080  5.349   1.00 9.74  ? 115 GLN A C   1 
ATOM   412  O O   . GLN A 1 53  ? 12.509  13.448  4.885   1.00 8.30  ? 115 GLN A O   1 
ATOM   413  C CB  . GLN A 1 53  ? 14.078  12.577  7.242   1.00 15.95 ? 115 GLN A CB  1 
ATOM   414  C CG  . GLN A 1 53  ? 14.860  12.451  8.552   1.00 24.69 ? 115 GLN A CG  1 
ATOM   415  C CD  . GLN A 1 53  ? 16.246  13.087  8.484   1.00 31.13 ? 115 GLN A CD  1 
ATOM   416  O OE1 . GLN A 1 53  ? 17.177  12.523  7.903   1.00 26.38 ? 115 GLN A OE1 1 
ATOM   417  N NE2 . GLN A 1 53  ? 16.386  14.267  9.085   1.00 29.81 ? 115 GLN A NE2 1 
ATOM   418  N N   . SER A 1 54  ? 14.272  14.827  4.597   1.00 12.11 ? 116 SER A N   1 
ATOM   419  C CA  . SER A 1 54  ? 14.070  14.942  3.153   1.00 9.57  ? 116 SER A CA  1 
ATOM   420  C C   . SER A 1 54  ? 14.580  13.689  2.454   1.00 12.15 ? 116 SER A C   1 
ATOM   421  O O   . SER A 1 54  ? 15.757  13.349  2.565   1.00 13.92 ? 116 SER A O   1 
ATOM   422  C CB  . SER A 1 54  ? 14.777  16.182  2.603   1.00 18.05 ? 116 SER A CB  1 
ATOM   423  O OG  . SER A 1 54  ? 14.215  17.356  3.171   1.00 36.92 ? 116 SER A OG  1 
ATOM   424  N N   . ARG A 1 55  ? 13.699  13.002  1.744   1.00 7.35  ? 117 ARG A N   1 
ATOM   425  C CA  . ARG A 1 55  ? 14.063  11.772  1.062   1.00 6.27  ? 117 ARG A CA  1 
ATOM   426  C C   . ARG A 1 55  ? 13.568  11.773  -0.371  1.00 12.02 ? 117 ARG A C   1 
ATOM   427  O O   . ARG A 1 55  ? 12.747  12.596  -0.761  1.00 11.25 ? 117 ARG A O   1 
ATOM   428  C CB  . ARG A 1 55  ? 13.496  10.559  1.800   1.00 13.79 ? 117 ARG A CB  1 
ATOM   429  C CG  . ARG A 1 55  ? 14.055  10.423  3.184   1.00 12.01 ? 117 ARG A CG  1 
ATOM   430  C CD  . ARG A 1 55  ? 13.546  9.218   3.933   1.00 15.58 ? 117 ARG A CD  1 
ATOM   431  N NE  . ARG A 1 55  ? 14.229  9.139   5.224   1.00 16.66 ? 117 ARG A NE  1 
ATOM   432  C CZ  . ARG A 1 55  ? 13.940  8.260   6.172   1.00 15.63 ? 117 ARG A CZ  1 
ATOM   433  N NH1 . ARG A 1 55  ? 12.966  7.370   5.984   1.00 17.62 ? 117 ARG A NH1 1 
ATOM   434  N NH2 . ARG A 1 55  ? 14.629  8.278   7.308   1.00 19.92 ? 117 ARG A NH2 1 
ATOM   435  N N   . GLN A 1 56  ? 14.069  10.830  -1.149  1.00 12.72 ? 118 GLN A N   1 
ATOM   436  C CA  . GLN A 1 56  ? 13.726  10.754  -2.554  1.00 10.19 ? 118 GLN A CA  1 
ATOM   437  C C   . GLN A 1 56  ? 12.909  9.501   -2.820  1.00 9.45  ? 118 GLN A C   1 
ATOM   438  O O   . GLN A 1 56  ? 13.263  8.433   -2.344  1.00 10.04 ? 118 GLN A O   1 
ATOM   439  C CB  . GLN A 1 56  ? 14.999  10.755  -3.385  1.00 13.86 ? 118 GLN A CB  1 
ATOM   440  C CG  . GLN A 1 56  ? 14.780  10.744  -4.864  1.00 11.63 ? 118 GLN A CG  1 
ATOM   441  C CD  . GLN A 1 56  ? 16.074  10.953  -5.600  1.00 21.85 ? 118 GLN A CD  1 
ATOM   442  O OE1 . GLN A 1 56  ? 16.578  12.078  -5.680  1.00 16.71 ? 118 GLN A OE1 1 
ATOM   443  N NE2 . GLN A 1 56  ? 16.640  9.868   -6.126  1.00 22.35 ? 118 GLN A NE2 1 
ATOM   444  N N   . TYR A 1 57  ? 11.822  9.640   -3.575  1.00 6.01  ? 119 TYR A N   1 
ATOM   445  C CA  . TYR A 1 57  ? 10.972  8.514   -3.952  1.00 6.82  ? 119 TYR A CA  1 
ATOM   446  C C   . TYR A 1 57  ? 10.639  8.625   -5.433  1.00 11.25 ? 119 TYR A C   1 
ATOM   447  O O   . TYR A 1 57  ? 10.331  9.717   -5.906  1.00 15.60 ? 119 TYR A O   1 
ATOM   448  C CB  . TYR A 1 57  ? 9.674   8.500   -3.138  1.00 7.55  ? 119 TYR A CB  1 
ATOM   449  C CG  . TYR A 1 57  ? 9.861   8.534   -1.638  1.00 9.16  ? 119 TYR A CG  1 
ATOM   450  C CD1 . TYR A 1 57  ? 9.988   9.739   -0.959  1.00 8.47  ? 119 TYR A CD1 1 
ATOM   451  C CD2 . TYR A 1 57  ? 9.876   7.361   -0.894  1.00 9.57  ? 119 TYR A CD2 1 
ATOM   452  C CE1 . TYR A 1 57  ? 10.146  9.773   0.418   1.00 8.27  ? 119 TYR A CE1 1 
ATOM   453  C CE2 . TYR A 1 57  ? 10.038  7.389   0.489   1.00 7.11  ? 119 TYR A CE2 1 
ATOM   454  C CZ  . TYR A 1 57  ? 10.171  8.597   1.135   1.00 13.81 ? 119 TYR A CZ  1 
ATOM   455  O OH  . TYR A 1 57  ? 10.334  8.625   2.509   1.00 12.20 ? 119 TYR A OH  1 
ATOM   456  N N   . THR A 1 58  ? 10.703  7.522   -6.173  1.00 8.39  ? 120 THR A N   1 
ATOM   457  C CA  . THR A 1 58  ? 10.286  7.579   -7.572  1.00 9.20  ? 120 THR A CA  1 
ATOM   458  C C   . THR A 1 58  ? 8.921   6.920   -7.707  1.00 17.33 ? 120 THR A C   1 
ATOM   459  O O   . THR A 1 58  ? 8.756   5.743   -7.364  1.00 11.11 ? 120 THR A O   1 
ATOM   460  C CB  . THR A 1 58  ? 11.314  6.915   -8.513  1.00 15.92 ? 120 THR A CB  1 
ATOM   461  O OG1 . THR A 1 58  ? 12.523  7.679   -8.491  1.00 15.99 ? 120 THR A OG1 1 
ATOM   462  C CG2 . THR A 1 58  ? 10.793  6.884   -9.954  1.00 14.48 ? 120 THR A CG2 1 
ATOM   463  N N   . LEU A 1 59  ? 7.946   7.708   -8.170  1.00 10.76 ? 121 LEU A N   1 
ATOM   464  C CA  . LEU A 1 59  ? 6.573   7.243   -8.301  1.00 16.17 ? 121 LEU A CA  1 
ATOM   465  C C   . LEU A 1 59  ? 6.111   7.396   -9.737  1.00 12.86 ? 121 LEU A C   1 
ATOM   466  O O   . LEU A 1 59  ? 6.032   8.519   -10.240 1.00 15.42 ? 121 LEU A O   1 
ATOM   467  C CB  . LEU A 1 59  ? 5.637   8.025   -7.375  1.00 12.69 ? 121 LEU A CB  1 
ATOM   468  C CG  . LEU A 1 59  ? 6.020   8.098   -5.899  1.00 15.05 ? 121 LEU A CG  1 
ATOM   469  C CD1 . LEU A 1 59  ? 5.032   8.946   -5.107  1.00 18.33 ? 121 LEU A CD1 1 
ATOM   470  C CD2 . LEU A 1 59  ? 6.115   6.689   -5.317  1.00 18.07 ? 121 LEU A CD2 1 
ATOM   471  N N   . PHE A 1 60  ? 5.807   6.273   -10.383 1.00 12.56 ? 122 PHE A N   1 
ATOM   472  C CA  . PHE A 1 60  ? 5.271   6.285   -11.748 1.00 13.21 ? 122 PHE A CA  1 
ATOM   473  C C   . PHE A 1 60  ? 6.207   7.041   -12.688 1.00 16.38 ? 122 PHE A C   1 
ATOM   474  O O   . PHE A 1 60  ? 5.775   7.872   -13.486 1.00 21.94 ? 122 PHE A O   1 
ATOM   475  C CB  . PHE A 1 60  ? 3.871   6.906   -11.764 1.00 14.46 ? 122 PHE A CB  1 
ATOM   476  C CG  . PHE A 1 60  ? 2.918   6.249   -10.814 1.00 10.10 ? 122 PHE A CG  1 
ATOM   477  C CD1 . PHE A 1 60  ? 2.363   5.015   -11.120 1.00 11.42 ? 122 PHE A CD1 1 
ATOM   478  C CD2 . PHE A 1 60  ? 2.598   6.844   -9.610  1.00 8.32  ? 122 PHE A CD2 1 
ATOM   479  C CE1 . PHE A 1 60  ? 1.495   4.392   -10.247 1.00 7.39  ? 122 PHE A CE1 1 
ATOM   480  C CE2 . PHE A 1 60  ? 1.724   6.221   -8.716  1.00 7.63  ? 122 PHE A CE2 1 
ATOM   481  C CZ  . PHE A 1 60  ? 1.173   4.991   -9.043  1.00 7.05  ? 122 PHE A CZ  1 
ATOM   482  N N   . GLY A 1 61  ? 7.495   6.755   -12.566 1.00 21.79 ? 123 GLY A N   1 
ATOM   483  C CA  . GLY A 1 61  ? 8.491   7.314   -13.460 1.00 21.15 ? 123 GLY A CA  1 
ATOM   484  C C   . GLY A 1 61  ? 8.923   8.719   -13.096 1.00 24.94 ? 123 GLY A C   1 
ATOM   485  O O   . GLY A 1 61  ? 9.822   9.278   -13.720 1.00 35.20 ? 123 GLY A O   1 
ATOM   486  N N   . GLU A 1 62  ? 8.282   9.296   -12.086 1.00 18.50 ? 124 GLU A N   1 
ATOM   487  C CA  . GLU A 1 62  ? 8.603   10.647  -11.663 1.00 15.89 ? 124 GLU A CA  1 
ATOM   488  C C   . GLU A 1 62  ? 9.378   10.622  -10.351 1.00 21.37 ? 124 GLU A C   1 
ATOM   489  O O   . GLU A 1 62  ? 8.859   10.208  -9.323  1.00 18.04 ? 124 GLU A O   1 
ATOM   490  C CB  . GLU A 1 62  ? 7.329   11.471  -11.507 1.00 19.70 ? 124 GLU A CB  1 
ATOM   491  C CG  . GLU A 1 62  ? 6.478   11.518  -12.767 1.00 30.17 ? 124 GLU A CG  1 
ATOM   492  C CD  . GLU A 1 62  ? 4.998   11.695  -12.464 1.00 38.88 ? 124 GLU A CD  1 
ATOM   493  O OE1 . GLU A 1 62  ? 4.670   12.392  -11.482 1.00 35.38 ? 124 GLU A OE1 1 
ATOM   494  O OE2 . GLU A 1 62  ? 4.163   11.132  -13.208 1.00 41.83 ? 124 GLU A OE2 1 
ATOM   495  N N   . THR A 1 63  ? 10.621  11.069  -10.377 1.00 15.99 ? 125 THR A N   1 
ATOM   496  C CA  . THR A 1 63  ? 11.405  11.084  -9.154  1.00 16.03 ? 125 THR A CA  1 
ATOM   497  C C   . THR A 1 63  ? 11.070  12.336  -8.332  1.00 22.15 ? 125 THR A C   1 
ATOM   498  O O   . THR A 1 63  ? 11.177  13.454  -8.827  1.00 23.18 ? 125 THR A O   1 
ATOM   499  C CB  . THR A 1 63  ? 12.901  11.008  -9.475  1.00 21.21 ? 125 THR A CB  1 
ATOM   500  O OG1 . THR A 1 63  ? 13.171  9.747   -10.104 1.00 20.55 ? 125 THR A OG1 1 
ATOM   501  C CG2 . THR A 1 63  ? 13.726  11.121  -8.211  1.00 15.70 ? 125 THR A CG2 1 
ATOM   502  N N   . LYS A 1 64  ? 10.646  12.135  -7.083  1.00 17.30 ? 126 LYS A N   1 
ATOM   503  C CA  . LYS A 1 64  ? 10.136  13.219  -6.243  1.00 10.19 ? 126 LYS A CA  1 
ATOM   504  C C   . LYS A 1 64  ? 10.966  13.414  -4.979  1.00 18.49 ? 126 LYS A C   1 
ATOM   505  O O   . LYS A 1 64  ? 11.563  12.472  -4.462  1.00 15.52 ? 126 LYS A O   1 
ATOM   506  C CB  . LYS A 1 64  ? 8.674   12.952  -5.851  1.00 13.57 ? 126 LYS A CB  1 
ATOM   507  C CG  . LYS A 1 64  ? 7.751   12.620  -7.022  1.00 22.11 ? 126 LYS A CG  1 
ATOM   508  C CD  . LYS A 1 64  ? 7.625   13.806  -7.969  1.00 24.59 ? 126 LYS A CD  1 
ATOM   509  C CE  . LYS A 1 64  ? 7.051   15.029  -7.250  1.00 31.14 ? 126 LYS A CE  1 
ATOM   510  N NZ  . LYS A 1 64  ? 6.788   16.189  -8.166  1.00 35.24 ? 126 LYS A NZ  1 
ATOM   511  N N   . GLN A 1 65  ? 11.000  14.646  -4.483  1.00 12.51 ? 127 GLN A N   1 
ATOM   512  C CA  . GLN A 1 65  ? 11.542  14.909  -3.153  1.00 14.94 ? 127 GLN A CA  1 
ATOM   513  C C   . GLN A 1 65  ? 10.379  15.065  -2.177  1.00 9.50  ? 127 GLN A C   1 
ATOM   514  O O   . GLN A 1 65  ? 9.504   15.905  -2.376  1.00 10.14 ? 127 GLN A O   1 
ATOM   515  C CB  . GLN A 1 65  ? 12.414  16.162  -3.158  1.00 15.43 ? 127 GLN A CB  1 
ATOM   516  C CG  . GLN A 1 65  ? 13.397  16.203  -4.319  1.00 14.62 ? 127 GLN A CG  1 
ATOM   517  C CD  . GLN A 1 65  ? 14.425  15.076  -4.286  1.00 24.80 ? 127 GLN A CD  1 
ATOM   518  O OE1 . GLN A 1 65  ? 14.911  14.679  -3.218  1.00 15.73 ? 127 GLN A OE1 1 
ATOM   519  N NE2 . GLN A 1 65  ? 14.765  14.556  -5.466  1.00 19.49 ? 127 GLN A NE2 1 
ATOM   520  N N   . ILE A 1 66  ? 10.364  14.237  -1.138  1.00 5.97  ? 128 ILE A N   1 
ATOM   521  C CA  . ILE A 1 66  ? 9.305   14.267  -0.130  1.00 7.87  ? 128 ILE A CA  1 
ATOM   522  C C   . ILE A 1 66  ? 9.926   14.243  1.258   1.00 6.75  ? 128 ILE A C   1 
ATOM   523  O O   . ILE A 1 66  ? 10.783  13.410  1.559   1.00 7.43  ? 128 ILE A O   1 
ATOM   524  C CB  . ILE A 1 66  ? 8.334   13.073  -0.292  1.00 8.98  ? 128 ILE A CB  1 
ATOM   525  C CG1 . ILE A 1 66  ? 7.651   13.137  -1.659  1.00 10.98 ? 128 ILE A CG1 1 
ATOM   526  C CG2 . ILE A 1 66  ? 7.277   13.065  0.834   1.00 12.79 ? 128 ILE A CG2 1 
ATOM   527  C CD1 . ILE A 1 66  ? 6.786   11.904  -1.979  1.00 10.40 ? 128 ILE A CD1 1 
ATOM   528  N N   . THR A 1 67  ? 9.508   15.163  2.110   1.00 5.08  ? 129 THR A N   1 
ATOM   529  C CA  . THR A 1 67  ? 10.037  15.204  3.466   1.00 6.19  ? 129 THR A CA  1 
ATOM   530  C C   . THR A 1 67  ? 9.085   14.485  4.432   1.00 7.70  ? 129 THR A C   1 
ATOM   531  O O   . THR A 1 67  ? 7.885   14.733  4.431   1.00 8.34  ? 129 THR A O   1 
ATOM   532  C CB  . THR A 1 67  ? 10.288  16.671  3.878   1.00 14.98 ? 129 THR A CB  1 
ATOM   533  O OG1 . THR A 1 67  ? 11.337  17.204  3.050   1.00 7.83  ? 129 THR A OG1 1 
ATOM   534  C CG2 . THR A 1 67  ? 10.680  16.796  5.347   1.00 10.91 ? 129 THR A CG2 1 
ATOM   535  N N   . VAL A 1 68  ? 9.617   13.576  5.246   1.00 7.56  ? 130 VAL A N   1 
ATOM   536  C CA  . VAL A 1 68  ? 8.755   12.722  6.050   1.00 10.00 ? 130 VAL A CA  1 
ATOM   537  C C   . VAL A 1 68  ? 9.023   12.833  7.549   1.00 11.47 ? 130 VAL A C   1 
ATOM   538  O O   . VAL A 1 68  ? 10.105  13.210  7.985   1.00 9.84  ? 130 VAL A O   1 
ATOM   539  C CB  . VAL A 1 68  ? 8.879   11.238  5.613   1.00 5.67  ? 130 VAL A CB  1 
ATOM   540  C CG1 . VAL A 1 68  ? 8.431   11.092  4.163   1.00 6.83  ? 130 VAL A CG1 1 
ATOM   541  C CG2 . VAL A 1 68  ? 10.309  10.742  5.756   1.00 4.93  ? 130 VAL A CG2 1 
ATOM   542  N N   . GLU A 1 69  ? 8.008   12.500  8.330   1.00 6.96  ? 131 GLU A N   1 
ATOM   543  C CA  . GLU A 1 69  ? 8.103   12.571  9.773   1.00 9.75  ? 131 GLU A CA  1 
ATOM   544  C C   . GLU A 1 69  ? 7.343   11.402  10.362  1.00 11.38 ? 131 GLU A C   1 
ATOM   545  O O   . GLU A 1 69  ? 6.245   11.096  9.925   1.00 9.48  ? 131 GLU A O   1 
ATOM   546  C CB  . GLU A 1 69  ? 7.542   13.901  10.286  1.00 10.81 ? 131 GLU A CB  1 
ATOM   547  C CG  . GLU A 1 69  ? 7.477   14.012  11.802  1.00 20.26 ? 131 GLU A CG  1 
ATOM   548  C CD  . GLU A 1 69  ? 7.819   15.405  12.286  1.00 32.18 ? 131 GLU A CD  1 
ATOM   549  O OE1 . GLU A 1 69  ? 8.818   15.978  11.794  1.00 26.47 ? 131 GLU A OE1 1 
ATOM   550  O OE2 . GLU A 1 69  ? 7.092   15.926  13.157  1.00 48.62 ? 131 GLU A OE2 1 
ATOM   551  N N   . ASN A 1 70  ? 7.956   10.735  11.332  1.00 9.02  ? 132 ASN A N   1 
ATOM   552  C CA  . ASN A 1 70  ? 7.325   9.657   12.072  1.00 7.26  ? 132 ASN A CA  1 
ATOM   553  C C   . ASN A 1 70  ? 7.814   9.742   13.510  1.00 9.31  ? 132 ASN A C   1 
ATOM   554  O O   . ASN A 1 70  ? 8.867   9.228   13.837  1.00 11.06 ? 132 ASN A O   1 
ATOM   555  C CB  . ASN A 1 70  ? 7.650   8.288   11.452  1.00 5.98  ? 132 ASN A CB  1 
ATOM   556  C CG  . ASN A 1 70  ? 7.040   7.125   12.237  1.00 8.16  ? 132 ASN A CG  1 
ATOM   557  O OD1 . ASN A 1 70  ? 6.343   7.322   13.223  1.00 6.60  ? 132 ASN A OD1 1 
ATOM   558  N ND2 . ASN A 1 70  ? 7.296   5.907   11.784  1.00 7.10  ? 132 ASN A ND2 1 
ATOM   559  N N   . ASN A 1 71  ? 7.057   10.418  14.367  1.00 12.66 ? 133 ASN A N   1 
ATOM   560  C CA  . ASN A 1 71  ? 7.495   10.602  15.747  1.00 14.28 ? 133 ASN A CA  1 
ATOM   561  C C   . ASN A 1 71  ? 6.985   9.497   16.675  1.00 24.58 ? 133 ASN A C   1 
ATOM   562  O O   . ASN A 1 71  ? 6.811   9.720   17.876  1.00 23.41 ? 133 ASN A O   1 
ATOM   563  C CB  . ASN A 1 71  ? 7.054   11.976  16.273  1.00 21.09 ? 133 ASN A CB  1 
ATOM   564  C CG  . ASN A 1 71  ? 7.810   13.126  15.622  1.00 34.47 ? 133 ASN A CG  1 
ATOM   565  O OD1 . ASN A 1 71  ? 9.021   13.048  15.391  1.00 34.12 ? 133 ASN A OD1 1 
ATOM   566  N ND2 . ASN A 1 71  ? 7.093   14.205  15.320  1.00 43.57 ? 133 ASN A ND2 1 
ATOM   567  N N   . THR A 1 72  ? 6.748   8.308   16.125  1.00 11.99 ? 134 THR A N   1 
ATOM   568  C CA  . THR A 1 72  ? 6.343   7.170   16.950  1.00 6.27  ? 134 THR A CA  1 
ATOM   569  C C   . THR A 1 72  ? 7.391   6.060   16.920  1.00 10.35 ? 134 THR A C   1 
ATOM   570  O O   . THR A 1 72  ? 8.329   6.094   16.117  1.00 9.07  ? 134 THR A O   1 
ATOM   571  C CB  . THR A 1 72  ? 4.995   6.574   16.506  1.00 14.08 ? 134 THR A CB  1 
ATOM   572  O OG1 . THR A 1 72  ? 5.197   5.696   15.386  1.00 9.93  ? 134 THR A OG1 1 
ATOM   573  C CG2 . THR A 1 72  ? 4.006   7.679   16.139  1.00 13.96 ? 134 THR A CG2 1 
ATOM   574  N N   . ASN A 1 73  ? 7.214   5.074   17.793  1.00 9.05  ? 135 ASN A N   1 
ATOM   575  C CA  . ASN A 1 73  ? 8.079   3.894   17.826  1.00 7.57  ? 135 ASN A CA  1 
ATOM   576  C C   . ASN A 1 73  ? 7.639   2.812   16.824  1.00 10.27 ? 135 ASN A C   1 
ATOM   577  O O   . ASN A 1 73  ? 8.276   1.756   16.703  1.00 9.85  ? 135 ASN A O   1 
ATOM   578  C CB  . ASN A 1 73  ? 8.118   3.301   19.243  1.00 7.89  ? 135 ASN A CB  1 
ATOM   579  C CG  . ASN A 1 73  ? 8.837   4.203   20.241  1.00 15.51 ? 135 ASN A CG  1 
ATOM   580  O OD1 . ASN A 1 73  ? 9.646   5.052   19.864  1.00 14.00 ? 135 ASN A OD1 1 
ATOM   581  N ND2 . ASN A 1 73  ? 8.549   4.012   21.523  1.00 4.98  ? 135 ASN A ND2 1 
ATOM   582  N N   . LYS A 1 74  ? 6.549   3.074   16.107  1.00 9.60  ? 136 LYS A N   1 
ATOM   583  C CA  . LYS A 1 74  ? 6.064   2.142   15.085  1.00 6.53  ? 136 LYS A CA  1 
ATOM   584  C C   . LYS A 1 74  ? 6.472   2.600   13.696  1.00 8.48  ? 136 LYS A C   1 
ATOM   585  O O   . LYS A 1 74  ? 6.949   3.718   13.527  1.00 8.66  ? 136 LYS A O   1 
ATOM   586  C CB  . LYS A 1 74  ? 4.537   2.010   15.162  1.00 6.40  ? 136 LYS A CB  1 
ATOM   587  C CG  . LYS A 1 74  ? 4.070   1.330   16.439  1.00 9.70  ? 136 LYS A CG  1 
ATOM   588  C CD  . LYS A 1 74  ? 2.570   1.107   16.448  1.00 8.95  ? 136 LYS A CD  1 
ATOM   589  C CE  . LYS A 1 74  ? 2.161   0.368   17.720  1.00 13.96 ? 136 LYS A CE  1 
ATOM   590  N NZ  . LYS A 1 74  ? 0.708   0.438   17.988  1.00 20.66 ? 136 LYS A NZ  1 
ATOM   591  N N   . TRP A 1 75  ? 6.300   1.734   12.704  1.00 4.73  ? 137 TRP A N   1 
ATOM   592  C CA  . TRP A 1 75  ? 6.497   2.143   11.309  1.00 4.50  ? 137 TRP A CA  1 
ATOM   593  C C   . TRP A 1 75  ? 5.258   2.855   10.781  1.00 8.07  ? 137 TRP A C   1 
ATOM   594  O O   . TRP A 1 75  ? 4.166   2.699   11.335  1.00 9.57  ? 137 TRP A O   1 
ATOM   595  C CB  . TRP A 1 75  ? 6.796   0.932   10.435  1.00 5.51  ? 137 TRP A CB  1 
ATOM   596  C CG  . TRP A 1 75  ? 8.103   0.292   10.763  1.00 2.53  ? 137 TRP A CG  1 
ATOM   597  C CD1 . TRP A 1 75  ? 8.426   -0.372  11.915  1.00 6.96  ? 137 TRP A CD1 1 
ATOM   598  C CD2 . TRP A 1 75  ? 9.254   0.243   9.932   1.00 6.13  ? 137 TRP A CD2 1 
ATOM   599  N NE1 . TRP A 1 75  ? 9.721   -0.821  11.855  1.00 8.57  ? 137 TRP A NE1 1 
ATOM   600  C CE2 . TRP A 1 75  ? 10.251  -0.474  10.641  1.00 6.51  ? 137 TRP A CE2 1 
ATOM   601  C CE3 . TRP A 1 75  ? 9.544   0.724   8.657   1.00 5.01  ? 137 TRP A CE3 1 
ATOM   602  C CZ2 . TRP A 1 75  ? 11.515  -0.703  10.119  1.00 9.07  ? 137 TRP A CZ2 1 
ATOM   603  C CZ3 . TRP A 1 75  ? 10.802  0.486   8.133   1.00 11.09 ? 137 TRP A CZ3 1 
ATOM   604  C CH2 . TRP A 1 75  ? 11.771  -0.229  8.863   1.00 12.85 ? 137 TRP A CH2 1 
ATOM   605  N N   . LYS A 1 76  ? 5.422   3.625   9.705   1.00 5.61  ? 138 LYS A N   1 
ATOM   606  C CA  . LYS A 1 76  ? 4.260   4.216   9.045   1.00 4.58  ? 138 LYS A CA  1 
ATOM   607  C C   . LYS A 1 76  ? 4.288   3.972   7.546   1.00 5.96  ? 138 LYS A C   1 
ATOM   608  O O   . LYS A 1 76  ? 5.319   4.146   6.895   1.00 5.31  ? 138 LYS A O   1 
ATOM   609  C CB  . LYS A 1 76  ? 4.179   5.720   9.324   1.00 4.64  ? 138 LYS A CB  1 
ATOM   610  C CG  . LYS A 1 76  ? 3.643   6.054   10.710  1.00 4.02  ? 138 LYS A CG  1 
ATOM   611  C CD  . LYS A 1 76  ? 3.756   7.547   11.007  1.00 10.69 ? 138 LYS A CD  1 
ATOM   612  C CE  . LYS A 1 76  ? 3.314   7.860   12.430  1.00 9.61  ? 138 LYS A CE  1 
ATOM   613  N NZ  . LYS A 1 76  ? 1.822   7.902   12.579  1.00 11.81 ? 138 LYS A NZ  1 
ATOM   614  N N   . PHE A 1 77  ? 3.145   3.551   7.018   1.00 3.02  ? 139 PHE A N   1 
ATOM   615  C CA  . PHE A 1 77  ? 2.911   3.541   5.581   1.00 4.49  ? 139 PHE A CA  1 
ATOM   616  C C   . PHE A 1 77  ? 2.146   4.801   5.226   1.00 5.01  ? 139 PHE A C   1 
ATOM   617  O O   . PHE A 1 77  ? 1.070   5.030   5.770   1.00 4.52  ? 139 PHE A O   1 
ATOM   618  C CB  . PHE A 1 77  ? 2.082   2.321   5.149   1.00 2.42  ? 139 PHE A CB  1 
ATOM   619  C CG  . PHE A 1 77  ? 2.780   1.001   5.307   1.00 2.68  ? 139 PHE A CG  1 
ATOM   620  C CD1 . PHE A 1 77  ? 3.499   0.458   4.255   1.00 2.81  ? 139 PHE A CD1 1 
ATOM   621  C CD2 . PHE A 1 77  ? 2.667   0.275   6.492   1.00 6.04  ? 139 PHE A CD2 1 
ATOM   622  C CE1 . PHE A 1 77  ? 4.120   -0.793  4.380   1.00 6.33  ? 139 PHE A CE1 1 
ATOM   623  C CE2 . PHE A 1 77  ? 3.295   -0.968  6.635   1.00 4.66  ? 139 PHE A CE2 1 
ATOM   624  C CZ  . PHE A 1 77  ? 4.022   -1.498  5.577   1.00 5.15  ? 139 PHE A CZ  1 
ATOM   625  N N   . PHE A 1 78  ? 2.690   5.606   4.323   1.00 4.07  ? 140 PHE A N   1 
ATOM   626  C CA  . PHE A 1 78  ? 1.984   6.780   3.829   1.00 6.03  ? 140 PHE A CA  1 
ATOM   627  C C   . PHE A 1 78  ? 1.314   6.438   2.489   1.00 5.73  ? 140 PHE A C   1 
ATOM   628  O O   . PHE A 1 78  ? 1.982   6.053   1.540   1.00 6.52  ? 140 PHE A O   1 
ATOM   629  C CB  . PHE A 1 78  ? 2.952   7.955   3.661   1.00 6.82  ? 140 PHE A CB  1 
ATOM   630  C CG  . PHE A 1 78  ? 3.481   8.524   4.957   1.00 8.75  ? 140 PHE A CG  1 
ATOM   631  C CD1 . PHE A 1 78  ? 2.799   8.345   6.151   1.00 12.27 ? 140 PHE A CD1 1 
ATOM   632  C CD2 . PHE A 1 78  ? 4.666   9.251   4.970   1.00 8.51  ? 140 PHE A CD2 1 
ATOM   633  C CE1 . PHE A 1 78  ? 3.291   8.869   7.346   1.00 10.39 ? 140 PHE A CE1 1 
ATOM   634  C CE2 . PHE A 1 78  ? 5.170   9.779   6.167   1.00 10.66 ? 140 PHE A CE2 1 
ATOM   635  C CZ  . PHE A 1 78  ? 4.472   9.583   7.354   1.00 10.05 ? 140 PHE A CZ  1 
ATOM   636  N N   . GLU A 1 79  ? -0.004  6.574   2.411   1.00 3.65  ? 141 GLU A N   1 
ATOM   637  C CA  . GLU A 1 79  ? -0.703  6.353   1.146   1.00 4.79  ? 141 GLU A CA  1 
ATOM   638  C C   . GLU A 1 79  ? -0.772  7.658   0.356   1.00 8.43  ? 141 GLU A C   1 
ATOM   639  O O   . GLU A 1 79  ? -1.472  8.586   0.762   1.00 7.13  ? 141 GLU A O   1 
ATOM   640  C CB  . GLU A 1 79  ? -2.112  5.807   1.389   1.00 5.27  ? 141 GLU A CB  1 
ATOM   641  C CG  . GLU A 1 79  ? -2.926  5.578   0.115   1.00 8.14  ? 141 GLU A CG  1 
ATOM   642  C CD  . GLU A 1 79  ? -4.344  5.108   0.411   1.00 18.36 ? 141 GLU A CD  1 
ATOM   643  O OE1 . GLU A 1 79  ? -4.570  4.465   1.476   1.00 13.23 ? 141 GLU A OE1 1 
ATOM   644  O OE2 . GLU A 1 79  ? -5.240  5.390   -0.422  1.00 24.50 ? 141 GLU A OE2 1 
ATOM   645  N N   A MET A 1 80  ? -0.016  7.710   -0.741  0.02 5.67  ? 142 MET A N   1 
ATOM   646  N N   B MET A 1 80  ? -0.049  7.714   -0.762  0.98 5.56  ? 142 MET A N   1 
ATOM   647  C CA  A MET A 1 80  ? 0.004   8.846   -1.659  0.02 6.99  ? 142 MET A CA  1 
ATOM   648  C CA  B MET A 1 80  ? -0.011  8.876   -1.645  0.98 7.02  ? 142 MET A CA  1 
ATOM   649  C C   A MET A 1 80  ? -1.013  8.625   -2.768  0.02 7.59  ? 142 MET A C   1 
ATOM   650  C C   B MET A 1 80  ? -0.962  8.650   -2.796  0.98 7.64  ? 142 MET A C   1 
ATOM   651  O O   A MET A 1 80  ? -1.166  7.506   -3.256  0.02 7.52  ? 142 MET A O   1 
ATOM   652  O O   B MET A 1 80  ? -1.018  7.552   -3.338  0.98 7.65  ? 142 MET A O   1 
ATOM   653  C CB  A MET A 1 80  ? 1.397   9.039   -2.270  0.02 6.35  ? 142 MET A CB  1 
ATOM   654  C CB  B MET A 1 80  ? 1.405   9.110   -2.187  0.98 6.23  ? 142 MET A CB  1 
ATOM   655  C CG  A MET A 1 80  ? 2.547   9.157   -1.277  0.02 7.04  ? 142 MET A CG  1 
ATOM   656  C CG  B MET A 1 80  ? 2.501   9.094   -1.115  0.98 6.90  ? 142 MET A CG  1 
ATOM   657  S SD  A MET A 1 80  ? 2.484   10.635  -0.251  0.02 9.32  ? 142 MET A SD  1 
ATOM   658  S SD  B MET A 1 80  ? 2.218   10.327  0.188   0.98 10.30 ? 142 MET A SD  1 
ATOM   659  C CE  A MET A 1 80  ? 1.718   9.969   1.215   0.02 8.74  ? 142 MET A CE  1 
ATOM   660  C CE  B MET A 1 80  ? 2.473   11.850  -0.717  0.98 12.91 ? 142 MET A CE  1 
ATOM   661  N N   . PHE A 1 81  ? -1.693  9.687   -3.186  1.00 7.86  ? 143 PHE A N   1 
ATOM   662  C CA  . PHE A 1 81  ? -2.782  9.526   -4.135  1.00 4.03  ? 143 PHE A CA  1 
ATOM   663  C C   . PHE A 1 81  ? -2.971  10.710  -5.078  1.00 8.02  ? 143 PHE A C   1 
ATOM   664  O O   . PHE A 1 81  ? -2.790  11.860  -4.674  1.00 8.90  ? 143 PHE A O   1 
ATOM   665  C CB  . PHE A 1 81  ? -4.086  9.299   -3.355  1.00 4.80  ? 143 PHE A CB  1 
ATOM   666  C CG  . PHE A 1 81  ? -5.255  8.890   -4.215  1.00 8.28  ? 143 PHE A CG  1 
ATOM   667  C CD1 . PHE A 1 81  ? -5.478  7.554   -4.498  1.00 9.33  ? 143 PHE A CD1 1 
ATOM   668  C CD2 . PHE A 1 81  ? -6.148  9.838   -4.702  1.00 11.75 ? 143 PHE A CD2 1 
ATOM   669  C CE1 . PHE A 1 81  ? -6.552  7.166   -5.277  1.00 11.53 ? 143 PHE A CE1 1 
ATOM   670  C CE2 . PHE A 1 81  ? -7.239  9.453   -5.480  1.00 16.05 ? 143 PHE A CE2 1 
ATOM   671  C CZ  . PHE A 1 81  ? -7.434  8.122   -5.767  1.00 15.02 ? 143 PHE A CZ  1 
ATOM   672  N N   . ARG A 1 82  ? -3.368  10.421  -6.319  1.00 6.52  ? 144 ARG A N   1 
ATOM   673  C CA  . ARG A 1 82  ? -3.884  11.462  -7.204  1.00 4.79  ? 144 ARG A CA  1 
ATOM   674  C C   . ARG A 1 82  ? -4.839  10.860  -8.219  1.00 8.47  ? 144 ARG A C   1 
ATOM   675  O O   . ARG A 1 82  ? -4.842  9.645   -8.421  1.00 6.37  ? 144 ARG A O   1 
ATOM   676  C CB  . ARG A 1 82  ? -2.747  12.187  -7.912  1.00 8.78  ? 144 ARG A CB  1 
ATOM   677  C CG  . ARG A 1 82  ? -2.072  11.344  -8.957  1.00 10.91 ? 144 ARG A CG  1 
ATOM   678  C CD  . ARG A 1 82  ? -0.910  12.081  -9.608  1.00 7.98  ? 144 ARG A CD  1 
ATOM   679  N NE  . ARG A 1 82  ? -0.265  11.200  -10.582 1.00 8.81  ? 144 ARG A NE  1 
ATOM   680  C CZ  . ARG A 1 82  ? 0.839   11.494  -11.247 1.00 11.91 ? 144 ARG A CZ  1 
ATOM   681  N NH1 . ARG A 1 82  ? 1.435   12.670  -11.064 1.00 12.59 ? 144 ARG A NH1 1 
ATOM   682  N NH2 . ARG A 1 82  ? 1.347   10.601  -12.092 1.00 12.57 ? 144 ARG A NH2 1 
ATOM   683  N N   . SER A 1 83  ? -5.641  11.712  -8.858  1.00 8.00  ? 145 SER A N   1 
ATOM   684  C CA  . SER A 1 83  ? -6.703  11.244  -9.747  1.00 10.46 ? 145 SER A CA  1 
ATOM   685  C C   . SER A 1 83  ? -6.455  11.593  -11.221 1.00 6.74  ? 145 SER A C   1 
ATOM   686  O O   . SER A 1 83  ? -7.278  11.281  -12.085 1.00 10.95 ? 145 SER A O   1 
ATOM   687  C CB  . SER A 1 83  ? -8.050  11.827  -9.311  1.00 17.94 ? 145 SER A CB  1 
ATOM   688  O OG  . SER A 1 83  ? -8.358  11.469  -7.978  1.00 12.08 ? 145 SER A OG  1 
ATOM   689  N N   . SER A 1 84  ? -5.337  12.243  -11.504 1.00 6.34  ? 146 SER A N   1 
ATOM   690  C CA  . SER A 1 84  ? -4.955  12.505  -12.886 1.00 9.73  ? 146 SER A CA  1 
ATOM   691  C C   . SER A 1 84  ? -3.447  12.622  -12.994 1.00 9.47  ? 146 SER A C   1 
ATOM   692  O O   . SER A 1 84  ? -2.763  12.872  -12.002 1.00 11.80 ? 146 SER A O   1 
ATOM   693  C CB  . SER A 1 84  ? -5.639  13.772  -13.421 1.00 16.72 ? 146 SER A CB  1 
ATOM   694  O OG  . SER A 1 84  ? -5.350  14.890  -12.611 1.00 19.60 ? 146 SER A OG  1 
ATOM   695  N N   . VAL A 1 85  ? -2.930  12.441  -14.201 1.00 7.46  ? 147 VAL A N   1 
ATOM   696  C CA  . VAL A 1 85  ? -1.501  12.258  -14.380 1.00 7.99  ? 147 VAL A CA  1 
ATOM   697  C C   . VAL A 1 85  ? -0.716  13.537  -14.103 1.00 16.00 ? 147 VAL A C   1 
ATOM   698  O O   . VAL A 1 85  ? 0.434   13.473  -13.682 1.00 15.15 ? 147 VAL A O   1 
ATOM   699  C CB  . VAL A 1 85  ? -1.172  11.738  -15.807 1.00 12.66 ? 147 VAL A CB  1 
ATOM   700  C CG1 . VAL A 1 85  ? -1.407  12.831  -16.867 1.00 10.40 ? 147 VAL A CG1 1 
ATOM   701  C CG2 . VAL A 1 85  ? 0.247   11.220  -15.866 1.00 19.37 ? 147 VAL A CG2 1 
ATOM   702  N N   . SER A 1 86  ? -1.327  14.699  -14.321 1.00 14.59 ? 148 SER A N   1 
ATOM   703  C CA  . SER A 1 86  ? -0.580  15.947  -14.183 1.00 17.38 ? 148 SER A CA  1 
ATOM   704  C C   . SER A 1 86  ? -0.785  16.609  -12.813 1.00 19.39 ? 148 SER A C   1 
ATOM   705  O O   . SER A 1 86  ? -0.261  17.693  -12.554 1.00 16.26 ? 148 SER A O   1 
ATOM   706  C CB  . SER A 1 86  ? -0.954  16.921  -15.311 1.00 14.49 ? 148 SER A CB  1 
ATOM   707  O OG  . SER A 1 86  ? -2.367  17.020  -15.465 1.00 19.56 ? 148 SER A OG  1 
ATOM   708  N N   . ALA A 1 87  ? -1.531  15.953  -11.932 1.00 11.96 ? 149 ALA A N   1 
ATOM   709  C CA  . ALA A 1 87  ? -1.775  16.497  -10.594 1.00 11.25 ? 149 ALA A CA  1 
ATOM   710  C C   . ALA A 1 87  ? -0.638  16.176  -9.614  1.00 13.75 ? 149 ALA A C   1 
ATOM   711  O O   . ALA A 1 87  ? 0.191   15.297  -9.861  1.00 8.96  ? 149 ALA A O   1 
ATOM   712  C CB  . ALA A 1 87  ? -3.101  15.977  -10.047 1.00 10.42 ? 149 ALA A CB  1 
ATOM   713  N N   . GLU A 1 88  ? -0.597  16.908  -8.501  1.00 9.78  ? 150 GLU A N   1 
ATOM   714  C CA  . GLU A 1 88  ? 0.359   16.620  -7.436  1.00 12.65 ? 150 GLU A CA  1 
ATOM   715  C C   . GLU A 1 88  ? -0.086  15.397  -6.645  1.00 10.66 ? 150 GLU A C   1 
ATOM   716  O O   . GLU A 1 88  ? -1.279  15.185  -6.468  1.00 10.73 ? 150 GLU A O   1 
ATOM   717  C CB  . GLU A 1 88  ? 0.495   17.803  -6.477  1.00 15.32 ? 150 GLU A CB  1 
ATOM   718  C CG  . GLU A 1 88  ? 0.890   19.112  -7.120  1.00 22.25 ? 150 GLU A CG  1 
ATOM   719  C CD  . GLU A 1 88  ? 2.232   19.034  -7.819  1.00 30.81 ? 150 GLU A CD  1 
ATOM   720  O OE1 . GLU A 1 88  ? 3.152   18.369  -7.288  1.00 29.47 ? 150 GLU A OE1 1 
ATOM   721  O OE2 . GLU A 1 88  ? 2.360   19.639  -8.904  1.00 34.59 ? 150 GLU A OE2 1 
ATOM   722  N N   . PHE A 1 89  ? 0.868   14.623  -6.136  1.00 7.61  ? 151 PHE A N   1 
ATOM   723  C CA  . PHE A 1 89  ? 0.537   13.569  -5.176  1.00 11.10 ? 151 PHE A CA  1 
ATOM   724  C C   . PHE A 1 89  ? 0.185   14.160  -3.817  1.00 12.46 ? 151 PHE A C   1 
ATOM   725  O O   . PHE A 1 89  ? 0.926   14.985  -3.287  1.00 14.61 ? 151 PHE A O   1 
ATOM   726  C CB  . PHE A 1 89  ? 1.697   12.585  -5.015  1.00 8.91  ? 151 PHE A CB  1 
ATOM   727  C CG  . PHE A 1 89  ? 1.912   11.710  -6.212  1.00 10.80 ? 151 PHE A CG  1 
ATOM   728  C CD1 . PHE A 1 89  ? 1.078   10.630  -6.446  1.00 17.85 ? 151 PHE A CD1 1 
ATOM   729  C CD2 . PHE A 1 89  ? 2.930   11.975  -7.101  1.00 19.73 ? 151 PHE A CD2 1 
ATOM   730  C CE1 . PHE A 1 89  ? 1.266   9.831   -7.553  1.00 18.17 ? 151 PHE A CE1 1 
ATOM   731  C CE2 . PHE A 1 89  ? 3.117   11.178  -8.206  1.00 19.79 ? 151 PHE A CE2 1 
ATOM   732  C CZ  . PHE A 1 89  ? 2.282   10.113  -8.429  1.00 17.08 ? 151 PHE A CZ  1 
ATOM   733  N N   . GLN A 1 90  ? -0.938  13.732  -3.253  1.00 7.14  ? 152 GLN A N   1 
ATOM   734  C CA  . GLN A 1 90  ? -1.324  14.153  -1.910  1.00 9.37  ? 152 GLN A CA  1 
ATOM   735  C C   . GLN A 1 90  ? -1.281  12.980  -0.944  1.00 9.91  ? 152 GLN A C   1 
ATOM   736  O O   . GLN A 1 90  ? -1.528  11.835  -1.314  1.00 5.68  ? 152 GLN A O   1 
ATOM   737  C CB  . GLN A 1 90  ? -2.723  14.777  -1.913  1.00 13.53 ? 152 GLN A CB  1 
ATOM   738  C CG  . GLN A 1 90  ? -2.783  16.036  -2.763  1.00 13.85 ? 152 GLN A CG  1 
ATOM   739  C CD  . GLN A 1 90  ? -4.057  16.842  -2.589  1.00 23.74 ? 152 GLN A CD  1 
ATOM   740  O OE1 . GLN A 1 90  ? -4.872  16.570  -1.714  1.00 18.79 ? 152 GLN A OE1 1 
ATOM   741  N NE2 . GLN A 1 90  ? -4.230  17.849  -3.438  1.00 29.39 ? 152 GLN A NE2 1 
ATOM   742  N N   . HIS A 1 91  ? -0.955  13.281  0.302   1.00 5.68  ? 153 HIS A N   1 
ATOM   743  C CA  . HIS A 1 91  ? -0.950  12.275  1.346   1.00 6.41  ? 153 HIS A CA  1 
ATOM   744  C C   . HIS A 1 91  ? -2.381  12.018  1.818   1.00 11.05 ? 153 HIS A C   1 
ATOM   745  O O   . HIS A 1 91  ? -2.982  12.852  2.494   1.00 13.40 ? 153 HIS A O   1 
ATOM   746  C CB  . HIS A 1 91  ? -0.055  12.736  2.488   1.00 6.95  ? 153 HIS A CB  1 
ATOM   747  C CG  . HIS A 1 91  ? 0.049   11.762  3.618   1.00 11.69 ? 153 HIS A CG  1 
ATOM   748  N ND1 . HIS A 1 91  ? 0.773   12.031  4.758   1.00 17.48 ? 153 HIS A ND1 1 
ATOM   749  C CD2 . HIS A 1 91  ? -0.482  10.528  3.789   1.00 12.08 ? 153 HIS A CD2 1 
ATOM   750  C CE1 . HIS A 1 91  ? 0.678   11.005  5.588   1.00 22.80 ? 153 HIS A CE1 1 
ATOM   751  N NE2 . HIS A 1 91  ? -0.074  10.079  5.021   1.00 13.58 ? 153 HIS A NE2 1 
ATOM   752  N N   . LYS A 1 92  ? -2.929  10.859  1.464   1.00 5.91  ? 154 LYS A N   1 
ATOM   753  C CA  . LYS A 1 92  ? -4.365  10.633  1.623   1.00 5.71  ? 154 LYS A CA  1 
ATOM   754  C C   . LYS A 1 92  ? -4.705  9.929   2.940   1.00 12.06 ? 154 LYS A C   1 
ATOM   755  O O   . LYS A 1 92  ? -5.646  10.317  3.626   1.00 11.12 ? 154 LYS A O   1 
ATOM   756  C CB  . LYS A 1 92  ? -4.911  9.820   0.442   1.00 9.31  ? 154 LYS A CB  1 
ATOM   757  C CG  . LYS A 1 92  ? -6.420  9.687   0.443   1.00 12.91 ? 154 LYS A CG  1 
ATOM   758  C CD  . LYS A 1 92  ? -6.932  9.024   -0.842  1.00 13.59 ? 154 LYS A CD  1 
ATOM   759  C CE  . LYS A 1 92  ? -8.459  8.891   -0.814  1.00 15.23 ? 154 LYS A CE  1 
ATOM   760  N NZ  . LYS A 1 92  ? -9.022  8.452   -2.127  1.00 19.19 ? 154 LYS A NZ  1 
ATOM   761  N N   . ARG A 1 93  ? -3.945  8.889   3.280   1.00 6.23  ? 155 ARG A N   1 
ATOM   762  C CA  . ARG A 1 93  ? -4.196  8.120   4.496   1.00 7.58  ? 155 ARG A CA  1 
ATOM   763  C C   . ARG A 1 93  ? -2.880  7.594   5.056   1.00 4.59  ? 155 ARG A C   1 
ATOM   764  O O   . ARG A 1 93  ? -1.869  7.627   4.368   1.00 6.58  ? 155 ARG A O   1 
ATOM   765  C CB  . ARG A 1 93  ? -5.162  6.955   4.211   1.00 8.10  ? 155 ARG A CB  1 
ATOM   766  C CG  . ARG A 1 93  ? -6.621  7.366   4.045   1.00 9.06  ? 155 ARG A CG  1 
ATOM   767  C CD  . ARG A 1 93  ? -7.516  6.184   3.661   1.00 14.81 ? 155 ARG A CD  1 
ATOM   768  N NE  . ARG A 1 93  ? -7.260  5.714   2.301   1.00 14.07 ? 155 ARG A NE  1 
ATOM   769  C CZ  . ARG A 1 93  ? -8.165  5.703   1.324   1.00 18.05 ? 155 ARG A CZ  1 
ATOM   770  N NH1 . ARG A 1 93  ? -9.401  6.130   1.551   1.00 13.00 ? 155 ARG A NH1 1 
ATOM   771  N NH2 . ARG A 1 93  ? -7.831  5.259   0.112   1.00 13.23 ? 155 ARG A NH2 1 
ATOM   772  N N   . THR A 1 94  ? -2.903  7.117   6.298   1.00 4.05  ? 156 THR A N   1 
ATOM   773  C CA  . THR A 1 94  ? -1.710  6.580   6.976   1.00 5.12  ? 156 THR A CA  1 
ATOM   774  C C   . THR A 1 94  ? -2.040  5.287   7.702   1.00 5.09  ? 156 THR A C   1 
ATOM   775  O O   . THR A 1 94  ? -3.131  5.153   8.252   1.00 5.23  ? 156 THR A O   1 
ATOM   776  C CB  . THR A 1 94  ? -1.154  7.593   8.007   1.00 5.84  ? 156 THR A CB  1 
ATOM   777  O OG1 . THR A 1 94  ? -0.864  8.836   7.348   1.00 11.27 ? 156 THR A OG1 1 
ATOM   778  C CG2 . THR A 1 94  ? 0.110   7.073   8.697   1.00 7.00  ? 156 THR A CG2 1 
ATOM   779  N N   . LEU A 1 95  ? -1.095  4.351   7.709   1.00 4.21  ? 157 LEU A N   1 
ATOM   780  C CA  . LEU A 1 95  ? -1.182  3.143   8.511   1.00 3.14  ? 157 LEU A CA  1 
ATOM   781  C C   . LEU A 1 95  ? 0.027   3.109   9.431   1.00 3.58  ? 157 LEU A C   1 
ATOM   782  O O   . LEU A 1 95  ? 1.145   3.132   8.958   1.00 2.88  ? 157 LEU A O   1 
ATOM   783  C CB  . LEU A 1 95  ? -1.201  1.895   7.623   1.00 3.96  ? 157 LEU A CB  1 
ATOM   784  C CG  . LEU A 1 95  ? -1.097  0.566   8.363   1.00 7.33  ? 157 LEU A CG  1 
ATOM   785  C CD1 . LEU A 1 95  ? -2.277  0.389   9.321   1.00 7.60  ? 157 LEU A CD1 1 
ATOM   786  C CD2 . LEU A 1 95  ? -1.025  -0.597  7.365   1.00 5.23  ? 157 LEU A CD2 1 
ATOM   787  N N   . THR A 1 96  ? -0.215  3.083   10.734  1.00 3.97  ? 158 THR A N   1 
ATOM   788  C CA  . THR A 1 96  ? 0.845   3.040   11.739  1.00 4.37  ? 158 THR A CA  1 
ATOM   789  C C   . THR A 1 96  ? 0.908   1.618   12.275  1.00 4.24  ? 158 THR A C   1 
ATOM   790  O O   . THR A 1 96  ? -0.105  1.069   12.711  1.00 5.94  ? 158 THR A O   1 
ATOM   791  C CB  . THR A 1 96  ? 0.572   4.056   12.862  1.00 10.90 ? 158 THR A CB  1 
ATOM   792  O OG1 . THR A 1 96  ? 0.416   5.356   12.279  1.00 6.75  ? 158 THR A OG1 1 
ATOM   793  C CG2 . THR A 1 96  ? 1.709   4.082   13.871  1.00 9.89  ? 158 THR A CG2 1 
ATOM   794  N N   . SER A 1 97  ? 2.090   1.017   12.232  1.00 4.95  ? 159 SER A N   1 
ATOM   795  C CA  . SER A 1 97  ? 2.184   -0.434  12.320  1.00 7.89  ? 159 SER A CA  1 
ATOM   796  C C   . SER A 1 97  ? 3.466   -0.925  12.965  1.00 9.98  ? 159 SER A C   1 
ATOM   797  O O   . SER A 1 97  ? 4.547   -0.457  12.624  1.00 6.91  ? 159 SER A O   1 
ATOM   798  C CB  . SER A 1 97  ? 2.085   -1.033  10.912  1.00 9.73  ? 159 SER A CB  1 
ATOM   799  O OG  . SER A 1 97  ? 2.426   -2.419  10.908  1.00 7.93  ? 159 SER A OG  1 
ATOM   800  N N   . ASP A 1 98  ? 3.357   -1.895  13.865  1.00 8.31  ? 160 ASP A N   1 
ATOM   801  C CA  . ASP A 1 98  ? 4.572   -2.543  14.348  1.00 13.13 ? 160 ASP A CA  1 
ATOM   802  C C   . ASP A 1 98  ? 4.795   -3.909  13.692  1.00 11.65 ? 160 ASP A C   1 
ATOM   803  O O   . ASP A 1 98  ? 5.722   -4.631  14.065  1.00 12.31 ? 160 ASP A O   1 
ATOM   804  C CB  . ASP A 1 98  ? 4.565   -2.675  15.877  1.00 15.66 ? 160 ASP A CB  1 
ATOM   805  C CG  . ASP A 1 98  ? 3.360   -3.400  16.406  1.00 23.84 ? 160 ASP A CG  1 
ATOM   806  O OD1 . ASP A 1 98  ? 2.647   -4.059  15.624  1.00 26.64 ? 160 ASP A OD1 1 
ATOM   807  O OD2 . ASP A 1 98  ? 3.125   -3.312  17.631  1.00 37.86 ? 160 ASP A OD2 1 
ATOM   808  N N   . THR A 1 99  ? 3.965   -4.250  12.705  1.00 6.10  ? 161 THR A N   1 
ATOM   809  C CA  . THR A 1 99  ? 4.143   -5.509  11.974  1.00 6.09  ? 161 THR A CA  1 
ATOM   810  C C   . THR A 1 99  ? 4.839   -5.315  10.628  1.00 5.75  ? 161 THR A C   1 
ATOM   811  O O   . THR A 1 99  ? 5.386   -6.259  10.070  1.00 6.84  ? 161 THR A O   1 
ATOM   812  C CB  . THR A 1 99  ? 2.798   -6.211  11.705  1.00 7.80  ? 161 THR A CB  1 
ATOM   813  O OG1 . THR A 1 99  ? 2.014   -5.400  10.820  1.00 8.20  ? 161 THR A OG1 1 
ATOM   814  C CG2 . THR A 1 99  ? 2.030   -6.425  13.002  1.00 9.89  ? 161 THR A CG2 1 
ATOM   815  N N   . LYS A 1 100 ? 4.759   -4.103  10.090  1.00 4.09  ? 162 LYS A N   1 
ATOM   816  C CA  . LYS A 1 100 ? 5.375   -3.763  8.802   1.00 4.53  ? 162 LYS A CA  1 
ATOM   817  C C   . LYS A 1 100 ? 4.687   -4.437  7.621   1.00 8.18  ? 162 LYS A C   1 
ATOM   818  O O   . LYS A 1 100 ? 5.298   -4.634  6.568   1.00 7.90  ? 162 LYS A O   1 
ATOM   819  C CB  . LYS A 1 100 ? 6.876   -4.110  8.790   1.00 3.40  ? 162 LYS A CB  1 
ATOM   820  C CG  . LYS A 1 100 ? 7.706   -3.257  9.722   1.00 5.85  ? 162 LYS A CG  1 
ATOM   821  C CD  . LYS A 1 100 ? 9.163   -3.715  9.753   1.00 10.06 ? 162 LYS A CD  1 
ATOM   822  C CE  . LYS A 1 100 ? 9.837   -3.542  8.397   1.00 11.46 ? 162 LYS A CE  1 
ATOM   823  N NZ  . LYS A 1 100 ? 11.198  -4.199  8.408   1.00 15.82 ? 162 LYS A NZ  1 
ATOM   824  N N   . LEU A 1 101 ? 3.410   -4.755  7.788   1.00 3.54  ? 163 LEU A N   1 
ATOM   825  C CA  . LEU A 1 101 ? 2.624   -5.348  6.716   1.00 3.90  ? 163 LEU A CA  1 
ATOM   826  C C   . LEU A 1 101 ? 1.561   -4.374  6.256   1.00 3.53  ? 163 LEU A C   1 
ATOM   827  O O   . LEU A 1 101 ? 0.992   -3.638  7.072   1.00 6.13  ? 163 LEU A O   1 
ATOM   828  C CB  . LEU A 1 101 ? 1.968   -6.654  7.175   1.00 4.58  ? 163 LEU A CB  1 
ATOM   829  C CG  . LEU A 1 101 ? 2.909   -7.780  7.610   1.00 7.36  ? 163 LEU A CG  1 
ATOM   830  C CD1 . LEU A 1 101 ? 2.120   -8.960  8.139   1.00 6.62  ? 163 LEU A CD1 1 
ATOM   831  C CD2 . LEU A 1 101 ? 3.789   -8.207  6.436   1.00 11.12 ? 163 LEU A CD2 1 
ATOM   832  N N   . ALA A 1 102 ? 1.292   -4.366  4.952   1.00 4.23  ? 164 ALA A N   1 
ATOM   833  C CA  . ALA A 1 102 ? 0.191   -3.567  4.410   1.00 4.81  ? 164 ALA A CA  1 
ATOM   834  C C   . ALA A 1 102 ? -0.544  -4.372  3.353   1.00 5.53  ? 164 ALA A C   1 
ATOM   835  O O   . ALA A 1 102 ? -0.128  -5.469  2.991   1.00 3.44  ? 164 ALA A O   1 
ATOM   836  C CB  . ALA A 1 102 ? 0.691   -2.227  3.826   1.00 5.63  ? 164 ALA A CB  1 
ATOM   837  N N   . GLY A 1 103 ? -1.648  -3.837  2.852   1.00 5.03  ? 165 GLY A N   1 
ATOM   838  C CA  . GLY A 1 103 ? -2.438  -4.596  1.894   1.00 4.34  ? 165 GLY A CA  1 
ATOM   839  C C   . GLY A 1 103 ? -2.997  -3.763  0.757   1.00 6.01  ? 165 GLY A C   1 
ATOM   840  O O   . GLY A 1 103 ? -3.072  -2.543  0.838   1.00 3.53  ? 165 GLY A O   1 
ATOM   841  N N   . PHE A 1 104 ? -3.385  -4.449  -0.310  1.00 2.82  ? 166 PHE A N   1 
ATOM   842  C CA  . PHE A 1 104 ? -3.983  -3.814  -1.479  1.00 5.12  ? 166 PHE A CA  1 
ATOM   843  C C   . PHE A 1 104 ? -5.037  -4.761  -2.063  1.00 4.64  ? 166 PHE A C   1 
ATOM   844  O O   . PHE A 1 104 ? -4.755  -5.930  -2.250  1.00 4.90  ? 166 PHE A O   1 
ATOM   845  C CB  . PHE A 1 104 ? -2.894  -3.498  -2.508  1.00 5.85  ? 166 PHE A CB  1 
ATOM   846  C CG  . PHE A 1 104 ? -3.419  -2.908  -3.784  1.00 6.04  ? 166 PHE A CG  1 
ATOM   847  C CD1 . PHE A 1 104 ? -3.500  -1.539  -3.936  1.00 19.90 ? 166 PHE A CD1 1 
ATOM   848  C CD2 . PHE A 1 104 ? -3.823  -3.728  -4.824  1.00 9.40  ? 166 PHE A CD2 1 
ATOM   849  C CE1 . PHE A 1 104 ? -3.971  -0.995  -5.120  1.00 27.75 ? 166 PHE A CE1 1 
ATOM   850  C CE2 . PHE A 1 104 ? -4.317  -3.190  -6.002  1.00 19.18 ? 166 PHE A CE2 1 
ATOM   851  C CZ  . PHE A 1 104 ? -4.387  -1.824  -6.146  1.00 16.22 ? 166 PHE A CZ  1 
ATOM   852  N N   . LEU A 1 105 ? -6.243  -4.259  -2.327  1.00 3.00  ? 167 LEU A N   1 
ATOM   853  C CA  . LEU A 1 105 ? -7.313  -5.085  -2.873  1.00 2.14  ? 167 LEU A CA  1 
ATOM   854  C C   . LEU A 1 105 ? -8.098  -4.356  -3.960  1.00 2.93  ? 167 LEU A C   1 
ATOM   855  O O   . LEU A 1 105 ? -8.423  -3.177  -3.798  1.00 3.75  ? 167 LEU A O   1 
ATOM   856  C CB  . LEU A 1 105 ? -8.278  -5.506  -1.762  1.00 3.02  ? 167 LEU A CB  1 
ATOM   857  C CG  . LEU A 1 105 ? -9.596  -6.129  -2.227  1.00 5.23  ? 167 LEU A CG  1 
ATOM   858  C CD1 . LEU A 1 105 ? -9.323  -7.501  -2.770  1.00 5.46  ? 167 LEU A CD1 1 
ATOM   859  C CD2 . LEU A 1 105 ? -10.617 -6.187  -1.099  1.00 4.63  ? 167 LEU A CD2 1 
ATOM   860  N N   . LYS A 1 106 ? -8.397  -5.054  -5.055  1.00 3.47  ? 168 LYS A N   1 
ATOM   861  C CA  . LYS A 1 106 ? -9.382  -4.569  -6.037  1.00 3.57  ? 168 LYS A CA  1 
ATOM   862  C C   . LYS A 1 106 ? -10.710 -5.290  -5.796  1.00 5.94  ? 168 LYS A C   1 
ATOM   863  O O   . LYS A 1 106 ? -10.746 -6.509  -5.840  1.00 8.02  ? 168 LYS A O   1 
ATOM   864  C CB  . LYS A 1 106 ? -8.885  -4.822  -7.469  1.00 2.14  ? 168 LYS A CB  1 
ATOM   865  C CG  . LYS A 1 106 ? -7.629  -4.027  -7.801  1.00 7.04  ? 168 LYS A CG  1 
ATOM   866  C CD  . LYS A 1 106 ? -6.851  -4.627  -8.950  1.00 13.88 ? 168 LYS A CD  1 
ATOM   867  C CE  . LYS A 1 106 ? -7.657  -4.656  -10.223 1.00 13.47 ? 168 LYS A CE  1 
ATOM   868  N NZ  . LYS A 1 106 ? -6.743  -4.974  -11.364 1.00 14.43 ? 168 LYS A NZ  1 
ATOM   869  N N   . HIS A 1 107 ? -11.783 -4.547  -5.527  1.00 3.94  ? 169 HIS A N   1 
ATOM   870  C CA  . HIS A 1 107 ? -13.095 -5.170  -5.331  1.00 4.86  ? 169 HIS A CA  1 
ATOM   871  C C   . HIS A 1 107 ? -14.237 -4.230  -5.701  1.00 7.52  ? 169 HIS A C   1 
ATOM   872  O O   . HIS A 1 107 ? -14.265 -3.072  -5.268  1.00 6.82  ? 169 HIS A O   1 
ATOM   873  C CB  . HIS A 1 107 ? -13.283 -5.630  -3.878  1.00 5.75  ? 169 HIS A CB  1 
ATOM   874  C CG  . HIS A 1 107 ? -14.638 -6.211  -3.614  1.00 7.07  ? 169 HIS A CG  1 
ATOM   875  N ND1 . HIS A 1 107 ? -15.034 -7.434  -4.112  1.00 9.53  ? 169 HIS A ND1 1 
ATOM   876  C CD2 . HIS A 1 107 ? -15.709 -5.709  -2.956  1.00 7.97  ? 169 HIS A CD2 1 
ATOM   877  C CE1 . HIS A 1 107 ? -16.279 -7.674  -3.746  1.00 9.99  ? 169 HIS A CE1 1 
ATOM   878  N NE2 . HIS A 1 107 ? -16.717 -6.638  -3.051  1.00 6.75  ? 169 HIS A NE2 1 
ATOM   879  N N   . TYR A 1 108 ? -15.173 -4.752  -6.492  1.00 6.80  ? 170 TYR A N   1 
ATOM   880  C CA  . TYR A 1 108 ? -16.415 -4.061  -6.862  1.00 5.04  ? 170 TYR A CA  1 
ATOM   881  C C   . TYR A 1 108 ? -16.103 -2.800  -7.655  1.00 8.86  ? 170 TYR A C   1 
ATOM   882  O O   . TYR A 1 108 ? -15.782 -2.882  -8.834  1.00 9.06  ? 170 TYR A O   1 
ATOM   883  C CB  . TYR A 1 108 ? -17.254 -3.764  -5.615  1.00 8.51  ? 170 TYR A CB  1 
ATOM   884  C CG  . TYR A 1 108 ? -18.703 -3.376  -5.889  1.00 8.37  ? 170 TYR A CG  1 
ATOM   885  C CD1 . TYR A 1 108 ? -19.596 -4.277  -6.470  1.00 10.97 ? 170 TYR A CD1 1 
ATOM   886  C CD2 . TYR A 1 108 ? -19.174 -2.118  -5.544  1.00 10.71 ? 170 TYR A CD2 1 
ATOM   887  C CE1 . TYR A 1 108 ? -20.915 -3.916  -6.725  1.00 11.97 ? 170 TYR A CE1 1 
ATOM   888  C CE2 . TYR A 1 108 ? -20.488 -1.754  -5.786  1.00 16.77 ? 170 TYR A CE2 1 
ATOM   889  C CZ  . TYR A 1 108 ? -21.352 -2.656  -6.372  1.00 15.15 ? 170 TYR A CZ  1 
ATOM   890  O OH  . TYR A 1 108 ? -22.658 -2.284  -6.610  1.00 20.94 ? 170 TYR A OH  1 
ATOM   891  N N   . ASN A 1 109 ? -16.185 -1.636  -7.023  1.00 6.27  ? 171 ASN A N   1 
ATOM   892  C CA  . ASN A 1 109 ? -15.887 -0.397  -7.730  1.00 7.92  ? 171 ASN A CA  1 
ATOM   893  C C   . ASN A 1 109 ? -14.705 0.361   -7.127  1.00 7.98  ? 171 ASN A C   1 
ATOM   894  O O   . ASN A 1 109 ? -14.560 1.549   -7.356  1.00 8.69  ? 171 ASN A O   1 
ATOM   895  C CB  . ASN A 1 109 ? -17.118 0.513   -7.738  1.00 6.34  ? 171 ASN A CB  1 
ATOM   896  C CG  . ASN A 1 109 ? -17.503 0.981   -6.340  1.00 11.31 ? 171 ASN A CG  1 
ATOM   897  O OD1 . ASN A 1 109 ? -17.025 0.437   -5.346  1.00 14.83 ? 171 ASN A OD1 1 
ATOM   898  N ND2 . ASN A 1 109 ? -18.365 1.997   -6.258  1.00 15.30 ? 171 ASN A ND2 1 
ATOM   899  N N   . SER A 1 110 ? -13.865 -0.319  -6.354  1.00 7.29  ? 172 SER A N   1 
ATOM   900  C CA  . SER A 1 110 ? -12.885 0.391   -5.540  1.00 5.47  ? 172 SER A CA  1 
ATOM   901  C C   . SER A 1 110 ? -11.576 -0.355  -5.359  1.00 9.85  ? 172 SER A C   1 
ATOM   902  O O   . SER A 1 110 ? -11.516 -1.582  -5.479  1.00 5.34  ? 172 SER A O   1 
ATOM   903  C CB  . SER A 1 110 ? -13.451 0.669   -4.144  1.00 7.95  ? 172 SER A CB  1 
ATOM   904  O OG  . SER A 1 110 ? -14.572 1.538   -4.171  1.00 14.59 ? 172 SER A OG  1 
ATOM   905  N N   . VAL A 1 111 ? -10.540 0.412   -5.032  1.00 4.33  ? 173 VAL A N   1 
ATOM   906  C CA  . VAL A 1 111 ? -9.283  -0.126  -4.527  1.00 5.08  ? 173 VAL A CA  1 
ATOM   907  C C   . VAL A 1 111 ? -9.286  0.078   -3.011  1.00 7.57  ? 173 VAL A C   1 
ATOM   908  O O   . VAL A 1 111 ? -9.613  1.165   -2.535  1.00 7.59  ? 173 VAL A O   1 
ATOM   909  C CB  . VAL A 1 111 ? -8.069  0.578   -5.167  1.00 9.34  ? 173 VAL A CB  1 
ATOM   910  C CG1 . VAL A 1 111 ? -6.831  0.383   -4.313  1.00 26.03 ? 173 VAL A CG1 1 
ATOM   911  C CG2 . VAL A 1 111 ? -7.866  0.117   -6.612  1.00 8.24  ? 173 VAL A CG2 1 
ATOM   912  N N   . TRP A 1 112 ? -8.948  -0.969  -2.262  1.00 2.79  ? 174 TRP A N   1 
ATOM   913  C CA  . TRP A 1 112 ? -8.946  -0.926  -0.799  1.00 4.76  ? 174 TRP A CA  1 
ATOM   914  C C   . TRP A 1 112 ? -7.535  -1.008  -0.229  1.00 3.26  ? 174 TRP A C   1 
ATOM   915  O O   . TRP A 1 112 ? -6.689  -1.721  -0.754  1.00 2.85  ? 174 TRP A O   1 
ATOM   916  C CB  . TRP A 1 112 ? -9.788  -2.076  -0.235  1.00 8.30  ? 174 TRP A CB  1 
ATOM   917  C CG  . TRP A 1 112 ? -11.244 -1.954  -0.587  1.00 4.34  ? 174 TRP A CG  1 
ATOM   918  C CD1 . TRP A 1 112 ? -11.843 -2.282  -1.781  1.00 4.86  ? 174 TRP A CD1 1 
ATOM   919  C CD2 . TRP A 1 112 ? -12.282 -1.457  0.261   1.00 4.19  ? 174 TRP A CD2 1 
ATOM   920  N NE1 . TRP A 1 112 ? -13.192 -2.023  -1.712  1.00 4.58  ? 174 TRP A NE1 1 
ATOM   921  C CE2 . TRP A 1 112 ? -13.484 -1.502  -0.477  1.00 8.24  ? 174 TRP A CE2 1 
ATOM   922  C CE3 . TRP A 1 112 ? -12.310 -0.971  1.572   1.00 4.95  ? 174 TRP A CE3 1 
ATOM   923  C CZ2 . TRP A 1 112 ? -14.706 -1.088  0.060   1.00 8.27  ? 174 TRP A CZ2 1 
ATOM   924  C CZ3 . TRP A 1 112 ? -13.526 -0.551  2.104   1.00 5.21  ? 174 TRP A CZ3 1 
ATOM   925  C CH2 . TRP A 1 112 ? -14.704 -0.613  1.346   1.00 6.00  ? 174 TRP A CH2 1 
ATOM   926  N N   . THR A 1 113 ? -7.306  -0.270  0.851   1.00 5.25  ? 175 THR A N   1 
ATOM   927  C CA  . THR A 1 113 ? -6.058  -0.313  1.602   1.00 4.87  ? 175 THR A CA  1 
ATOM   928  C C   . THR A 1 113 ? -6.378  -0.307  3.096   1.00 7.03  ? 175 THR A C   1 
ATOM   929  O O   . THR A 1 113 ? -7.525  -0.086  3.479   1.00 5.70  ? 175 THR A O   1 
ATOM   930  C CB  . THR A 1 113 ? -5.150  0.889   1.280   1.00 7.37  ? 175 THR A CB  1 
ATOM   931  O OG1 . THR A 1 113 ? -5.921  2.100   1.361   1.00 10.03 ? 175 THR A OG1 1 
ATOM   932  C CG2 . THR A 1 113 ? -4.540  0.773   -0.122  1.00 9.94  ? 175 THR A CG2 1 
ATOM   933  N N   . PHE A 1 114 ? -5.366  -0.532  3.939   1.00 3.54  ? 176 PHE A N   1 
ATOM   934  C CA  . PHE A 1 114 ? -5.547  -0.446  5.391   1.00 3.91  ? 176 PHE A CA  1 
ATOM   935  C C   . PHE A 1 114 ? -5.075  0.909   5.930   1.00 3.45  ? 176 PHE A C   1 
ATOM   936  O O   . PHE A 1 114 ? -4.128  1.504   5.407   1.00 5.05  ? 176 PHE A O   1 
ATOM   937  C CB  . PHE A 1 114 ? -4.786  -1.579  6.096   1.00 6.94  ? 176 PHE A CB  1 
ATOM   938  C CG  . PHE A 1 114 ? -5.480  -2.909  6.026   1.00 5.80  ? 176 PHE A CG  1 
ATOM   939  C CD1 . PHE A 1 114 ? -5.334  -3.728  4.926   1.00 3.83  ? 176 PHE A CD1 1 
ATOM   940  C CD2 . PHE A 1 114 ? -6.289  -3.327  7.073   1.00 5.59  ? 176 PHE A CD2 1 
ATOM   941  C CE1 . PHE A 1 114 ? -5.987  -4.949  4.863   1.00 9.85  ? 176 PHE A CE1 1 
ATOM   942  C CE2 . PHE A 1 114 ? -6.928  -4.550  7.028   1.00 8.40  ? 176 PHE A CE2 1 
ATOM   943  C CZ  . PHE A 1 114 ? -6.787  -5.361  5.921   1.00 8.20  ? 176 PHE A CZ  1 
ATOM   944  N N   . HIS A 1 115 ? -5.734  1.391   6.981   1.00 5.25  ? 177 HIS A N   1 
ATOM   945  C CA  . HIS A 1 115 ? -5.307  2.613   7.651   1.00 5.52  ? 177 HIS A CA  1 
ATOM   946  C C   . HIS A 1 115 ? -5.530  2.453   9.142   1.00 5.22  ? 177 HIS A C   1 
ATOM   947  O O   . HIS A 1 115 ? -6.095  1.454   9.592   1.00 5.01  ? 177 HIS A O   1 
ATOM   948  C CB  . HIS A 1 115 ? -6.076  3.827   7.127   1.00 4.69  ? 177 HIS A CB  1 
ATOM   949  C CG  . HIS A 1 115 ? -7.521  3.815   7.511   1.00 6.68  ? 177 HIS A CG  1 
ATOM   950  N ND1 . HIS A 1 115 ? -8.020  4.553   8.562   1.00 9.36  ? 177 HIS A ND1 1 
ATOM   951  C CD2 . HIS A 1 115 ? -8.568  3.114   7.010   1.00 9.68  ? 177 HIS A CD2 1 
ATOM   952  C CE1 . HIS A 1 115 ? -9.318  4.322   8.683   1.00 14.16 ? 177 HIS A CE1 1 
ATOM   953  N NE2 . HIS A 1 115 ? -9.672  3.446   7.758   1.00 12.20 ? 177 HIS A NE2 1 
ATOM   954  N N   . GLY A 1 116 ? -5.095  3.438   9.911   1.00 5.92  ? 178 GLY A N   1 
ATOM   955  C CA  . GLY A 1 116 ? -5.275  3.391   11.347  1.00 9.22  ? 178 GLY A CA  1 
ATOM   956  C C   . GLY A 1 116 ? -4.002  2.958   12.039  1.00 5.93  ? 178 GLY A C   1 
ATOM   957  O O   . GLY A 1 116 ? -2.906  3.175   11.529  1.00 4.72  ? 178 GLY A O   1 
ATOM   958  N N   . GLU A 1 117 ? -4.144  2.347   13.208  1.00 8.64  ? 179 GLU A N   1 
ATOM   959  C CA  . GLU A 1 117 ? -2.977  1.932   13.968  1.00 6.58  ? 179 GLU A CA  1 
ATOM   960  C C   . GLU A 1 117 ? -3.166  0.518   14.491  1.00 7.18  ? 179 GLU A C   1 
ATOM   961  O O   . GLU A 1 117 ? -4.200  0.191   15.070  1.00 10.43 ? 179 GLU A O   1 
ATOM   962  C CB  . GLU A 1 117 ? -2.701  2.893   15.126  1.00 12.69 ? 179 GLU A CB  1 
ATOM   963  C CG  . GLU A 1 117 ? -1.445  2.514   15.905  1.00 12.80 ? 179 GLU A CG  1 
ATOM   964  C CD  . GLU A 1 117 ? -1.199  3.387   17.121  1.00 25.86 ? 179 GLU A CD  1 
ATOM   965  O OE1 . GLU A 1 117 ? -2.058  4.233   17.443  1.00 27.91 ? 179 GLU A OE1 1 
ATOM   966  O OE2 . GLU A 1 117 ? -0.145  3.204   17.769  1.00 22.41 ? 179 GLU A OE2 1 
ATOM   967  N N   . THR A 1 118 ? -2.170  -0.330  14.255  1.00 9.88  ? 180 THR A N   1 
ATOM   968  C CA  . THR A 1 118 ? -2.204  -1.692  14.756  1.00 7.83  ? 180 THR A CA  1 
ATOM   969  C C   . THR A 1 118 ? -2.300  -1.637  16.279  1.00 11.93 ? 180 THR A C   1 
ATOM   970  O O   . THR A 1 118 ? -1.770  -0.718  16.896  1.00 8.32  ? 180 THR A O   1 
ATOM   971  C CB  . THR A 1 118 ? -0.954  -2.475  14.305  1.00 4.85  ? 180 THR A CB  1 
ATOM   972  O OG1 . THR A 1 118 ? 0.226   -1.829  14.793  1.00 9.21  ? 180 THR A OG1 1 
ATOM   973  C CG2 . THR A 1 118 ? -0.894  -2.519  12.785  1.00 6.55  ? 180 THR A CG2 1 
ATOM   974  N N   . PRO A 1 119 ? -2.975  -2.615  16.896  1.00 10.94 ? 181 PRO A N   1 
ATOM   975  C CA  . PRO A 1 119 ? -3.596  -3.803  16.299  1.00 6.74  ? 181 PRO A CA  1 
ATOM   976  C C   . PRO A 1 119 ? -5.069  -3.618  15.919  1.00 10.20 ? 181 PRO A C   1 
ATOM   977  O O   . PRO A 1 119 ? -5.798  -4.610  15.894  1.00 10.29 ? 181 PRO A O   1 
ATOM   978  C CB  . PRO A 1 119 ? -3.453  -4.845  17.408  1.00 6.46  ? 181 PRO A CB  1 
ATOM   979  C CG  . PRO A 1 119 ? -3.571  -4.044  18.665  1.00 10.74 ? 181 PRO A CG  1 
ATOM   980  C CD  . PRO A 1 119 ? -3.023  -2.658  18.369  1.00 12.11 ? 181 PRO A CD  1 
ATOM   981  N N   . HIS A 1 120 ? -5.471  -2.390  15.594  1.00 8.48  ? 182 HIS A N   1 
ATOM   982  C CA  . HIS A 1 120 ? -6.849  -2.082  15.233  1.00 10.11 ? 182 HIS A CA  1 
ATOM   983  C C   . HIS A 1 120 ? -6.967  -1.366  13.884  1.00 11.38 ? 182 HIS A C   1 
ATOM   984  O O   . HIS A 1 120 ? -7.794  -0.472  13.723  1.00 10.54 ? 182 HIS A O   1 
ATOM   985  C CB  . HIS A 1 120 ? -7.482  -1.233  16.335  1.00 13.41 ? 182 HIS A CB  1 
ATOM   986  C CG  . HIS A 1 120 ? -7.456  -1.899  17.670  1.00 17.56 ? 182 HIS A CG  1 
ATOM   987  N ND1 . HIS A 1 120 ? -8.268  -2.970  17.978  1.00 24.97 ? 182 HIS A ND1 1 
ATOM   988  C CD2 . HIS A 1 120 ? -6.682  -1.686  18.760  1.00 18.01 ? 182 HIS A CD2 1 
ATOM   989  C CE1 . HIS A 1 120 ? -8.010  -3.374  19.208  1.00 24.02 ? 182 HIS A CE1 1 
ATOM   990  N NE2 . HIS A 1 120 ? -7.050  -2.613  19.703  1.00 23.49 ? 182 HIS A NE2 1 
ATOM   991  N N   . ALA A 1 121 ? -6.138  -1.766  12.924  1.00 10.05 ? 183 ALA A N   1 
ATOM   992  C CA  . ALA A 1 121 ? -6.183  -1.217  11.565  1.00 9.20  ? 183 ALA A CA  1 
ATOM   993  C C   . ALA A 1 121 ? -7.453  -1.659  10.856  1.00 11.76 ? 183 ALA A C   1 
ATOM   994  O O   . ALA A 1 121 ? -7.930  -2.769  11.066  1.00 13.58 ? 183 ALA A O   1 
ATOM   995  C CB  . ALA A 1 121 ? -4.951  -1.671  10.767  1.00 11.25 ? 183 ALA A CB  1 
ATOM   996  N N   . THR A 1 122 ? -7.988  -0.805  9.994   1.00 7.54  ? 184 THR A N   1 
ATOM   997  C CA  . THR A 1 122 ? -9.227  -1.132  9.292   1.00 8.36  ? 184 THR A CA  1 
ATOM   998  C C   . THR A 1 122 ? -9.095  -0.777  7.818   1.00 9.00  ? 184 THR A C   1 
ATOM   999  O O   . THR A 1 122 ? -8.094  -0.205  7.414   1.00 6.19  ? 184 THR A O   1 
ATOM   1000 C CB  . THR A 1 122 ? -10.426 -0.391  9.894   1.00 12.49 ? 184 THR A CB  1 
ATOM   1001 O OG1 . THR A 1 122 ? -10.193 1.019   9.833   1.00 12.15 ? 184 THR A OG1 1 
ATOM   1002 C CG2 . THR A 1 122 ? -10.643 -0.787  11.341  1.00 16.69 ? 184 THR A CG2 1 
ATOM   1003 N N   . THR A 1 123 ? -10.111 -1.098  7.020   1.00 6.71  ? 185 THR A N   1 
ATOM   1004 C CA  . THR A 1 123 ? -10.040 -0.908  5.576   1.00 8.06  ? 185 THR A CA  1 
ATOM   1005 C C   . THR A 1 123 ? -10.769 0.357   5.126   1.00 7.18  ? 185 THR A C   1 
ATOM   1006 O O   . THR A 1 123 ? -11.755 0.766   5.746   1.00 7.79  ? 185 THR A O   1 
ATOM   1007 C CB  . THR A 1 123 ? -10.658 -2.112  4.832   1.00 7.41  ? 185 THR A CB  1 
ATOM   1008 O OG1 . THR A 1 123 ? -12.002 -2.286  5.279   1.00 7.36  ? 185 THR A OG1 1 
ATOM   1009 C CG2 . THR A 1 123 ? -9.874  -3.384  5.112   1.00 5.15  ? 185 THR A CG2 1 
ATOM   1010 N N   . ASP A 1 124 ? -10.298 0.970   4.047   1.00 6.58  ? 186 ASP A N   1 
ATOM   1011 C CA  . ASP A 1 124 ? -11.040 2.084   3.422   1.00 5.30  ? 186 ASP A CA  1 
ATOM   1012 C C   . ASP A 1 124 ? -10.726 2.099   1.928   1.00 6.50  ? 186 ASP A C   1 
ATOM   1013 O O   . ASP A 1 124 ? -9.803  1.424   1.490   1.00 4.29  ? 186 ASP A O   1 
ATOM   1014 C CB  . ASP A 1 124 ? -10.694 3.428   4.091   1.00 8.85  ? 186 ASP A CB  1 
ATOM   1015 C CG  . ASP A 1 124 ? -11.695 4.548   3.760   1.00 15.92 ? 186 ASP A CG  1 
ATOM   1016 O OD1 . ASP A 1 124 ? -12.828 4.273   3.281   1.00 10.26 ? 186 ASP A OD1 1 
ATOM   1017 O OD2 . ASP A 1 124 ? -11.338 5.724   3.998   1.00 17.13 ? 186 ASP A OD2 1 
ATOM   1018 N N   . TYR A 1 125 ? -11.497 2.852   1.143   1.00 4.54  ? 187 TYR A N   1 
ATOM   1019 C CA  . TYR A 1 125 ? -11.469 2.667   -0.306  1.00 4.31  ? 187 TYR A CA  1 
ATOM   1020 C C   . TYR A 1 125 ? -11.302 3.954   -1.091  1.00 8.44  ? 187 TYR A C   1 
ATOM   1021 O O   . TYR A 1 125 ? -11.560 5.038   -0.574  1.00 6.12  ? 187 TYR A O   1 
ATOM   1022 C CB  . TYR A 1 125 ? -12.761 1.965   -0.778  1.00 5.47  ? 187 TYR A CB  1 
ATOM   1023 C CG  . TYR A 1 125 ? -14.024 2.802   -0.631  1.00 4.58  ? 187 TYR A CG  1 
ATOM   1024 C CD1 . TYR A 1 125 ? -14.782 2.762   0.539   1.00 6.48  ? 187 TYR A CD1 1 
ATOM   1025 C CD2 . TYR A 1 125 ? -14.465 3.628   -1.665  1.00 11.47 ? 187 TYR A CD2 1 
ATOM   1026 C CE1 . TYR A 1 125 ? -15.935 3.527   0.672   1.00 13.72 ? 187 TYR A CE1 1 
ATOM   1027 C CE2 . TYR A 1 125 ? -15.618 4.396   -1.537  1.00 11.46 ? 187 TYR A CE2 1 
ATOM   1028 C CZ  . TYR A 1 125 ? -16.342 4.341   -0.368  1.00 13.11 ? 187 TYR A CZ  1 
ATOM   1029 O OH  . TYR A 1 125 ? -17.489 5.096   -0.238  1.00 20.94 ? 187 TYR A OH  1 
ATOM   1030 N N   . SER A 1 126 ? -10.889 3.800   -2.348  1.00 6.65  ? 188 SER A N   1 
ATOM   1031 C CA  . SER A 1 126 ? -10.954 4.855   -3.361  1.00 8.96  ? 188 SER A CA  1 
ATOM   1032 C C   . SER A 1 126 ? -11.699 4.320   -4.573  1.00 8.02  ? 188 SER A C   1 
ATOM   1033 O O   . SER A 1 126 ? -11.298 3.316   -5.148  1.00 5.91  ? 188 SER A O   1 
ATOM   1034 C CB  . SER A 1 126 ? -9.562  5.320   -3.791  1.00 8.62  ? 188 SER A CB  1 
ATOM   1035 O OG  . SER A 1 126 ? -8.821  5.831   -2.698  1.00 8.64  ? 188 SER A OG  1 
ATOM   1036 N N   . SER A 1 127 ? -12.772 4.984   -4.979  1.00 5.45  ? 189 SER A N   1 
ATOM   1037 C CA  . SER A 1 127 ? -13.583 4.411   -6.054  1.00 9.02  ? 189 SER A CA  1 
ATOM   1038 C C   . SER A 1 127 ? -13.019 4.734   -7.435  1.00 11.81 ? 189 SER A C   1 
ATOM   1039 O O   . SER A 1 127 ? -12.247 5.678   -7.616  1.00 7.39  ? 189 SER A O   1 
ATOM   1040 C CB  . SER A 1 127 ? -15.039 4.876   -5.945  1.00 15.64 ? 189 SER A CB  1 
ATOM   1041 O OG  . SER A 1 127 ? -15.133 6.280   -6.014  1.00 17.62 ? 189 SER A OG  1 
ATOM   1042 N N   . THR A 1 128 ? -13.390 3.917   -8.412  1.00 10.61 ? 190 THR A N   1 
ATOM   1043 C CA  . THR A 1 128 ? -12.875 4.047   -9.770  1.00 6.57  ? 190 THR A CA  1 
ATOM   1044 C C   . THR A 1 128 ? -13.924 3.547   -10.757 1.00 14.22 ? 190 THR A C   1 
ATOM   1045 O O   . THR A 1 128 ? -14.744 2.705   -10.406 1.00 14.36 ? 190 THR A O   1 
ATOM   1046 C CB  . THR A 1 128 ? -11.568 3.259   -9.957  1.00 9.91  ? 190 THR A CB  1 
ATOM   1047 O OG1 . THR A 1 128 ? -11.226 3.194   -11.346 1.00 12.85 ? 190 THR A OG1 1 
ATOM   1048 C CG2 . THR A 1 128 ? -11.705 1.845   -9.412  1.00 16.53 ? 190 THR A CG2 1 
ATOM   1049 N N   . SER A 1 129 ? -13.919 4.081   -11.976 1.00 10.89 ? 191 SER A N   1 
ATOM   1050 C CA  . SER A 1 129 ? -14.790 3.548   -13.017 1.00 11.98 ? 191 SER A CA  1 
ATOM   1051 C C   . SER A 1 129 ? -14.001 2.661   -13.970 1.00 16.56 ? 191 SER A C   1 
ATOM   1052 O O   . SER A 1 129 ? -14.499 2.281   -15.030 1.00 15.08 ? 191 SER A O   1 
ATOM   1053 C CB  . SER A 1 129 ? -15.474 4.681   -13.792 1.00 15.22 ? 191 SER A CB  1 
ATOM   1054 O OG  . SER A 1 129 ? -14.497 5.538   -14.348 1.00 18.82 ? 191 SER A OG  1 
ATOM   1055 N N   . ASN A 1 130 ? -12.775 2.318   -13.586 1.00 10.29 ? 192 ASN A N   1 
ATOM   1056 C CA  . ASN A 1 130 ? -11.890 1.542   -14.456 1.00 9.83  ? 192 ASN A CA  1 
ATOM   1057 C C   . ASN A 1 130 ? -11.025 0.589   -13.621 1.00 7.78  ? 192 ASN A C   1 
ATOM   1058 O O   . ASN A 1 130 ? -9.803  0.542   -13.755 1.00 11.64 ? 192 ASN A O   1 
ATOM   1059 C CB  . ASN A 1 130 ? -11.036 2.496   -15.294 1.00 10.91 ? 192 ASN A CB  1 
ATOM   1060 C CG  . ASN A 1 130 ? -10.242 1.797   -16.386 1.00 14.78 ? 192 ASN A CG  1 
ATOM   1061 O OD1 . ASN A 1 130 ? -10.581 0.696   -16.823 1.00 13.19 ? 192 ASN A OD1 1 
ATOM   1062 N ND2 . ASN A 1 130 ? -9.174  2.452   -16.837 1.00 16.91 ? 192 ASN A ND2 1 
ATOM   1063 N N   . LEU A 1 131 ? -11.688 -0.169  -12.755 1.00 8.99  ? 193 LEU A N   1 
ATOM   1064 C CA  . LEU A 1 131 ? -11.003 -1.043  -11.803 1.00 8.73  ? 193 LEU A CA  1 
ATOM   1065 C C   . LEU A 1 131 ? -10.108 -2.077  -12.476 1.00 8.05  ? 193 LEU A C   1 
ATOM   1066 O O   . LEU A 1 131 ? -8.992  -2.328  -12.019 1.00 7.65  ? 193 LEU A O   1 
ATOM   1067 C CB  . LEU A 1 131 ? -12.023 -1.766  -10.923 1.00 7.27  ? 193 LEU A CB  1 
ATOM   1068 C CG  . LEU A 1 131 ? -11.420 -2.625  -9.806  1.00 6.98  ? 193 LEU A CG  1 
ATOM   1069 C CD1 . LEU A 1 131 ? -10.617 -1.728  -8.864  1.00 6.30  ? 193 LEU A CD1 1 
ATOM   1070 C CD2 . LEU A 1 131 ? -12.508 -3.384  -9.043  1.00 8.28  ? 193 LEU A CD2 1 
ATOM   1071 N N   . SER A 1 132 ? -10.612 -2.684  -13.553 1.00 10.27 ? 194 SER A N   1 
ATOM   1072 C CA  . SER A 1 132 ? -9.944  -3.820  -14.192 1.00 11.66 ? 194 SER A CA  1 
ATOM   1073 C C   . SER A 1 132 ? -8.549  -3.478  -14.692 1.00 8.93  ? 194 SER A C   1 
ATOM   1074 O O   . SER A 1 132 ? -7.674  -4.340  -14.774 1.00 15.27 ? 194 SER A O   1 
ATOM   1075 C CB  . SER A 1 132 ? -10.783 -4.338  -15.371 1.00 13.41 ? 194 SER A CB  1 
ATOM   1076 O OG  . SER A 1 132 ? -10.605 -3.521  -16.520 1.00 20.89 ? 194 SER A OG  1 
ATOM   1077 N N   . GLU A 1 133 ? -8.332  -2.214  -15.029 1.00 11.13 ? 195 GLU A N   1 
ATOM   1078 C CA  . GLU A 1 133 ? -7.048  -1.823  -15.589 1.00 7.47  ? 195 GLU A CA  1 
ATOM   1079 C C   . GLU A 1 133 ? -6.035  -1.317  -14.551 1.00 9.37  ? 195 GLU A C   1 
ATOM   1080 O O   . GLU A 1 133 ? -4.951  -0.855  -14.912 1.00 10.29 ? 195 GLU A O   1 
ATOM   1081 C CB  . GLU A 1 133 ? -7.259  -0.766  -16.672 1.00 11.63 ? 195 GLU A CB  1 
ATOM   1082 C CG  . GLU A 1 133 ? -7.938  -1.308  -17.934 1.00 16.61 ? 195 GLU A CG  1 
ATOM   1083 C CD  . GLU A 1 133 ? -7.058  -2.281  -18.712 1.00 35.57 ? 195 GLU A CD  1 
ATOM   1084 O OE1 . GLU A 1 133 ? -5.818  -2.141  -18.660 1.00 37.47 ? 195 GLU A OE1 1 
ATOM   1085 O OE2 . GLU A 1 133 ? -7.604  -3.188  -19.379 1.00 40.05 ? 195 GLU A OE2 1 
ATOM   1086 N N   . VAL A 1 134 ? -6.359  -1.428  -13.269 1.00 8.33  ? 196 VAL A N   1 
ATOM   1087 C CA  . VAL A 1 134 ? -5.386  -1.054  -12.247 1.00 5.92  ? 196 VAL A CA  1 
ATOM   1088 C C   . VAL A 1 134 ? -4.249  -2.063  -12.188 1.00 8.42  ? 196 VAL A C   1 
ATOM   1089 O O   . VAL A 1 134 ? -4.451  -3.219  -11.812 1.00 8.09  ? 196 VAL A O   1 
ATOM   1090 C CB  . VAL A 1 134 ? -6.027  -0.942  -10.853 1.00 8.89  ? 196 VAL A CB  1 
ATOM   1091 C CG1 . VAL A 1 134 ? -4.938  -0.697  -9.794  1.00 6.30  ? 196 VAL A CG1 1 
ATOM   1092 C CG2 . VAL A 1 134 ? -7.070  0.170   -10.832 1.00 6.97  ? 196 VAL A CG2 1 
ATOM   1093 N N   . GLU A 1 135 ? -3.053  -1.612  -12.544 1.00 8.01  ? 197 GLU A N   1 
ATOM   1094 C CA  . GLU A 1 135 ? -1.855  -2.440  -12.471 1.00 9.05  ? 197 GLU A CA  1 
ATOM   1095 C C   . GLU A 1 135 ? -0.971  -1.995  -11.301 1.00 10.81 ? 197 GLU A C   1 
ATOM   1096 O O   . GLU A 1 135 ? -0.821  -0.791  -11.038 1.00 13.44 ? 197 GLU A O   1 
ATOM   1097 C CB  . GLU A 1 135 ? -1.058  -2.377  -13.776 1.00 17.09 ? 197 GLU A CB  1 
ATOM   1098 C CG  . GLU A 1 135 ? 0.395   -2.826  -13.601 1.00 33.17 ? 197 GLU A CG  1 
ATOM   1099 C CD  . GLU A 1 135 ? 1.129   -3.048  -14.910 1.00 45.86 ? 197 GLU A CD  1 
ATOM   1100 O OE1 . GLU A 1 135 ? 0.942   -2.244  -15.851 1.00 53.20 ? 197 GLU A OE1 1 
ATOM   1101 O OE2 . GLU A 1 135 ? 1.905   -4.024  -14.988 1.00 38.36 ? 197 GLU A OE2 1 
ATOM   1102 N N   . THR A 1 136 ? -0.392  -2.965  -10.603 1.00 8.08  ? 198 THR A N   1 
ATOM   1103 C CA  . THR A 1 136 ? 0.449   -2.683  -9.440  1.00 6.73  ? 198 THR A CA  1 
ATOM   1104 C C   . THR A 1 136 ? 1.906   -3.083  -9.654  1.00 12.96 ? 198 THR A C   1 
ATOM   1105 O O   . THR A 1 136 ? 2.202   -4.210  -10.053 1.00 12.03 ? 198 THR A O   1 
ATOM   1106 C CB  . THR A 1 136 ? -0.084  -3.406  -8.195  1.00 9.10  ? 198 THR A CB  1 
ATOM   1107 O OG1 . THR A 1 136 ? -0.075  -4.820  -8.425  1.00 14.60 ? 198 THR A OG1 1 
ATOM   1108 C CG2 . THR A 1 136 ? -1.509  -2.960  -7.905  1.00 11.79 ? 198 THR A CG2 1 
ATOM   1109 N N   . THR A 1 137 ? 2.813   -2.145  -9.392  1.00 9.58  ? 199 THR A N   1 
ATOM   1110 C CA  . THR A 1 137 ? 4.226   -2.460  -9.335  1.00 8.60  ? 199 THR A CA  1 
ATOM   1111 C C   . THR A 1 137 ? 4.520   -2.673  -7.867  1.00 10.71 ? 199 THR A C   1 
ATOM   1112 O O   . THR A 1 137 ? 4.342   -1.764  -7.044  1.00 7.49  ? 199 THR A O   1 
ATOM   1113 C CB  . THR A 1 137 ? 5.101   -1.344  -9.939  1.00 15.08 ? 199 THR A CB  1 
ATOM   1114 O OG1 . THR A 1 137 ? 4.847   -1.263  -11.347 1.00 17.87 ? 199 THR A OG1 1 
ATOM   1115 C CG2 . THR A 1 137 ? 6.559   -1.640  -9.743  1.00 15.12 ? 199 THR A CG2 1 
ATOM   1116 N N   . ILE A 1 138 ? 4.919   -3.890  -7.530  1.00 5.53  ? 200 ILE A N   1 
ATOM   1117 C CA  . ILE A 1 138 ? 5.122   -4.247  -6.136  1.00 5.15  ? 200 ILE A CA  1 
ATOM   1118 C C   . ILE A 1 138 ? 6.608   -4.371  -5.904  1.00 9.02  ? 200 ILE A C   1 
ATOM   1119 O O   . ILE A 1 138 ? 7.280   -5.109  -6.616  1.00 10.84 ? 200 ILE A O   1 
ATOM   1120 C CB  . ILE A 1 138 ? 4.396   -5.555  -5.784  1.00 8.17  ? 200 ILE A CB  1 
ATOM   1121 C CG1 . ILE A 1 138 ? 2.911   -5.423  -6.142  1.00 11.35 ? 200 ILE A CG1 1 
ATOM   1122 C CG2 . ILE A 1 138 ? 4.593   -5.881  -4.322  1.00 7.71  ? 200 ILE A CG2 1 
ATOM   1123 C CD1 . ILE A 1 138 ? 2.094   -6.685  -5.938  1.00 10.37 ? 200 ILE A CD1 1 
ATOM   1124 N N   . HIS A 1 139 ? 7.118   -3.630  -4.922  1.00 6.48  ? 201 HIS A N   1 
ATOM   1125 C CA  . HIS A 1 139 ? 8.554   -3.477  -4.736  1.00 4.99  ? 201 HIS A CA  1 
ATOM   1126 C C   . HIS A 1 139 ? 9.098   -4.448  -3.720  1.00 10.05 ? 201 HIS A C   1 
ATOM   1127 O O   . HIS A 1 139 ? 10.293  -4.424  -3.406  1.00 4.81  ? 201 HIS A O   1 
ATOM   1128 C CB  . HIS A 1 139 ? 8.884   -2.054  -4.287  1.00 7.52  ? 201 HIS A CB  1 
ATOM   1129 C CG  . HIS A 1 139 ? 8.663   -1.014  -5.341  1.00 13.37 ? 201 HIS A CG  1 
ATOM   1130 N ND1 . HIS A 1 139 ? 9.673   -0.197  -5.798  1.00 24.05 ? 201 HIS A ND1 1 
ATOM   1131 C CD2 . HIS A 1 139 ? 7.544   -0.634  -6.000  1.00 10.94 ? 201 HIS A CD2 1 
ATOM   1132 C CE1 . HIS A 1 139 ? 9.190   0.631   -6.709  1.00 25.38 ? 201 HIS A CE1 1 
ATOM   1133 N NE2 . HIS A 1 139 ? 7.902   0.382   -6.856  1.00 14.07 ? 201 HIS A NE2 1 
ATOM   1134 N N   . VAL A 1 140 ? 8.209   -5.297  -3.205  1.00 6.10  ? 202 VAL A N   1 
ATOM   1135 C CA  . VAL A 1 140 ? 8.508   -6.121  -2.056  1.00 6.98  ? 202 VAL A CA  1 
ATOM   1136 C C   . VAL A 1 140 ? 8.009   -7.553  -2.252  1.00 7.97  ? 202 VAL A C   1 
ATOM   1137 O O   . VAL A 1 140 ? 7.245   -7.835  -3.165  1.00 8.00  ? 202 VAL A O   1 
ATOM   1138 C CB  . VAL A 1 140 ? 7.854   -5.539  -0.795  1.00 6.03  ? 202 VAL A CB  1 
ATOM   1139 C CG1 . VAL A 1 140 ? 8.367   -4.132  -0.535  1.00 8.18  ? 202 VAL A CG1 1 
ATOM   1140 C CG2 . VAL A 1 140 ? 6.321   -5.519  -0.966  1.00 6.65  ? 202 VAL A CG2 1 
ATOM   1141 N N   . GLU A 1 141 ? 8.457   -8.462  -1.399  1.00 4.49  ? 203 GLU A N   1 
ATOM   1142 C CA  . GLU A 1 141 ? 7.842   -9.784  -1.364  1.00 6.12  ? 203 GLU A CA  1 
ATOM   1143 C C   . GLU A 1 141 ? 6.388   -9.660  -0.934  1.00 6.43  ? 203 GLU A C   1 
ATOM   1144 O O   . GLU A 1 141 ? 6.048   -8.818  -0.098  1.00 6.81  ? 203 GLU A O   1 
ATOM   1145 C CB  . GLU A 1 141 ? 8.591   -10.710 -0.408  1.00 9.51  ? 203 GLU A CB  1 
ATOM   1146 C CG  . GLU A 1 141 ? 9.944   -11.162 -0.947  1.00 16.61 ? 203 GLU A CG  1 
ATOM   1147 C CD  . GLU A 1 141 ? 10.418  -12.441 -0.295  1.00 36.20 ? 203 GLU A CD  1 
ATOM   1148 O OE1 . GLU A 1 141 ? 10.007  -12.701 0.857   1.00 33.85 ? 203 GLU A OE1 1 
ATOM   1149 O OE2 . GLU A 1 141 ? 11.185  -13.192 -0.939  1.00 39.73 ? 203 GLU A OE2 1 
ATOM   1150 N N   . PHE A 1 142 ? 5.522   -10.492 -1.495  1.00 4.80  ? 204 PHE A N   1 
ATOM   1151 C CA  . PHE A 1 142 ? 4.109   -10.385 -1.128  1.00 4.44  ? 204 PHE A CA  1 
ATOM   1152 C C   . PHE A 1 142 ? 3.395   -11.723 -1.140  1.00 7.52  ? 204 PHE A C   1 
ATOM   1153 O O   . PHE A 1 142 ? 3.915   -12.718 -1.649  1.00 4.62  ? 204 PHE A O   1 
ATOM   1154 C CB  . PHE A 1 142 ? 3.380   -9.379  -2.044  1.00 5.10  ? 204 PHE A CB  1 
ATOM   1155 C CG  . PHE A 1 142 ? 3.287   -9.795  -3.495  1.00 6.70  ? 204 PHE A CG  1 
ATOM   1156 C CD1 . PHE A 1 142 ? 4.322   -9.532  -4.372  1.00 7.11  ? 204 PHE A CD1 1 
ATOM   1157 C CD2 . PHE A 1 142 ? 2.138   -10.386 -3.990  1.00 6.16  ? 204 PHE A CD2 1 
ATOM   1158 C CE1 . PHE A 1 142 ? 4.235   -9.887  -5.719  1.00 9.49  ? 204 PHE A CE1 1 
ATOM   1159 C CE2 . PHE A 1 142 ? 2.036   -10.750 -5.324  1.00 7.33  ? 204 PHE A CE2 1 
ATOM   1160 C CZ  . PHE A 1 142 ? 3.093   -10.494 -6.197  1.00 12.24 ? 204 PHE A CZ  1 
ATOM   1161 N N   . TYR A 1 143 ? 2.210   -11.730 -0.536  1.00 3.72  ? 205 TYR A N   1 
ATOM   1162 C CA  . TYR A 1 143 ? 1.348   -12.906 -0.463  1.00 5.40  ? 205 TYR A CA  1 
ATOM   1163 C C   . TYR A 1 143 ? -0.014  -12.553 -1.046  1.00 8.43  ? 205 TYR A C   1 
ATOM   1164 O O   . TYR A 1 143 ? -0.362  -11.370 -1.154  1.00 5.21  ? 205 TYR A O   1 
ATOM   1165 C CB  . TYR A 1 143 ? 1.205   -13.389 0.982   1.00 3.88  ? 205 TYR A CB  1 
ATOM   1166 C CG  . TYR A 1 143 ? 2.535   -13.701 1.635   1.00 7.89  ? 205 TYR A CG  1 
ATOM   1167 C CD1 . TYR A 1 143 ? 3.279   -12.704 2.255   1.00 6.12  ? 205 TYR A CD1 1 
ATOM   1168 C CD2 . TYR A 1 143 ? 3.057   -14.993 1.612   1.00 9.85  ? 205 TYR A CD2 1 
ATOM   1169 C CE1 . TYR A 1 143 ? 4.510   -12.989 2.851   1.00 9.99  ? 205 TYR A CE1 1 
ATOM   1170 C CE2 . TYR A 1 143 ? 4.275   -15.281 2.199   1.00 16.75 ? 205 TYR A CE2 1 
ATOM   1171 C CZ  . TYR A 1 143 ? 5.001   -14.278 2.810   1.00 20.26 ? 205 TYR A CZ  1 
ATOM   1172 O OH  . TYR A 1 143 ? 6.217   -14.569 3.391   1.00 17.76 ? 205 TYR A OH  1 
ATOM   1173 N N   . ILE A 1 144 ? -0.767  -13.574 -1.435  1.00 7.31  ? 206 ILE A N   1 
ATOM   1174 C CA  . ILE A 1 144 ? -2.110  -13.400 -1.987  1.00 6.11  ? 206 ILE A CA  1 
ATOM   1175 C C   . ILE A 1 144 ? -3.125  -14.063 -1.069  1.00 7.57  ? 206 ILE A C   1 
ATOM   1176 O O   . ILE A 1 144 ? -2.934  -15.210 -0.690  1.00 7.54  ? 206 ILE A O   1 
ATOM   1177 C CB  . ILE A 1 144 ? -2.234  -14.039 -3.395  1.00 11.53 ? 206 ILE A CB  1 
ATOM   1178 C CG1 . ILE A 1 144 ? -1.126  -13.552 -4.313  1.00 15.25 ? 206 ILE A CG1 1 
ATOM   1179 C CG2 . ILE A 1 144 ? -3.568  -13.734 -4.001  1.00 14.71 ? 206 ILE A CG2 1 
ATOM   1180 C CD1 . ILE A 1 144 ? -1.132  -12.097 -4.496  1.00 21.08 ? 206 ILE A CD1 1 
ATOM   1181 N N   . ILE A 1 145 ? -4.198  -13.354 -0.714  1.00 5.80  ? 207 ILE A N   1 
ATOM   1182 C CA  . ILE A 1 145 ? -5.232  -13.900 0.172   1.00 6.98  ? 207 ILE A CA  1 
ATOM   1183 C C   . ILE A 1 145 ? -6.608  -13.628 -0.412  1.00 7.14  ? 207 ILE A C   1 
ATOM   1184 O O   . ILE A 1 145 ? -6.941  -12.481 -0.676  1.00 5.87  ? 207 ILE A O   1 
ATOM   1185 C CB  . ILE A 1 145 ? -5.163  -13.287 1.589   1.00 7.72  ? 207 ILE A CB  1 
ATOM   1186 C CG1 . ILE A 1 145 ? -3.814  -13.610 2.239   1.00 12.37 ? 207 ILE A CG1 1 
ATOM   1187 C CG2 . ILE A 1 145 ? -6.330  -13.782 2.451   1.00 6.00  ? 207 ILE A CG2 1 
ATOM   1188 C CD1 . ILE A 1 145 ? -3.474  -12.741 3.444   1.00 8.76  ? 207 ILE A CD1 1 
ATOM   1189 N N   . PRO A 1 146 ? -7.424  -14.674 -0.610  1.00 10.46 ? 208 PRO A N   1 
ATOM   1190 C CA  . PRO A 1 146 ? -8.761  -14.401 -1.164  1.00 5.97  ? 208 PRO A CA  1 
ATOM   1191 C C   . PRO A 1 146 ? -9.616  -13.524 -0.245  1.00 7.75  ? 208 PRO A C   1 
ATOM   1192 O O   . PRO A 1 146 ? -9.486  -13.595 0.965   1.00 8.15  ? 208 PRO A O   1 
ATOM   1193 C CB  . PRO A 1 146 ? -9.383  -15.793 -1.305  1.00 11.30 ? 208 PRO A CB  1 
ATOM   1194 C CG  . PRO A 1 146 ? -8.598  -16.673 -0.400  1.00 13.59 ? 208 PRO A CG  1 
ATOM   1195 C CD  . PRO A 1 146 ? -7.208  -16.107 -0.341  1.00 11.49 ? 208 PRO A CD  1 
ATOM   1196 N N   . ARG A 1 147 ? -10.506 -12.730 -0.820  1.00 6.06  ? 209 ARG A N   1 
ATOM   1197 C CA  . ARG A 1 147 ? -11.350 -11.851 -0.022  1.00 8.10  ? 209 ARG A CA  1 
ATOM   1198 C C   . ARG A 1 147 ? -12.250 -12.655 0.930   1.00 12.55 ? 209 ARG A C   1 
ATOM   1199 O O   . ARG A 1 147 ? -12.631 -12.171 1.991   1.00 11.63 ? 209 ARG A O   1 
ATOM   1200 C CB  . ARG A 1 147 ? -12.176 -10.953 -0.941  1.00 11.40 ? 209 ARG A CB  1 
ATOM   1201 C CG  . ARG A 1 147 ? -12.955 -9.876  -0.223  1.00 10.11 ? 209 ARG A CG  1 
ATOM   1202 C CD  . ARG A 1 147 ? -13.862 -9.118  -1.187  1.00 8.37  ? 209 ARG A CD  1 
ATOM   1203 N NE  . ARG A 1 147 ? -14.636 -8.088  -0.490  1.00 8.32  ? 209 ARG A NE  1 
ATOM   1204 C CZ  . ARG A 1 147 ? -15.898 -8.222  -0.102  1.00 8.47  ? 209 ARG A CZ  1 
ATOM   1205 N NH1 . ARG A 1 147 ? -16.554 -9.356  -0.332  1.00 10.91 ? 209 ARG A NH1 1 
ATOM   1206 N NH2 . ARG A 1 147 ? -16.500 -7.227  0.535   1.00 4.64  ? 209 ARG A NH2 1 
ATOM   1207 N N   . SER A 1 148 ? -12.550 -13.900 0.570   1.00 11.17 ? 210 SER A N   1 
ATOM   1208 C CA  . SER A 1 148 ? -13.325 -14.769 1.455   1.00 13.52 ? 210 SER A CA  1 
ATOM   1209 C C   . SER A 1 148 ? -12.545 -15.122 2.727   1.00 22.30 ? 210 SER A C   1 
ATOM   1210 O O   . SER A 1 148 ? -13.102 -15.699 3.660   1.00 17.13 ? 210 SER A O   1 
ATOM   1211 C CB  . SER A 1 148 ? -13.737 -16.045 0.720   1.00 19.66 ? 210 SER A CB  1 
ATOM   1212 O OG  . SER A 1 148 ? -12.600 -16.766 0.276   1.00 22.05 ? 210 SER A OG  1 
ATOM   1213 N N   . GLN A 1 149 ? -11.251 -14.797 2.751   1.00 7.98  ? 211 GLN A N   1 
ATOM   1214 C CA  . GLN A 1 149 ? -10.436 -14.942 3.953   1.00 7.93  ? 211 GLN A CA  1 
ATOM   1215 C C   . GLN A 1 149 ? -9.879  -13.593 4.418   1.00 9.45  ? 211 GLN A C   1 
ATOM   1216 O O   . GLN A 1 149 ? -8.799  -13.516 5.008   1.00 10.71 ? 211 GLN A O   1 
ATOM   1217 C CB  . GLN A 1 149 ? -9.289  -15.933 3.706   1.00 12.21 ? 211 GLN A CB  1 
ATOM   1218 C CG  . GLN A 1 149 ? -9.760  -17.364 3.485   1.00 20.23 ? 211 GLN A CG  1 
ATOM   1219 C CD  . GLN A 1 149 ? -8.618  -18.320 3.230   1.00 32.54 ? 211 GLN A CD  1 
ATOM   1220 O OE1 . GLN A 1 149 ? -7.786  -18.088 2.354   1.00 31.28 ? 211 GLN A OE1 1 
ATOM   1221 N NE2 . GLN A 1 149 ? -8.559  -19.398 4.007   1.00 36.31 ? 211 GLN A NE2 1 
ATOM   1222 N N   . GLU A 1 150 ? -10.636 -12.528 4.191   1.00 8.80  ? 212 GLU A N   1 
ATOM   1223 C CA  . GLU A 1 150 ? -10.180 -11.202 4.578   1.00 13.10 ? 212 GLU A CA  1 
ATOM   1224 C C   . GLU A 1 150 ? -9.866  -11.118 6.070   1.00 11.73 ? 212 GLU A C   1 
ATOM   1225 O O   . GLU A 1 150 ? -8.951  -10.400 6.465   1.00 12.04 ? 212 GLU A O   1 
ATOM   1226 C CB  . GLU A 1 150 ? -11.207 -10.130 4.211   1.00 11.35 ? 212 GLU A CB  1 
ATOM   1227 C CG  . GLU A 1 150 ? -10.822 -8.748  4.751   1.00 9.00  ? 212 GLU A CG  1 
ATOM   1228 C CD  . GLU A 1 150 ? -11.514 -7.610  4.036   1.00 11.93 ? 212 GLU A CD  1 
ATOM   1229 O OE1 . GLU A 1 150 ? -11.886 -6.632  4.719   1.00 11.13 ? 212 GLU A OE1 1 
ATOM   1230 O OE2 . GLU A 1 150 ? -11.671 -7.684  2.800   1.00 8.92  ? 212 GLU A OE2 1 
ATOM   1231 N N   . SER A 1 151 ? -10.614 -11.846 6.900   1.00 10.95 ? 213 SER A N   1 
ATOM   1232 C CA  . SER A 1 151 ? -10.368 -11.790 8.337   1.00 13.50 ? 213 SER A CA  1 
ATOM   1233 C C   . SER A 1 151 ? -8.947  -12.261 8.684   1.00 11.37 ? 213 SER A C   1 
ATOM   1234 O O   . SER A 1 151 ? -8.325  -11.742 9.621   1.00 10.19 ? 213 SER A O   1 
ATOM   1235 C CB  . SER A 1 151 ? -11.403 -12.624 9.099   1.00 16.64 ? 213 SER A CB  1 
ATOM   1236 O OG  . SER A 1 151 ? -11.232 -14.001 8.832   1.00 20.46 ? 213 SER A OG  1 
ATOM   1237 N N   . LYS A 1 152 ? -8.436  -13.225 7.922   1.00 8.85  ? 214 LYS A N   1 
ATOM   1238 C CA  . LYS A 1 152 ? -7.054  -13.677 8.092   1.00 11.03 ? 214 LYS A CA  1 
ATOM   1239 C C   . LYS A 1 152 ? -6.057  -12.599 7.682   1.00 10.28 ? 214 LYS A C   1 
ATOM   1240 O O   . LYS A 1 152 ? -5.009  -12.435 8.314   1.00 12.72 ? 214 LYS A O   1 
ATOM   1241 C CB  . LYS A 1 152 ? -6.798  -14.941 7.277   1.00 12.81 ? 214 LYS A CB  1 
ATOM   1242 C CG  . LYS A 1 152 ? -7.679  -16.108 7.672   1.00 19.82 ? 214 LYS A CG  1 
ATOM   1243 C CD  . LYS A 1 152 ? -7.270  -17.387 6.939   1.00 39.08 ? 214 LYS A CD  1 
ATOM   1244 C CE  . LYS A 1 152 ? -8.250  -18.518 7.224   1.00 30.10 ? 214 LYS A CE  1 
ATOM   1245 N NZ  . LYS A 1 152 ? -8.801  -18.415 8.614   1.00 37.42 ? 214 LYS A NZ  1 
ATOM   1246 N N   . CYS A 1 153 ? -6.371  -11.876 6.610   1.00 10.54 ? 215 CYS A N   1 
ATOM   1247 C CA  . CYS A 1 153 ? -5.508  -10.784 6.173   1.00 7.69  ? 215 CYS A CA  1 
ATOM   1248 C C   . CYS A 1 153 ? -5.491  -9.691  7.238   1.00 8.91  ? 215 CYS A C   1 
ATOM   1249 O O   . CYS A 1 153 ? -4.441  -9.138  7.543   1.00 7.95  ? 215 CYS A O   1 
ATOM   1250 C CB  . CYS A 1 153 ? -5.972  -10.218 4.825   1.00 8.67  ? 215 CYS A CB  1 
ATOM   1251 S SG  . CYS A 1 153 ? -4.966  -8.834  4.198   1.00 14.07 ? 215 CYS A SG  1 
ATOM   1252 N N   . VAL A 1 154 ? -6.651  -9.381  7.809   1.00 6.98  ? 216 VAL A N   1 
ATOM   1253 C CA  . VAL A 1 154 ? -6.729  -8.363  8.862   1.00 5.89  ? 216 VAL A CA  1 
ATOM   1254 C C   . VAL A 1 154 ? -5.893  -8.776  10.073  1.00 10.05 ? 216 VAL A C   1 
ATOM   1255 O O   . VAL A 1 154 ? -5.196  -7.951  10.670  1.00 8.25  ? 216 VAL A O   1 
ATOM   1256 C CB  . VAL A 1 154 ? -8.190  -8.105  9.288   1.00 10.72 ? 216 VAL A CB  1 
ATOM   1257 C CG1 . VAL A 1 154 ? -8.259  -7.100  10.429  1.00 11.31 ? 216 VAL A CG1 1 
ATOM   1258 C CG2 . VAL A 1 154 ? -8.992  -7.592  8.099   1.00 10.14 ? 216 VAL A CG2 1 
ATOM   1259 N N   . GLU A 1 155 ? -5.941  -10.060 10.415  1.00 8.89  ? 217 GLU A N   1 
ATOM   1260 C CA  . GLU A 1 155 ? -5.125  -10.592 11.510  1.00 7.06  ? 217 GLU A CA  1 
ATOM   1261 C C   . GLU A 1 155 ? -3.626  -10.404 11.250  1.00 8.89  ? 217 GLU A C   1 
ATOM   1262 O O   . GLU A 1 155 ? -2.877  -9.996  12.142  1.00 12.79 ? 217 GLU A O   1 
ATOM   1263 C CB  . GLU A 1 155 ? -5.416  -12.075 11.726  1.00 13.71 ? 217 GLU A CB  1 
ATOM   1264 C CG  . GLU A 1 155 ? -4.527  -12.700 12.793  1.00 20.63 ? 217 GLU A CG  1 
ATOM   1265 C CD  . GLU A 1 155 ? -4.829  -14.174 13.007  1.00 46.99 ? 217 GLU A CD  1 
ATOM   1266 O OE1 . GLU A 1 155 ? -5.887  -14.645 12.524  1.00 39.66 ? 217 GLU A OE1 1 
ATOM   1267 O OE2 . GLU A 1 155 ? -4.005  -14.858 13.653  1.00 49.86 ? 217 GLU A OE2 1 
ATOM   1268 N N   . TYR A 1 156 ? -3.194  -10.707 10.029  1.00 5.84  ? 218 TYR A N   1 
ATOM   1269 C CA  . TYR A 1 156 ? -1.789  -10.535 9.662   1.00 5.73  ? 218 TYR A CA  1 
ATOM   1270 C C   . TYR A 1 156 ? -1.384  -9.070  9.773   1.00 9.64  ? 218 TYR A C   1 
ATOM   1271 O O   . TYR A 1 156 ? -0.364  -8.761  10.374  1.00 5.82  ? 218 TYR A O   1 
ATOM   1272 C CB  . TYR A 1 156 ? -1.521  -11.027 8.241   1.00 6.09  ? 218 TYR A CB  1 
ATOM   1273 C CG  . TYR A 1 156 ? -1.559  -12.531 8.055   1.00 11.74 ? 218 TYR A CG  1 
ATOM   1274 C CD1 . TYR A 1 156 ? -0.943  -13.388 8.964   1.00 15.00 ? 218 TYR A CD1 1 
ATOM   1275 C CD2 . TYR A 1 156 ? -2.209  -13.091 6.954   1.00 13.06 ? 218 TYR A CD2 1 
ATOM   1276 C CE1 . TYR A 1 156 ? -0.982  -14.767 8.785   1.00 23.20 ? 218 TYR A CE1 1 
ATOM   1277 C CE2 . TYR A 1 156 ? -2.251  -14.451 6.768   1.00 13.25 ? 218 TYR A CE2 1 
ATOM   1278 C CZ  . TYR A 1 156 ? -1.638  -15.288 7.683   1.00 23.53 ? 218 TYR A CZ  1 
ATOM   1279 O OH  . TYR A 1 156 ? -1.692  -16.652 7.485   1.00 25.21 ? 218 TYR A OH  1 
ATOM   1280 N N   . ILE A 1 157 ? -2.174  -8.179  9.174   1.00 6.51  ? 219 ILE A N   1 
ATOM   1281 C CA  . ILE A 1 157 ? -1.910  -6.732  9.270   1.00 3.74  ? 219 ILE A CA  1 
ATOM   1282 C C   . ILE A 1 157 ? -1.705  -6.308  10.721  1.00 7.76  ? 219 ILE A C   1 
ATOM   1283 O O   . ILE A 1 157 ? -0.777  -5.564  11.038  1.00 6.16  ? 219 ILE A O   1 
ATOM   1284 C CB  . ILE A 1 157 ? -3.076  -5.888  8.667   1.00 7.71  ? 219 ILE A CB  1 
ATOM   1285 C CG1 . ILE A 1 157 ? -3.252  -6.171  7.171   1.00 7.65  ? 219 ILE A CG1 1 
ATOM   1286 C CG2 . ILE A 1 157 ? -2.874  -4.388  8.928   1.00 8.58  ? 219 ILE A CG2 1 
ATOM   1287 C CD1 . ILE A 1 157 ? -2.090  -5.783  6.323   1.00 7.93  ? 219 ILE A CD1 1 
ATOM   1288 N N   . ASN A 1 158 ? -2.568  -6.802  11.604  1.00 5.83  ? 220 ASN A N   1 
ATOM   1289 C CA  . ASN A 1 158 ? -2.612  -6.300  12.968  1.00 5.89  ? 220 ASN A CA  1 
ATOM   1290 C C   . ASN A 1 158 ? -1.664  -6.991  13.944  1.00 10.24 ? 220 ASN A C   1 
ATOM   1291 O O   . ASN A 1 158 ? -1.196  -6.360  14.901  1.00 7.69  ? 220 ASN A O   1 
ATOM   1292 C CB  . ASN A 1 158 ? -4.048  -6.369  13.484  1.00 6.85  ? 220 ASN A CB  1 
ATOM   1293 C CG  . ASN A 1 158 ? -4.868  -5.187  13.027  1.00 7.67  ? 220 ASN A CG  1 
ATOM   1294 O OD1 . ASN A 1 158 ? -4.427  -4.042  13.119  1.00 9.71  ? 220 ASN A OD1 1 
ATOM   1295 N ND2 . ASN A 1 158 ? -6.059  -5.454  12.515  1.00 16.92 ? 220 ASN A ND2 1 
ATOM   1296 N N   . THR A 1 159 ? -1.360  -8.266  13.710  1.00 9.42  ? 221 THR A N   1 
ATOM   1297 C CA  . THR A 1 159 ? -0.475  -8.989  14.641  1.00 17.73 ? 221 THR A CA  1 
ATOM   1298 C C   . THR A 1 159 ? 0.694   -9.745  13.986  1.00 17.11 ? 221 THR A C   1 
ATOM   1299 O O   . THR A 1 159 ? 1.528   -10.328 14.688  1.00 13.74 ? 221 THR A O   1 
ATOM   1300 C CB  . THR A 1 159 ? -1.277  -9.993  15.515  1.00 16.01 ? 221 THR A CB  1 
ATOM   1301 O OG1 . THR A 1 159 ? -1.944  -10.946 14.681  1.00 24.72 ? 221 THR A OG1 1 
ATOM   1302 C CG2 . THR A 1 159 ? -2.301  -9.254  16.372  1.00 23.11 ? 221 THR A CG2 1 
ATOM   1303 N N   . GLY A 1 160 ? 0.773   -9.734  12.659  1.00 9.25  ? 222 GLY A N   1 
ATOM   1304 C CA  . GLY A 1 160 ? 1.963   -10.227 11.983  1.00 10.67 ? 222 GLY A CA  1 
ATOM   1305 C C   . GLY A 1 160 ? 1.844   -11.636 11.441  1.00 12.79 ? 222 GLY A C   1 
ATOM   1306 O O   . GLY A 1 160 ? 0.916   -12.361 11.780  1.00 14.42 ? 222 GLY A O   1 
ATOM   1307 N N   . LEU A 1 161 ? 2.798   -12.021 10.599  1.00 18.18 ? 223 LEU A N   1 
ATOM   1308 C CA  . LEU A 1 161 ? 2.825   -13.361 10.023  1.00 27.59 ? 223 LEU A CA  1 
ATOM   1309 C C   . LEU A 1 161 ? 3.038   -14.424 11.094  1.00 36.56 ? 223 LEU A C   1 
ATOM   1310 O O   . LEU A 1 161 ? 3.927   -14.294 11.936  1.00 42.49 ? 223 LEU A O   1 
ATOM   1311 C CB  . LEU A 1 161 ? 3.920   -13.459 8.962   1.00 25.92 ? 223 LEU A CB  1 
ATOM   1312 C CG  . LEU A 1 161 ? 3.688   -12.652 7.684   1.00 21.83 ? 223 LEU A CG  1 
ATOM   1313 C CD1 . LEU A 1 161 ? 4.908   -12.718 6.778   1.00 28.90 ? 223 LEU A CD1 1 
ATOM   1314 C CD2 . LEU A 1 161 ? 2.462   -13.176 6.973   1.00 24.28 ? 223 LEU A CD2 1 
HETATM 1315 C C2  . BGC B 2 .   ? -21.048 2.134   -3.236  1.00 20.86 ? 1   BGC B C2  1 
HETATM 1316 C C3  . BGC B 2 .   ? -21.097 1.114   -2.097  1.00 20.09 ? 1   BGC B C3  1 
HETATM 1317 C C4  . BGC B 2 .   ? -19.753 0.415   -1.951  1.00 12.58 ? 1   BGC B C4  1 
HETATM 1318 C C5  . BGC B 2 .   ? -18.687 1.509   -1.781  1.00 11.61 ? 1   BGC B C5  1 
HETATM 1319 C C6  . BGC B 2 .   ? -17.261 0.963   -1.717  1.00 10.03 ? 1   BGC B C6  1 
HETATM 1320 C C1  . BGC B 2 .   ? -19.905 3.086   -3.004  1.00 15.13 ? 1   BGC B C1  1 
HETATM 1321 O O1  . BGC B 2 .   ? -19.805 3.999   -4.101  1.00 29.05 ? 1   BGC B O1  1 
HETATM 1322 O O2  . BGC B 2 .   ? -22.283 2.902   -3.284  1.00 21.51 ? 1   BGC B O2  1 
HETATM 1323 O O3  . BGC B 2 .   ? -22.114 0.138   -2.346  1.00 20.97 ? 1   BGC B O3  1 
HETATM 1324 O O4  . BGC B 2 .   ? -19.792 -0.453  -0.778  1.00 10.95 ? 1   BGC B O4  1 
HETATM 1325 O O5  . BGC B 2 .   ? -18.681 2.351   -2.928  1.00 15.93 ? 1   BGC B O5  1 
HETATM 1326 O O6  . BGC B 2 .   ? -17.042 0.066   -2.821  1.00 9.66  ? 1   BGC B O6  1 
HETATM 1327 C C1  . GAL B 2 .   ? -19.168 -1.711  -0.986  1.00 12.52 ? 2   GAL B C1  1 
HETATM 1328 C C2  . GAL B 2 .   ? -18.794 -2.308  0.368   1.00 8.21  ? 2   GAL B C2  1 
HETATM 1329 C C3  . GAL B 2 .   ? -18.003 -3.584  0.135   1.00 6.73  ? 2   GAL B C3  1 
HETATM 1330 C C4  . GAL B 2 .   ? -18.805 -4.533  -0.750  1.00 11.51 ? 2   GAL B C4  1 
HETATM 1331 C C5  . GAL B 2 .   ? -19.271 -3.806  -2.032  1.00 12.05 ? 2   GAL B C5  1 
HETATM 1332 C C6  . GAL B 2 .   ? -20.152 -4.723  -2.893  1.00 12.94 ? 2   GAL B C6  1 
HETATM 1333 O O2  . GAL B 2 .   ? -18.010 -1.342  1.103   1.00 7.64  ? 2   GAL B O2  1 
HETATM 1334 O O3  . GAL B 2 .   ? -17.797 -4.242  1.389   1.00 6.06  ? 2   GAL B O3  1 
HETATM 1335 O O4  . GAL B 2 .   ? -19.929 -4.991  0.003   1.00 8.70  ? 2   GAL B O4  1 
HETATM 1336 O O5  . GAL B 2 .   ? -20.039 -2.618  -1.700  1.00 7.45  ? 2   GAL B O5  1 
HETATM 1337 O O6  . GAL B 2 .   ? -19.491 -5.972  -3.114  1.00 13.81 ? 2   GAL B O6  1 
HETATM 1338 C C1  . NAG B 2 .   ? -16.581 -3.934  2.035   1.00 7.15  ? 3   NAG B C1  1 
HETATM 1339 C C2  . NAG B 2 .   ? -16.649 -4.564  3.413   1.00 4.42  ? 3   NAG B C2  1 
HETATM 1340 C C3  . NAG B 2 .   ? -15.327 -4.412  4.124   1.00 6.12  ? 3   NAG B C3  1 
HETATM 1341 C C4  . NAG B 2 .   ? -14.192 -4.890  3.232   1.00 5.56  ? 3   NAG B C4  1 
HETATM 1342 C C5  . NAG B 2 .   ? -14.276 -4.265  1.855   1.00 5.15  ? 3   NAG B C5  1 
HETATM 1343 C C6  . NAG B 2 .   ? -13.185 -4.829  0.908   1.00 4.73  ? 3   NAG B C6  1 
HETATM 1344 C C7  . NAG B 2 .   ? -18.899 -4.424  4.420   1.00 10.07 ? 3   NAG B C7  1 
HETATM 1345 C C8  . NAG B 2 .   ? -19.857 -3.575  5.264   1.00 9.08  ? 3   NAG B C8  1 
HETATM 1346 N N2  . NAG B 2 .   ? -17.687 -3.879  4.203   1.00 5.80  ? 3   NAG B N2  1 
HETATM 1347 O O3  . NAG B 2 .   ? -15.322 -5.262  5.282   1.00 5.38  ? 3   NAG B O3  1 
HETATM 1348 O O4  . NAG B 2 .   ? -12.955 -4.505  3.871   1.00 7.55  ? 3   NAG B O4  1 
HETATM 1349 O O5  . NAG B 2 .   ? -15.551 -4.564  1.279   1.00 3.92  ? 3   NAG B O5  1 
HETATM 1350 O O6  . NAG B 2 .   ? -13.136 -6.264  1.012   1.00 4.95  ? 3   NAG B O6  1 
HETATM 1351 O O7  . NAG B 2 .   ? -19.243 -5.525  4.005   1.00 6.20  ? 3   NAG B O7  1 
HETATM 1352 C C1  . GAL B 2 .   ? -15.698 -4.692  6.541   1.00 8.09  ? 4   GAL B C1  1 
HETATM 1353 C C2  . GAL B 2 .   ? -16.018 -5.826  7.526   1.00 5.74  ? 4   GAL B C2  1 
HETATM 1354 C C3  . GAL B 2 .   ? -16.373 -5.228  8.887   1.00 5.83  ? 4   GAL B C3  1 
HETATM 1355 C C4  . GAL B 2 .   ? -15.256 -4.323  9.381   1.00 7.11  ? 4   GAL B C4  1 
HETATM 1356 C C5  . GAL B 2 .   ? -14.929 -3.290  8.293   1.00 10.86 ? 4   GAL B C5  1 
HETATM 1357 C C6  . GAL B 2 .   ? -13.787 -2.388  8.774   1.00 14.26 ? 4   GAL B C6  1 
HETATM 1358 O O2  . GAL B 2 .   ? -17.145 -6.586  7.029   1.00 5.71  ? 4   GAL B O2  1 
HETATM 1359 O O3  . GAL B 2 .   ? -16.558 -6.287  9.840   1.00 10.21 ? 4   GAL B O3  1 
HETATM 1360 O O4  . GAL B 2 .   ? -14.087 -5.135  9.661   1.00 10.86 ? 4   GAL B O4  1 
HETATM 1361 O O5  . GAL B 2 .   ? -14.553 -3.964  7.053   1.00 8.69  ? 4   GAL B O5  1 
HETATM 1362 O O6  . GAL B 2 .   ? -13.284 -1.643  7.664   1.00 13.90 ? 4   GAL B O6  1 
HETATM 1363 C C1  . FUC B 2 .   ? -17.000 -8.006  7.184   1.00 6.49  ? 5   FUC B C1  1 
HETATM 1364 C C2  . FUC B 2 .   ? -18.371 -8.675  7.023   1.00 5.21  ? 5   FUC B C2  1 
HETATM 1365 C C3  . FUC B 2 .   ? -18.892 -8.509  5.606   1.00 8.10  ? 5   FUC B C3  1 
HETATM 1366 C C4  . FUC B 2 .   ? -17.883 -9.049  4.605   1.00 9.63  ? 5   FUC B C4  1 
HETATM 1367 C C5  . FUC B 2 .   ? -16.543 -8.348  4.844   1.00 6.38  ? 5   FUC B C5  1 
HETATM 1368 C C6  . FUC B 2 .   ? -15.498 -8.901  3.859   1.00 10.13 ? 5   FUC B C6  1 
HETATM 1369 O O2  . FUC B 2 .   ? -19.310 -8.080  7.948   1.00 6.33  ? 5   FUC B O2  1 
HETATM 1370 O O3  . FUC B 2 .   ? -20.119 -9.247  5.457   1.00 8.35  ? 5   FUC B O3  1 
HETATM 1371 O O4  . FUC B 2 .   ? -17.751 -10.487 4.761   1.00 9.68  ? 5   FUC B O4  1 
HETATM 1372 O O5  . FUC B 2 .   ? -16.071 -8.564  6.202   1.00 10.83 ? 5   FUC B O5  1 
HETATM 1373 S S   . SO4 C 3 .   ? 0.799   10.894  10.259  1.00 18.28 ? 306 SO4 A S   1 
HETATM 1374 O O1  . SO4 C 3 .   ? 0.208   10.733  8.931   1.00 16.95 ? 306 SO4 A O1  1 
HETATM 1375 O O2  . SO4 C 3 .   ? 0.481   12.233  10.732  1.00 16.36 ? 306 SO4 A O2  1 
HETATM 1376 O O3  . SO4 C 3 .   ? 2.245   10.766  10.194  1.00 23.73 ? 306 SO4 A O3  1 
HETATM 1377 O O4  . SO4 C 3 .   ? 0.283   9.880   11.182  1.00 16.31 ? 306 SO4 A O4  1 
HETATM 1378 S S   . SO4 D 3 .   ? -12.503 8.580   -3.175  0.66 28.21 ? 307 SO4 A S   1 
HETATM 1379 O O1  . SO4 D 3 .   ? -13.405 7.441   -3.352  0.66 9.36  ? 307 SO4 A O1  1 
HETATM 1380 O O2  . SO4 D 3 .   ? -13.278 9.807   -3.346  0.66 31.89 ? 307 SO4 A O2  1 
HETATM 1381 O O3  . SO4 D 3 .   ? -11.906 8.549   -1.834  0.66 21.85 ? 307 SO4 A O3  1 
HETATM 1382 O O4  . SO4 D 3 .   ? -11.414 8.545   -4.151  0.66 20.09 ? 307 SO4 A O4  1 
HETATM 1383 O O   . HOH E 4 .   ? 15.019  15.145  -0.957  1.00 29.75 ? 401 HOH A O   1 
HETATM 1384 O O   . HOH E 4 .   ? 1.263   -19.962 -4.586  1.00 20.27 ? 402 HOH A O   1 
HETATM 1385 O O   . HOH E 4 .   ? 13.960  6.237   -1.893  1.00 28.12 ? 403 HOH A O   1 
HETATM 1386 O O   . HOH E 4 .   ? 8.420   -3.682  -11.993 1.00 29.67 ? 404 HOH A O   1 
HETATM 1387 O O   . HOH E 4 .   ? 8.465   -12.991 2.659   1.00 25.84 ? 405 HOH A O   1 
HETATM 1388 O O   . HOH E 4 .   ? -6.770  18.036  -1.669  1.00 30.17 ? 406 HOH A O   1 
HETATM 1389 O O   . HOH E 4 .   ? 6.788   -15.611 5.563   1.00 32.16 ? 407 HOH A O   1 
HETATM 1390 O O   . HOH E 4 .   ? -13.609 8.083   -11.239 1.00 27.84 ? 408 HOH A O   1 
HETATM 1391 O O   . HOH E 4 .   ? -9.308  -17.240 -8.234  1.00 17.61 ? 409 HOH A O   1 
HETATM 1392 O O   . HOH E 4 .   ? 11.126  6.332   3.620   1.00 9.08  ? 410 HOH A O   1 
HETATM 1393 O O   . HOH E 4 .   ? -4.620  16.850  -14.369 1.00 21.22 ? 411 HOH A O   1 
HETATM 1394 O O   . HOH E 4 .   ? -6.846  15.722  -10.748 1.00 8.12  ? 412 HOH A O   1 
HETATM 1395 O O   . HOH E 4 .   ? 7.084   -6.697  6.328   1.00 15.97 ? 413 HOH A O   1 
HETATM 1396 O O   . HOH E 4 .   ? 0.632   -2.803  17.430  1.00 16.57 ? 414 HOH A O   1 
HETATM 1397 O O   . HOH E 4 .   ? -11.267 7.871   -6.616  1.00 24.12 ? 415 HOH A O   1 
HETATM 1398 O O   . HOH E 4 .   ? -0.275  14.633  10.268  1.00 38.03 ? 416 HOH A O   1 
HETATM 1399 O O   . HOH E 4 .   ? -12.022 7.766   2.575   1.00 32.06 ? 417 HOH A O   1 
HETATM 1400 O O   . HOH E 4 .   ? 11.326  -6.778  8.420   1.00 29.12 ? 418 HOH A O   1 
HETATM 1401 O O   . HOH E 4 .   ? 9.700   -10.963 -10.202 1.00 22.74 ? 419 HOH A O   1 
HETATM 1402 O O   . HOH E 4 .   ? 0.317   -3.264  9.639   1.00 6.75  ? 420 HOH A O   1 
HETATM 1403 O O   . HOH E 4 .   ? 3.053   9.158   -14.520 1.00 31.91 ? 421 HOH A O   1 
HETATM 1404 O O   . HOH E 4 .   ? 14.908  18.286  6.558   1.00 31.29 ? 422 HOH A O   1 
HETATM 1405 O O   . HOH E 4 .   ? -7.028  -7.515  -5.865  1.00 6.86  ? 423 HOH A O   1 
HETATM 1406 O O   . HOH E 4 .   ? -5.698  2.239   -18.758 1.00 29.48 ? 424 HOH A O   1 
HETATM 1407 O O   . HOH E 4 .   ? -3.187  -20.933 0.389   1.00 13.08 ? 425 HOH A O   1 
HETATM 1408 O O   . HOH E 4 .   ? -8.985  -4.338  12.892  1.00 20.55 ? 426 HOH A O   1 
HETATM 1409 O O   . HOH E 4 .   ? -3.336  -11.372 -12.737 1.00 29.73 ? 427 HOH A O   1 
HETATM 1410 O O   . HOH E 4 .   ? 13.008  -6.193  -5.556  1.00 29.15 ? 428 HOH A O   1 
HETATM 1411 O O   . HOH E 4 .   ? 13.728  7.324   0.507   1.00 24.63 ? 429 HOH A O   1 
HETATM 1412 O O   . HOH E 4 .   ? -3.476  -17.223 0.930   1.00 13.11 ? 430 HOH A O   1 
HETATM 1413 O O   . HOH E 4 .   ? 0.768   -5.911  16.615  1.00 16.14 ? 431 HOH A O   1 
HETATM 1414 O O   . HOH E 4 .   ? 6.675   2.350   22.381  1.00 34.64 ? 432 HOH A O   1 
HETATM 1415 O O   . HOH E 4 .   ? 12.506  3.232   18.804  1.00 11.27 ? 433 HOH A O   1 
HETATM 1416 O O   . HOH E 4 .   ? -3.509  -17.713 5.868   1.00 18.41 ? 434 HOH A O   1 
HETATM 1417 O O   . HOH E 4 .   ? -11.111 -0.395  -19.188 1.00 27.82 ? 435 HOH A O   1 
HETATM 1418 O O   . HOH E 4 .   ? -16.251 -4.880  -10.527 1.00 9.27  ? 436 HOH A O   1 
HETATM 1419 O O   . HOH E 4 .   ? 4.968   2.505   -11.709 1.00 26.64 ? 437 HOH A O   1 
HETATM 1420 O O   . HOH E 4 .   ? 9.109   1.395   -10.085 1.00 29.84 ? 438 HOH A O   1 
HETATM 1421 O O   . HOH E 4 .   ? -7.478  10.862  -16.532 1.00 13.65 ? 439 HOH A O   1 
HETATM 1422 O O   . HOH E 4 .   ? 8.037   -0.692  15.657  1.00 18.15 ? 440 HOH A O   1 
HETATM 1423 O O   . HOH E 4 .   ? -14.843 -8.212  10.555  1.00 15.32 ? 441 HOH A O   1 
HETATM 1424 O O   . HOH E 4 .   ? -9.508  -10.705 11.784  1.00 20.33 ? 442 HOH A O   1 
HETATM 1425 O O   . HOH E 4 .   ? -3.521  9.256   -17.841 1.00 14.38 ? 443 HOH A O   1 
HETATM 1426 O O   . HOH E 4 .   ? -13.404 6.885   0.042   1.00 22.36 ? 444 HOH A O   1 
HETATM 1427 O O   . HOH E 4 .   ? -9.768  -15.556 10.477  1.00 33.60 ? 445 HOH A O   1 
HETATM 1428 O O   . HOH E 4 .   ? 11.411  -9.629  -4.385  1.00 16.36 ? 446 HOH A O   1 
HETATM 1429 O O   . HOH E 4 .   ? -10.799 -16.123 7.214   1.00 30.18 ? 447 HOH A O   1 
HETATM 1430 O O   . HOH E 4 .   ? -19.028 -6.943  1.713   1.00 7.63  ? 448 HOH A O   1 
HETATM 1431 O O   . HOH E 4 .   ? 13.891  3.615   13.187  1.00 29.28 ? 449 HOH A O   1 
HETATM 1432 O O   . HOH E 4 .   ? 17.739  12.975  4.373   1.00 33.46 ? 450 HOH A O   1 
HETATM 1433 O O   . HOH E 4 .   ? -7.674  12.888  -5.774  1.00 33.87 ? 451 HOH A O   1 
HETATM 1434 O O   . HOH E 4 .   ? -21.800 -6.349  4.388   1.00 9.11  ? 452 HOH A O   1 
HETATM 1435 O O   . HOH E 4 .   ? 17.551  13.256  -7.935  1.00 31.32 ? 453 HOH A O   1 
HETATM 1436 O O   . HOH E 4 .   ? -12.202 -5.968  7.344   1.00 14.45 ? 454 HOH A O   1 
HETATM 1437 O O   . HOH E 4 .   ? -14.969 -13.705 -5.954  1.00 20.14 ? 455 HOH A O   1 
HETATM 1438 O O   . HOH E 4 .   ? -2.117  6.110   11.579  1.00 12.60 ? 456 HOH A O   1 
HETATM 1439 O O   . HOH E 4 .   ? -6.811  -19.959 0.611   1.00 12.91 ? 457 HOH A O   1 
HETATM 1440 O O   . HOH E 4 .   ? -10.179 9.271   -8.482  1.00 23.26 ? 458 HOH A O   1 
HETATM 1441 O O   . HOH E 4 .   ? -3.483  -0.277  -17.161 1.00 31.09 ? 459 HOH A O   1 
HETATM 1442 O O   . HOH E 4 .   ? 3.853   21.948  -8.874  1.00 31.62 ? 460 HOH A O   1 
HETATM 1443 O O   . HOH E 4 .   ? -2.178  -20.495 8.967   1.00 25.76 ? 461 HOH A O   1 
HETATM 1444 O O   . HOH E 4 .   ? -11.319 -14.502 -4.150  1.00 19.70 ? 462 HOH A O   1 
HETATM 1445 O O   . HOH E 4 .   ? -9.033  2.179   12.054  1.00 30.91 ? 463 HOH A O   1 
HETATM 1446 O O   . HOH E 4 .   ? 9.853   16.651  -6.000  1.00 24.27 ? 464 HOH A O   1 
HETATM 1447 O O   . HOH E 4 .   ? -15.684 -2.336  -2.998  1.00 11.33 ? 465 HOH A O   1 
HETATM 1448 O O   . HOH E 4 .   ? -3.626  3.923   4.157   1.00 10.37 ? 466 HOH A O   1 
HETATM 1449 O O   . HOH E 4 .   ? 8.733   7.609   20.412  1.00 22.18 ? 467 HOH A O   1 
HETATM 1450 O O   . HOH E 4 .   ? -4.887  13.666  -4.524  1.00 21.77 ? 468 HOH A O   1 
HETATM 1451 O O   . HOH E 4 .   ? 6.713   -12.600 -8.651  1.00 18.28 ? 469 HOH A O   1 
HETATM 1452 O O   . HOH E 4 .   ? -7.554  2.504   -1.244  1.00 17.73 ? 470 HOH A O   1 
HETATM 1453 O O   . HOH E 4 .   ? -1.849  0.953   -15.664 1.00 23.71 ? 471 HOH A O   1 
HETATM 1454 O O   . HOH E 4 .   ? -2.698  -1.043  3.147   1.00 3.71  ? 472 HOH A O   1 
HETATM 1455 O O   . HOH E 4 .   ? -12.422 3.374   7.360   1.00 24.46 ? 473 HOH A O   1 
HETATM 1456 O O   . HOH E 4 .   ? -7.646  -6.821  -13.238 1.00 16.43 ? 474 HOH A O   1 
HETATM 1457 O O   . HOH E 4 .   ? 9.162   -16.447 -3.999  1.00 21.47 ? 475 HOH A O   1 
HETATM 1458 O O   . HOH E 4 .   ? 7.481   -1.935  -13.994 1.00 37.15 ? 476 HOH A O   1 
HETATM 1459 O O   . HOH E 4 .   ? -14.870 -12.475 3.627   1.00 20.89 ? 477 HOH A O   1 
HETATM 1460 O O   . HOH E 4 .   ? 8.422   4.592   -11.067 1.00 24.89 ? 478 HOH A O   1 
HETATM 1461 O O   . HOH E 4 .   ? 13.413  2.915   5.760   1.00 28.95 ? 479 HOH A O   1 
HETATM 1462 O O   . HOH E 4 .   ? -22.199 -3.667  0.969   1.00 20.27 ? 480 HOH A O   1 
HETATM 1463 O O   . HOH E 4 .   ? -6.375  4.473   -2.840  1.00 11.86 ? 481 HOH A O   1 
HETATM 1464 O O   . HOH E 4 .   ? -5.717  7.424   -20.041 1.00 28.76 ? 482 HOH A O   1 
HETATM 1465 O O   . HOH E 4 .   ? -5.581  -19.916 3.437   1.00 22.94 ? 483 HOH A O   1 
HETATM 1466 O O   . HOH E 4 .   ? -14.814 -7.304  -7.606  1.00 9.82  ? 484 HOH A O   1 
HETATM 1467 O O   . HOH E 4 .   ? -4.054  15.621  -6.342  1.00 14.62 ? 485 HOH A O   1 
HETATM 1468 O O   . HOH E 4 .   ? -5.746  14.444  -8.196  1.00 11.23 ? 486 HOH A O   1 
HETATM 1469 O O   . HOH E 4 .   ? 10.632  3.703   -6.873  1.00 18.81 ? 487 HOH A O   1 
HETATM 1470 O O   . HOH E 4 .   ? 11.445  1.996   4.609   1.00 15.34 ? 488 HOH A O   1 
HETATM 1471 O O   . HOH E 4 .   ? -14.472 0.053   5.531   1.00 24.22 ? 489 HOH A O   1 
HETATM 1472 O O   . HOH E 4 .   ? -1.678  1.050   4.091   1.00 11.95 ? 490 HOH A O   1 
HETATM 1473 O O   . HOH E 4 .   ? -6.891  2.156   14.251  1.00 22.04 ? 491 HOH A O   1 
HETATM 1474 O O   . HOH E 4 .   ? -14.071 -10.317 7.165   1.00 14.18 ? 492 HOH A O   1 
HETATM 1475 O O   . HOH E 4 .   ? 3.491   14.695  -2.132  1.00 20.95 ? 493 HOH A O   1 
HETATM 1476 O O   . HOH E 4 .   ? -10.039 1.092   14.445  1.00 24.25 ? 494 HOH A O   1 
HETATM 1477 O O   . HOH E 4 .   ? -17.324 -12.225 2.568   1.00 19.41 ? 495 HOH A O   1 
HETATM 1478 O O   . HOH E 4 .   ? -7.206  12.530  2.801   1.00 31.99 ? 496 HOH A O   1 
HETATM 1479 O O   . HOH E 4 .   ? -10.712 -13.233 -9.199  1.00 15.17 ? 497 HOH A O   1 
HETATM 1480 O O   . HOH E 4 .   ? 10.335  -7.620  0.780   1.00 13.72 ? 498 HOH A O   1 
HETATM 1481 O O   . HOH E 4 .   ? -17.083 3.692   -9.135  1.00 26.53 ? 499 HOH A O   1 
HETATM 1482 O O   . HOH E 4 .   ? -20.018 -5.363  8.443   1.00 7.61  ? 500 HOH A O   1 
HETATM 1483 O O   . HOH E 4 .   ? 10.281  9.774   18.115  1.00 19.54 ? 501 HOH A O   1 
HETATM 1484 O O   . HOH E 4 .   ? -23.033 -2.542  -1.900  1.00 31.15 ? 502 HOH A O   1 
HETATM 1485 O O   . HOH E 4 .   ? 3.537   15.638  -6.414  1.00 28.23 ? 503 HOH A O   1 
HETATM 1486 O O   . HOH E 4 .   ? 2.854   16.252  -10.376 1.00 38.94 ? 504 HOH A O   1 
HETATM 1487 O O   . HOH E 4 .   ? 0.122   20.452  -10.529 1.00 28.65 ? 505 HOH A O   1 
HETATM 1488 O O   . HOH E 4 .   ? -6.052  -9.023  -13.786 1.00 26.65 ? 506 HOH A O   1 
HETATM 1489 O O   . HOH E 4 .   ? 11.609  11.467  -13.125 1.00 28.96 ? 507 HOH A O   1 
HETATM 1490 O O   . HOH E 4 .   ? -11.786 6.084   -15.187 1.00 16.21 ? 508 HOH A O   1 
HETATM 1491 O O   . HOH E 4 .   ? 7.085   15.715  7.030   1.00 23.32 ? 509 HOH A O   1 
HETATM 1492 O O   . HOH E 4 .   ? 15.220  11.899  11.751  1.00 16.83 ? 510 HOH A O   1 
HETATM 1493 O O   . HOH E 4 .   ? 12.244  5.305   -5.118  1.00 13.81 ? 511 HOH A O   1 
HETATM 1494 O O   . HOH E 4 .   ? 3.187   14.260  -14.169 1.00 32.07 ? 512 HOH A O   1 
HETATM 1495 O O   . HOH E 4 .   ? 10.899  1.272   17.871  1.00 11.85 ? 513 HOH A O   1 
HETATM 1496 O O   . HOH E 4 .   ? 1.108   9.086   15.143  1.00 18.24 ? 514 HOH A O   1 
HETATM 1497 O O   . HOH E 4 .   ? 16.726  16.030  5.609   1.00 22.01 ? 515 HOH A O   1 
HETATM 1498 O O   . HOH E 4 .   ? -9.587  6.758   6.095   1.00 16.64 ? 516 HOH A O   1 
HETATM 1499 O O   . HOH E 4 .   ? -13.238 -12.951 6.235   1.00 17.50 ? 517 HOH A O   1 
HETATM 1500 O O   . HOH E 4 .   ? 16.661  -5.580  3.112   1.00 33.75 ? 518 HOH A O   1 
HETATM 1501 O O   . HOH E 4 .   ? 16.877  10.342  5.626   1.00 28.58 ? 519 HOH A O   1 
HETATM 1502 O O   . HOH E 4 .   ? 1.188   7.181   -15.038 1.00 16.22 ? 520 HOH A O   1 
HETATM 1503 O O   . HOH E 4 .   ? 14.434  7.169   -6.305  1.00 4.86  ? 521 HOH A O   1 
HETATM 1504 O O   . HOH E 4 .   ? 16.319  19.410  3.386   1.00 37.19 ? 522 HOH A O   1 
HETATM 1505 O O   . HOH E 4 .   ? -0.725  13.412  8.115   1.00 18.31 ? 523 HOH A O   1 
HETATM 1506 O O   . HOH E 4 .   ? 0.998   17.746  -2.244  1.00 28.10 ? 524 HOH A O   1 
HETATM 1507 O O   . HOH E 4 .   ? 9.101   -4.205  -8.756  1.00 24.43 ? 525 HOH A O   1 
HETATM 1508 O O   . HOH E 4 .   ? -4.519  0.907   17.920  1.00 24.53 ? 526 HOH A O   1 
HETATM 1509 O O   . HOH E 4 .   ? -10.072 -10.108 -11.957 1.00 14.47 ? 527 HOH A O   1 
HETATM 1510 O O   . HOH E 4 .   ? -16.964 -1.216  5.283   1.00 12.49 ? 528 HOH A O   1 
HETATM 1511 O O   . HOH E 4 .   ? 10.438  -9.647  3.798   1.00 34.09 ? 529 HOH A O   1 
HETATM 1512 O O   . HOH E 4 .   ? -24.087 -4.380  -8.174  1.00 40.29 ? 530 HOH A O   1 
HETATM 1513 O O   . HOH E 4 .   ? 16.530  9.504   -0.104  1.00 23.97 ? 531 HOH A O   1 
HETATM 1514 O O   . HOH E 4 .   ? -13.455 1.450   -17.708 1.00 28.49 ? 532 HOH A O   1 
HETATM 1515 O O   . HOH E 4 .   ? -8.857  12.267  -14.430 1.00 26.21 ? 533 HOH A O   1 
HETATM 1516 O O   . HOH E 4 .   ? -12.747 -14.669 -2.329  1.00 21.43 ? 534 HOH A O   1 
HETATM 1517 O O   . HOH E 4 .   ? -15.266 4.566   -17.107 1.00 15.46 ? 535 HOH A O   1 
HETATM 1518 O O   . HOH E 4 .   ? -1.033  3.724   4.027   1.00 9.65  ? 536 HOH A O   1 
HETATM 1519 O O   . HOH E 4 .   ? 14.409  19.029  11.926  1.00 21.97 ? 537 HOH A O   1 
HETATM 1520 O O   . HOH E 4 .   ? -14.857 2.400   4.534   1.00 24.36 ? 538 HOH A O   1 
HETATM 1521 O O   . HOH E 4 .   ? -19.337 -10.271 0.536   1.00 17.01 ? 539 HOH A O   1 
HETATM 1522 O O   . HOH E 4 .   ? 0.815   14.806  6.110   1.00 17.99 ? 540 HOH A O   1 
HETATM 1523 O O   . HOH E 4 .   ? -14.623 8.466   -13.360 1.00 29.21 ? 541 HOH A O   1 
HETATM 1524 O O   . HOH E 4 .   ? -4.925  -17.181 3.133   1.00 19.44 ? 542 HOH A O   1 
HETATM 1525 O O   . HOH E 4 .   ? -7.341  3.017   3.963   1.00 17.72 ? 543 HOH A O   1 
HETATM 1526 O O   . HOH E 4 .   ? 4.311   11.388  13.233  1.00 19.21 ? 544 HOH A O   1 
HETATM 1527 O O   . HOH E 4 .   ? 5.043   -9.857  10.338  1.00 30.15 ? 545 HOH A O   1 
HETATM 1528 O O   . HOH E 4 .   ? 18.234  16.326  7.555   1.00 36.19 ? 546 HOH A O   1 
HETATM 1529 O O   . HOH E 4 .   ? -0.846  -8.972  -15.589 1.00 23.18 ? 547 HOH A O   1 
HETATM 1530 O O   . HOH E 4 .   ? 6.953   -10.107 8.549   1.00 30.47 ? 548 HOH A O   1 
HETATM 1531 O O   . HOH E 4 .   ? -8.513  11.538  -2.827  1.00 24.56 ? 549 HOH A O   1 
HETATM 1532 O O   . HOH E 4 .   ? -5.236  4.756   17.531  1.00 31.81 ? 550 HOH A O   1 
HETATM 1533 O O   . HOH E 4 .   ? 10.357  -8.479  6.632   1.00 27.85 ? 551 HOH A O   1 
HETATM 1534 O O   . HOH E 4 .   ? -11.000 -2.780  -19.639 1.00 34.89 ? 552 HOH A O   1 
HETATM 1535 O O   . HOH E 4 .   ? 8.824   -10.970 7.505   1.00 33.00 ? 553 HOH A O   1 
HETATM 1536 O O   . HOH E 4 .   ? -9.455  9.284   2.365   1.00 29.10 ? 554 HOH A O   1 
HETATM 1537 O O   . HOH E 4 .   ? -18.085 6.719   -3.525  1.00 26.26 ? 555 HOH A O   1 
HETATM 1538 O O   . HOH E 4 .   ? 11.957  -7.187  -2.776  1.00 23.73 ? 556 HOH A O   1 
HETATM 1539 O O   . HOH E 4 .   ? 7.930   -15.313 -7.689  1.00 22.36 ? 557 HOH A O   1 
HETATM 1540 O O   . HOH E 4 .   ? 5.149   5.831   20.279  1.00 30.24 ? 558 HOH A O   1 
HETATM 1541 O O   . HOH E 4 .   ? -10.264 -3.017  15.312  1.00 23.55 ? 559 HOH A O   1 
HETATM 1542 O O   . HOH E 4 .   ? -3.392  12.600  5.799   1.00 30.87 ? 560 HOH A O   1 
HETATM 1543 O O   . HOH E 4 .   ? -17.392 1.035   3.397   1.00 34.30 ? 561 HOH A O   1 
HETATM 1544 O O   . HOH E 4 .   ? 13.753  -8.197  0.650   1.00 26.33 ? 562 HOH A O   1 
HETATM 1545 O O   . HOH E 4 .   ? -16.030 6.676   2.451   1.00 30.09 ? 563 HOH A O   1 
HETATM 1546 O O   . HOH E 4 .   ? -7.760  -0.263  -21.214 1.00 41.15 ? 564 HOH A O   1 
HETATM 1547 O O   . HOH E 4 .   ? -10.376 -21.301 7.458   1.00 27.18 ? 565 HOH A O   1 
HETATM 1548 O O   . HOH E 4 .   ? 6.356   -4.429  18.592  1.00 33.74 ? 566 HOH A O   1 
HETATM 1549 O O   . HOH E 4 .   ? -10.620 -4.234  8.703   1.00 14.68 ? 567 HOH A O   1 
HETATM 1550 O O   . HOH E 4 .   ? -15.578 6.612   -9.592  1.00 30.94 ? 568 HOH A O   1 
HETATM 1551 O O   . HOH E 4 .   ? -1.232  -21.530 -4.746  1.00 19.02 ? 569 HOH A O   1 
HETATM 1552 O O   . HOH E 4 .   ? -6.176  13.591  0.007   1.00 31.60 ? 570 HOH A O   1 
HETATM 1553 O O   . HOH E 4 .   ? -20.947 -8.980  1.880   1.00 15.10 ? 571 HOH A O   1 
HETATM 1554 O O   . HOH E 4 .   ? 10.780  -17.591 -2.576  1.00 40.82 ? 572 HOH A O   1 
HETATM 1555 O O   . HOH E 4 .   ? -13.055 -19.425 3.269   1.00 32.54 ? 573 HOH A O   1 
HETATM 1556 O O   . HOH E 4 .   ? 0.009   -1.661  21.049  1.00 33.87 ? 574 HOH A O   1 
HETATM 1557 O O   . HOH E 4 .   ? -6.276  2.439   17.284  1.00 28.34 ? 575 HOH A O   1 
HETATM 1558 O O   . HOH E 4 .   ? -17.735 7.606   -14.206 1.00 26.48 ? 576 HOH A O   1 
HETATM 1559 O O   . HOH E 4 .   ? 1.514   17.079  -0.089  1.00 23.10 ? 577 HOH A O   1 
HETATM 1560 O O   . HOH E 4 .   ? 10.178  -13.971 4.545   1.00 36.76 ? 578 HOH A O   1 
HETATM 1561 O O   . HOH E 4 .   ? -12.498 -8.554  8.531   1.00 26.55 ? 579 HOH A O   1 
HETATM 1562 O O   . HOH E 4 .   ? -11.597 3.835   -19.691 1.00 26.76 ? 580 HOH A O   1 
HETATM 1563 O O   . HOH E 4 .   ? -11.413 -6.002  12.502  1.00 41.77 ? 581 HOH A O   1 
HETATM 1564 O O   . HOH E 4 .   ? -18.993 -9.965  -3.800  1.00 34.27 ? 582 HOH A O   1 
HETATM 1565 O O   . HOH E 4 .   ? -4.543  -19.549 7.973   1.00 32.14 ? 583 HOH A O   1 
HETATM 1566 O O   . HOH E 4 .   ? 0.730   7.281   17.089  1.00 36.93 ? 584 HOH A O   1 
HETATM 1567 O O   . HOH E 4 .   ? -0.878  -2.284  -20.552 1.00 30.26 ? 585 HOH A O   1 
HETATM 1568 O O   . HOH E 4 .   ? -6.259  12.453  -2.183  1.00 24.31 ? 586 HOH A O   1 
HETATM 1569 O O   . HOH E 4 .   ? -0.952  8.165   -17.573 1.00 27.59 ? 587 HOH A O   1 
HETATM 1570 O O   . HOH E 4 .   ? 4.421   22.497  -11.429 1.00 33.87 ? 588 HOH A O   1 
HETATM 1571 O O   . HOH E 4 .   ? -12.049 10.629  -10.700 1.00 22.46 ? 589 HOH A O   1 
HETATM 1572 O O   . HOH E 4 .   ? 2.875   5.025   -15.227 1.00 29.08 ? 590 HOH A O   1 
HETATM 1573 O O   . HOH E 4 .   ? -12.398 10.018  4.583   1.00 33.37 ? 591 HOH A O   1 
HETATM 1574 O O   . HOH E 4 .   ? 15.075  1.142   7.479   1.00 34.73 ? 592 HOH A O   1 
HETATM 1575 O O   . HOH E 4 .   ? 4.683   2.133   20.162  1.00 31.72 ? 593 HOH A O   1 
HETATM 1576 O O   . HOH E 4 .   ? -13.170 -2.305  13.064  1.00 36.58 ? 594 HOH A O   1 
# 
loop_
_pdbx_poly_seq_scheme.asym_id 
_pdbx_poly_seq_scheme.entity_id 
_pdbx_poly_seq_scheme.seq_id 
_pdbx_poly_seq_scheme.mon_id 
_pdbx_poly_seq_scheme.ndb_seq_num 
_pdbx_poly_seq_scheme.pdb_seq_num 
_pdbx_poly_seq_scheme.auth_seq_num 
_pdbx_poly_seq_scheme.pdb_mon_id 
_pdbx_poly_seq_scheme.auth_mon_id 
_pdbx_poly_seq_scheme.pdb_strand_id 
_pdbx_poly_seq_scheme.pdb_ins_code 
_pdbx_poly_seq_scheme.hetero 
A 1 1   GLY 1   63  63  GLY GLY A . n 
A 1 2   SER 2   64  64  SER SER A . n 
A 1 3   LEU 3   65  65  LEU LEU A . n 
A 1 4   ASP 4   66  66  ASP ASP A . n 
A 1 5   GLY 5   67  67  GLY GLY A . n 
A 1 6   PRO 6   68  68  PRO PRO A . n 
A 1 7   TYR 7   69  69  TYR TYR A . n 
A 1 8   GLN 8   70  70  GLN GLN A . n 
A 1 9   SER 9   71  71  SER SER A . n 
A 1 10  THR 10  72  72  THR THR A . n 
A 1 11  SER 11  73  73  SER SER A . n 
A 1 12  PHE 12  74  74  PHE PHE A . n 
A 1 13  LYS 13  75  75  LYS LYS A . n 
A 1 14  PRO 14  76  76  PRO PRO A . n 
A 1 15  PRO 15  77  77  PRO PRO A . n 
A 1 16  SER 16  78  78  SER SER A . n 
A 1 17  ASP 17  79  79  ASP ASP A . n 
A 1 18  TYR 18  80  80  TYR TYR A . n 
A 1 19  TRP 19  81  81  TRP TRP A . n 
A 1 20  ILE 20  82  82  ILE ILE A . n 
A 1 21  LEU 21  83  83  LEU LEU A . n 
A 1 22  LEU 22  84  84  LEU LEU A . n 
A 1 23  ASN 23  85  85  ASN ASN A . n 
A 1 24  PRO 24  86  86  PRO PRO A . n 
A 1 25  THR 25  87  87  THR THR A . n 
A 1 26  ASN 26  88  88  ASN ASN A . n 
A 1 27  GLN 27  89  89  GLN GLN A . n 
A 1 28  GLN 28  90  90  GLN GLN A . n 
A 1 29  VAL 29  91  91  VAL VAL A . n 
A 1 30  VAL 30  92  92  VAL VAL A . n 
A 1 31  LEU 31  93  93  LEU LEU A . n 
A 1 32  GLU 32  94  94  GLU GLU A . n 
A 1 33  GLY 33  95  95  GLY GLY A . n 
A 1 34  THR 34  96  96  THR THR A . n 
A 1 35  ASN 35  97  97  ASN ASN A . n 
A 1 36  LYS 36  98  98  LYS LYS A . n 
A 1 37  THR 37  99  99  THR THR A . n 
A 1 38  ASP 38  100 100 ASP ASP A . n 
A 1 39  ILE 39  101 101 ILE ILE A . n 
A 1 40  TRP 40  102 102 TRP TRP A . n 
A 1 41  VAL 41  103 103 VAL VAL A . n 
A 1 42  ALA 42  104 104 ALA ALA A . n 
A 1 43  LEU 43  105 105 LEU LEU A . n 
A 1 44  LEU 44  106 106 LEU LEU A . n 
A 1 45  LEU 45  107 107 LEU LEU A . n 
A 1 46  VAL 46  108 108 VAL VAL A . n 
A 1 47  GLU 47  109 109 GLU GLU A . n 
A 1 48  PRO 48  110 110 PRO PRO A . n 
A 1 49  ASN 49  111 111 ASN ASN A . n 
A 1 50  VAL 50  112 112 VAL VAL A . n 
A 1 51  THR 51  113 113 THR THR A . n 
A 1 52  ASN 52  114 114 ASN ASN A . n 
A 1 53  GLN 53  115 115 GLN GLN A . n 
A 1 54  SER 54  116 116 SER SER A . n 
A 1 55  ARG 55  117 117 ARG ARG A . n 
A 1 56  GLN 56  118 118 GLN GLN A . n 
A 1 57  TYR 57  119 119 TYR TYR A . n 
A 1 58  THR 58  120 120 THR THR A . n 
A 1 59  LEU 59  121 121 LEU LEU A . n 
A 1 60  PHE 60  122 122 PHE PHE A . n 
A 1 61  GLY 61  123 123 GLY GLY A . n 
A 1 62  GLU 62  124 124 GLU GLU A . n 
A 1 63  THR 63  125 125 THR THR A . n 
A 1 64  LYS 64  126 126 LYS LYS A . n 
A 1 65  GLN 65  127 127 GLN GLN A . n 
A 1 66  ILE 66  128 128 ILE ILE A . n 
A 1 67  THR 67  129 129 THR THR A . n 
A 1 68  VAL 68  130 130 VAL VAL A . n 
A 1 69  GLU 69  131 131 GLU GLU A . n 
A 1 70  ASN 70  132 132 ASN ASN A . n 
A 1 71  ASN 71  133 133 ASN ASN A . n 
A 1 72  THR 72  134 134 THR THR A . n 
A 1 73  ASN 73  135 135 ASN ASN A . n 
A 1 74  LYS 74  136 136 LYS LYS A . n 
A 1 75  TRP 75  137 137 TRP TRP A . n 
A 1 76  LYS 76  138 138 LYS LYS A . n 
A 1 77  PHE 77  139 139 PHE PHE A . n 
A 1 78  PHE 78  140 140 PHE PHE A . n 
A 1 79  GLU 79  141 141 GLU GLU A . n 
A 1 80  MET 80  142 142 MET MET A . n 
A 1 81  PHE 81  143 143 PHE PHE A . n 
A 1 82  ARG 82  144 144 ARG ARG A . n 
A 1 83  SER 83  145 145 SER SER A . n 
A 1 84  SER 84  146 146 SER SER A . n 
A 1 85  VAL 85  147 147 VAL VAL A . n 
A 1 86  SER 86  148 148 SER SER A . n 
A 1 87  ALA 87  149 149 ALA ALA A . n 
A 1 88  GLU 88  150 150 GLU GLU A . n 
A 1 89  PHE 89  151 151 PHE PHE A . n 
A 1 90  GLN 90  152 152 GLN GLN A . n 
A 1 91  HIS 91  153 153 HIS HIS A . n 
A 1 92  LYS 92  154 154 LYS LYS A . n 
A 1 93  ARG 93  155 155 ARG ARG A . n 
A 1 94  THR 94  156 156 THR THR A . n 
A 1 95  LEU 95  157 157 LEU LEU A . n 
A 1 96  THR 96  158 158 THR THR A . n 
A 1 97  SER 97  159 159 SER SER A . n 
A 1 98  ASP 98  160 160 ASP ASP A . n 
A 1 99  THR 99  161 161 THR THR A . n 
A 1 100 LYS 100 162 162 LYS LYS A . n 
A 1 101 LEU 101 163 163 LEU LEU A . n 
A 1 102 ALA 102 164 164 ALA ALA A . n 
A 1 103 GLY 103 165 165 GLY GLY A . n 
A 1 104 PHE 104 166 166 PHE PHE A . n 
A 1 105 LEU 105 167 167 LEU LEU A . n 
A 1 106 LYS 106 168 168 LYS LYS A . n 
A 1 107 HIS 107 169 169 HIS HIS A . n 
A 1 108 TYR 108 170 170 TYR TYR A . n 
A 1 109 ASN 109 171 171 ASN ASN A . n 
A 1 110 SER 110 172 172 SER SER A . n 
A 1 111 VAL 111 173 173 VAL VAL A . n 
A 1 112 TRP 112 174 174 TRP TRP A . n 
A 1 113 THR 113 175 175 THR THR A . n 
A 1 114 PHE 114 176 176 PHE PHE A . n 
A 1 115 HIS 115 177 177 HIS HIS A . n 
A 1 116 GLY 116 178 178 GLY GLY A . n 
A 1 117 GLU 117 179 179 GLU GLU A . n 
A 1 118 THR 118 180 180 THR THR A . n 
A 1 119 PRO 119 181 181 PRO PRO A . n 
A 1 120 HIS 120 182 182 HIS HIS A . n 
A 1 121 ALA 121 183 183 ALA ALA A . n 
A 1 122 THR 122 184 184 THR THR A . n 
A 1 123 THR 123 185 185 THR THR A . n 
A 1 124 ASP 124 186 186 ASP ASP A . n 
A 1 125 TYR 125 187 187 TYR TYR A . n 
A 1 126 SER 126 188 188 SER SER A . n 
A 1 127 SER 127 189 189 SER SER A . n 
A 1 128 THR 128 190 190 THR THR A . n 
A 1 129 SER 129 191 191 SER SER A . n 
A 1 130 ASN 130 192 192 ASN ASN A . n 
A 1 131 LEU 131 193 193 LEU LEU A . n 
A 1 132 SER 132 194 194 SER SER A . n 
A 1 133 GLU 133 195 195 GLU GLU A . n 
A 1 134 VAL 134 196 196 VAL VAL A . n 
A 1 135 GLU 135 197 197 GLU GLU A . n 
A 1 136 THR 136 198 198 THR THR A . n 
A 1 137 THR 137 199 199 THR THR A . n 
A 1 138 ILE 138 200 200 ILE ILE A . n 
A 1 139 HIS 139 201 201 HIS HIS A . n 
A 1 140 VAL 140 202 202 VAL VAL A . n 
A 1 141 GLU 141 203 203 GLU GLU A . n 
A 1 142 PHE 142 204 204 PHE PHE A . n 
A 1 143 TYR 143 205 205 TYR TYR A . n 
A 1 144 ILE 144 206 206 ILE ILE A . n 
A 1 145 ILE 145 207 207 ILE ILE A . n 
A 1 146 PRO 146 208 208 PRO PRO A . n 
A 1 147 ARG 147 209 209 ARG ARG A . n 
A 1 148 SER 148 210 210 SER SER A . n 
A 1 149 GLN 149 211 211 GLN GLN A . n 
A 1 150 GLU 150 212 212 GLU GLU A . n 
A 1 151 SER 151 213 213 SER SER A . n 
A 1 152 LYS 152 214 214 LYS LYS A . n 
A 1 153 CYS 153 215 215 CYS CYS A . n 
A 1 154 VAL 154 216 216 VAL VAL A . n 
A 1 155 GLU 155 217 217 GLU GLU A . n 
A 1 156 TYR 156 218 218 TYR TYR A . n 
A 1 157 ILE 157 219 219 ILE ILE A . n 
A 1 158 ASN 158 220 220 ASN ASN A . n 
A 1 159 THR 159 221 221 THR THR A . n 
A 1 160 GLY 160 222 222 GLY GLY A . n 
A 1 161 LEU 161 223 223 LEU LEU A . n 
# 
loop_
_pdbx_nonpoly_scheme.asym_id 
_pdbx_nonpoly_scheme.entity_id 
_pdbx_nonpoly_scheme.mon_id 
_pdbx_nonpoly_scheme.ndb_seq_num 
_pdbx_nonpoly_scheme.pdb_seq_num 
_pdbx_nonpoly_scheme.auth_seq_num 
_pdbx_nonpoly_scheme.pdb_mon_id 
_pdbx_nonpoly_scheme.auth_mon_id 
_pdbx_nonpoly_scheme.pdb_strand_id 
_pdbx_nonpoly_scheme.pdb_ins_code 
C 3 SO4 1   306 1   SO4 SO4 A . 
D 3 SO4 1   307 2   SO4 SO4 A . 
E 4 HOH 1   401 142 HOH HOH A . 
E 4 HOH 2   402 61  HOH HOH A . 
E 4 HOH 3   403 166 HOH HOH A . 
E 4 HOH 4   404 164 HOH HOH A . 
E 4 HOH 5   405 77  HOH HOH A . 
E 4 HOH 6   406 143 HOH HOH A . 
E 4 HOH 7   407 133 HOH HOH A . 
E 4 HOH 8   408 129 HOH HOH A . 
E 4 HOH 9   409 19  HOH HOH A . 
E 4 HOH 10  410 6   HOH HOH A . 
E 4 HOH 11  411 59  HOH HOH A . 
E 4 HOH 12  412 2   HOH HOH A . 
E 4 HOH 13  413 33  HOH HOH A . 
E 4 HOH 14  414 159 HOH HOH A . 
E 4 HOH 15  415 80  HOH HOH A . 
E 4 HOH 16  416 187 HOH HOH A . 
E 4 HOH 17  417 147 HOH HOH A . 
E 4 HOH 18  418 130 HOH HOH A . 
E 4 HOH 19  419 134 HOH HOH A . 
E 4 HOH 20  420 9   HOH HOH A . 
E 4 HOH 21  421 107 HOH HOH A . 
E 4 HOH 22  422 102 HOH HOH A . 
E 4 HOH 23  423 5   HOH HOH A . 
E 4 HOH 24  424 162 HOH HOH A . 
E 4 HOH 25  425 48  HOH HOH A . 
E 4 HOH 26  426 81  HOH HOH A . 
E 4 HOH 27  427 138 HOH HOH A . 
E 4 HOH 28  428 87  HOH HOH A . 
E 4 HOH 29  429 109 HOH HOH A . 
E 4 HOH 30  430 24  HOH HOH A . 
E 4 HOH 31  431 22  HOH HOH A . 
E 4 HOH 32  432 171 HOH HOH A . 
E 4 HOH 33  433 38  HOH HOH A . 
E 4 HOH 34  434 42  HOH HOH A . 
E 4 HOH 35  435 184 HOH HOH A . 
E 4 HOH 36  436 13  HOH HOH A . 
E 4 HOH 37  437 148 HOH HOH A . 
E 4 HOH 38  438 93  HOH HOH A . 
E 4 HOH 39  439 10  HOH HOH A . 
E 4 HOH 40  440 54  HOH HOH A . 
E 4 HOH 41  441 36  HOH HOH A . 
E 4 HOH 42  442 50  HOH HOH A . 
E 4 HOH 43  443 70  HOH HOH A . 
E 4 HOH 44  444 108 HOH HOH A . 
E 4 HOH 45  445 127 HOH HOH A . 
E 4 HOH 46  446 12  HOH HOH A . 
E 4 HOH 47  447 135 HOH HOH A . 
E 4 HOH 48  448 4   HOH HOH A . 
E 4 HOH 49  449 146 HOH HOH A . 
E 4 HOH 50  450 98  HOH HOH A . 
E 4 HOH 51  451 169 HOH HOH A . 
E 4 HOH 52  452 25  HOH HOH A . 
E 4 HOH 53  453 121 HOH HOH A . 
E 4 HOH 54  454 31  HOH HOH A . 
E 4 HOH 55  455 49  HOH HOH A . 
E 4 HOH 56  456 11  HOH HOH A . 
E 4 HOH 57  457 23  HOH HOH A . 
E 4 HOH 58  458 45  HOH HOH A . 
E 4 HOH 59  459 173 HOH HOH A . 
E 4 HOH 60  460 92  HOH HOH A . 
E 4 HOH 61  461 105 HOH HOH A . 
E 4 HOH 62  462 94  HOH HOH A . 
E 4 HOH 63  463 123 HOH HOH A . 
E 4 HOH 64  464 68  HOH HOH A . 
E 4 HOH 65  465 35  HOH HOH A . 
E 4 HOH 66  466 46  HOH HOH A . 
E 4 HOH 67  467 112 HOH HOH A . 
E 4 HOH 68  468 53  HOH HOH A . 
E 4 HOH 69  469 95  HOH HOH A . 
E 4 HOH 70  470 30  HOH HOH A . 
E 4 HOH 71  471 99  HOH HOH A . 
E 4 HOH 72  472 3   HOH HOH A . 
E 4 HOH 73  473 179 HOH HOH A . 
E 4 HOH 74  474 29  HOH HOH A . 
E 4 HOH 75  475 71  HOH HOH A . 
E 4 HOH 76  476 188 HOH HOH A . 
E 4 HOH 77  477 76  HOH HOH A . 
E 4 HOH 78  478 57  HOH HOH A . 
E 4 HOH 79  479 122 HOH HOH A . 
E 4 HOH 80  480 66  HOH HOH A . 
E 4 HOH 81  481 20  HOH HOH A . 
E 4 HOH 82  482 194 HOH HOH A . 
E 4 HOH 83  483 62  HOH HOH A . 
E 4 HOH 84  484 7   HOH HOH A . 
E 4 HOH 85  485 21  HOH HOH A . 
E 4 HOH 86  486 39  HOH HOH A . 
E 4 HOH 87  487 119 HOH HOH A . 
E 4 HOH 88  488 82  HOH HOH A . 
E 4 HOH 89  489 44  HOH HOH A . 
E 4 HOH 90  490 26  HOH HOH A . 
E 4 HOH 91  491 72  HOH HOH A . 
E 4 HOH 92  492 47  HOH HOH A . 
E 4 HOH 93  493 64  HOH HOH A . 
E 4 HOH 94  494 88  HOH HOH A . 
E 4 HOH 95  495 52  HOH HOH A . 
E 4 HOH 96  496 174 HOH HOH A . 
E 4 HOH 97  497 41  HOH HOH A . 
E 4 HOH 98  498 56  HOH HOH A . 
E 4 HOH 99  499 182 HOH HOH A . 
E 4 HOH 100 500 8   HOH HOH A . 
E 4 HOH 101 501 160 HOH HOH A . 
E 4 HOH 102 502 172 HOH HOH A . 
E 4 HOH 103 503 55  HOH HOH A . 
E 4 HOH 104 504 185 HOH HOH A . 
E 4 HOH 105 505 75  HOH HOH A . 
E 4 HOH 106 506 139 HOH HOH A . 
E 4 HOH 107 507 183 HOH HOH A . 
E 4 HOH 108 508 37  HOH HOH A . 
E 4 HOH 109 509 137 HOH HOH A . 
E 4 HOH 110 510 58  HOH HOH A . 
E 4 HOH 111 511 17  HOH HOH A . 
E 4 HOH 112 512 89  HOH HOH A . 
E 4 HOH 113 513 18  HOH HOH A . 
E 4 HOH 114 514 67  HOH HOH A . 
E 4 HOH 115 515 69  HOH HOH A . 
E 4 HOH 116 516 28  HOH HOH A . 
E 4 HOH 117 517 15  HOH HOH A . 
E 4 HOH 118 518 74  HOH HOH A . 
E 4 HOH 119 519 118 HOH HOH A . 
E 4 HOH 120 520 34  HOH HOH A . 
E 4 HOH 121 521 1   HOH HOH A . 
E 4 HOH 122 522 141 HOH HOH A . 
E 4 HOH 123 523 116 HOH HOH A . 
E 4 HOH 124 524 100 HOH HOH A . 
E 4 HOH 125 525 125 HOH HOH A . 
E 4 HOH 126 526 193 HOH HOH A . 
E 4 HOH 127 527 16  HOH HOH A . 
E 4 HOH 128 528 32  HOH HOH A . 
E 4 HOH 129 529 149 HOH HOH A . 
E 4 HOH 130 530 78  HOH HOH A . 
E 4 HOH 131 531 60  HOH HOH A . 
E 4 HOH 132 532 97  HOH HOH A . 
E 4 HOH 133 533 181 HOH HOH A . 
E 4 HOH 134 534 90  HOH HOH A . 
E 4 HOH 135 535 51  HOH HOH A . 
E 4 HOH 136 536 14  HOH HOH A . 
E 4 HOH 137 537 115 HOH HOH A . 
E 4 HOH 138 538 103 HOH HOH A . 
E 4 HOH 139 539 84  HOH HOH A . 
E 4 HOH 140 540 27  HOH HOH A . 
E 4 HOH 141 541 128 HOH HOH A . 
E 4 HOH 142 542 79  HOH HOH A . 
E 4 HOH 143 543 117 HOH HOH A . 
E 4 HOH 144 544 113 HOH HOH A . 
E 4 HOH 145 545 140 HOH HOH A . 
E 4 HOH 146 546 86  HOH HOH A . 
E 4 HOH 147 547 191 HOH HOH A . 
E 4 HOH 148 548 132 HOH HOH A . 
E 4 HOH 149 549 40  HOH HOH A . 
E 4 HOH 150 550 155 HOH HOH A . 
E 4 HOH 151 551 136 HOH HOH A . 
E 4 HOH 152 552 180 HOH HOH A . 
E 4 HOH 153 553 145 HOH HOH A . 
E 4 HOH 154 554 91  HOH HOH A . 
E 4 HOH 155 555 192 HOH HOH A . 
E 4 HOH 156 556 131 HOH HOH A . 
E 4 HOH 157 557 189 HOH HOH A . 
E 4 HOH 158 558 114 HOH HOH A . 
E 4 HOH 159 559 96  HOH HOH A . 
E 4 HOH 160 560 177 HOH HOH A . 
E 4 HOH 161 561 144 HOH HOH A . 
E 4 HOH 162 562 190 HOH HOH A . 
E 4 HOH 163 563 157 HOH HOH A . 
E 4 HOH 164 564 104 HOH HOH A . 
E 4 HOH 165 565 163 HOH HOH A . 
E 4 HOH 166 566 178 HOH HOH A . 
E 4 HOH 167 567 73  HOH HOH A . 
E 4 HOH 168 568 151 HOH HOH A . 
E 4 HOH 169 569 43  HOH HOH A . 
E 4 HOH 170 570 120 HOH HOH A . 
E 4 HOH 171 571 63  HOH HOH A . 
E 4 HOH 172 572 154 HOH HOH A . 
E 4 HOH 173 573 165 HOH HOH A . 
E 4 HOH 174 574 111 HOH HOH A . 
E 4 HOH 175 575 161 HOH HOH A . 
E 4 HOH 176 576 153 HOH HOH A . 
E 4 HOH 177 577 106 HOH HOH A . 
E 4 HOH 178 578 168 HOH HOH A . 
E 4 HOH 179 579 85  HOH HOH A . 
E 4 HOH 180 580 110 HOH HOH A . 
E 4 HOH 181 581 175 HOH HOH A . 
E 4 HOH 182 582 176 HOH HOH A . 
E 4 HOH 183 583 156 HOH HOH A . 
E 4 HOH 184 584 150 HOH HOH A . 
E 4 HOH 185 585 124 HOH HOH A . 
E 4 HOH 186 586 65  HOH HOH A . 
E 4 HOH 187 587 101 HOH HOH A . 
E 4 HOH 188 588 186 HOH HOH A . 
E 4 HOH 189 589 126 HOH HOH A . 
E 4 HOH 190 590 152 HOH HOH A . 
E 4 HOH 191 591 83  HOH HOH A . 
E 4 HOH 192 592 170 HOH HOH A . 
E 4 HOH 193 593 167 HOH HOH A . 
E 4 HOH 194 594 158 HOH HOH A . 
# 
_pdbx_struct_assembly.id                   1 
_pdbx_struct_assembly.details              author_and_software_defined_assembly 
_pdbx_struct_assembly.method_details       PISA 
_pdbx_struct_assembly.oligomeric_details   monomeric 
_pdbx_struct_assembly.oligomeric_count     1 
# 
_pdbx_struct_assembly_gen.assembly_id       1 
_pdbx_struct_assembly_gen.oper_expression   1 
_pdbx_struct_assembly_gen.asym_id_list      A,B,C,D,E 
# 
loop_
_pdbx_struct_assembly_prop.biol_id 
_pdbx_struct_assembly_prop.type 
_pdbx_struct_assembly_prop.value 
_pdbx_struct_assembly_prop.details 
1 'ABSA (A^2)' 1920 ? 
1 MORE         -3   ? 
1 'SSA (A^2)'  7840 ? 
# 
_pdbx_struct_oper_list.id                   1 
_pdbx_struct_oper_list.type                 'identity operation' 
_pdbx_struct_oper_list.name                 1_555 
_pdbx_struct_oper_list.symmetry_operation   x,y,z 
_pdbx_struct_oper_list.matrix[1][1]         1.0000000000 
_pdbx_struct_oper_list.matrix[1][2]         0.0000000000 
_pdbx_struct_oper_list.matrix[1][3]         0.0000000000 
_pdbx_struct_oper_list.vector[1]            0.0000000000 
_pdbx_struct_oper_list.matrix[2][1]         0.0000000000 
_pdbx_struct_oper_list.matrix[2][2]         1.0000000000 
_pdbx_struct_oper_list.matrix[2][3]         0.0000000000 
_pdbx_struct_oper_list.vector[2]            0.0000000000 
_pdbx_struct_oper_list.matrix[3][1]         0.0000000000 
_pdbx_struct_oper_list.matrix[3][2]         0.0000000000 
_pdbx_struct_oper_list.matrix[3][3]         1.0000000000 
_pdbx_struct_oper_list.vector[3]            0.0000000000 
# 
loop_
_pdbx_audit_revision_history.ordinal 
_pdbx_audit_revision_history.data_content_type 
_pdbx_audit_revision_history.major_revision 
_pdbx_audit_revision_history.minor_revision 
_pdbx_audit_revision_history.revision_date 
1 'Structure model' 1 0 2018-07-18 
2 'Structure model' 1 1 2019-12-11 
3 'Structure model' 2 0 2020-07-29 
4 'Structure model' 2 1 2023-10-04 
# 
loop_
_pdbx_audit_revision_details.ordinal 
_pdbx_audit_revision_details.revision_ordinal 
_pdbx_audit_revision_details.data_content_type 
_pdbx_audit_revision_details.provider 
_pdbx_audit_revision_details.type 
_pdbx_audit_revision_details.description 
_pdbx_audit_revision_details.details 
1 1 'Structure model' repository 'Initial release' ?                          ? 
2 3 'Structure model' repository Remediation       'Carbohydrate remediation' ? 
# 
loop_
_pdbx_audit_revision_group.ordinal 
_pdbx_audit_revision_group.revision_ordinal 
_pdbx_audit_revision_group.data_content_type 
_pdbx_audit_revision_group.group 
1  2 'Structure model' 'Author supporting evidence' 
2  2 'Structure model' 'Data collection'            
3  3 'Structure model' 'Atomic model'               
4  3 'Structure model' 'Data collection'            
5  3 'Structure model' 'Derived calculations'       
6  3 'Structure model' 'Structure summary'          
7  4 'Structure model' 'Data collection'            
8  4 'Structure model' 'Database references'        
9  4 'Structure model' 'Derived calculations'       
10 4 'Structure model' 'Refinement description'     
11 4 'Structure model' 'Structure summary'          
# 
loop_
_pdbx_audit_revision_category.ordinal 
_pdbx_audit_revision_category.revision_ordinal 
_pdbx_audit_revision_category.data_content_type 
_pdbx_audit_revision_category.category 
1  2 'Structure model' chem_comp                     
2  2 'Structure model' pdbx_audit_support            
3  3 'Structure model' atom_site                     
4  3 'Structure model' chem_comp                     
5  3 'Structure model' entity                        
6  3 'Structure model' pdbx_branch_scheme            
7  3 'Structure model' pdbx_chem_comp_identifier     
8  3 'Structure model' pdbx_entity_branch            
9  3 'Structure model' pdbx_entity_branch_descriptor 
10 3 'Structure model' pdbx_entity_branch_link       
11 3 'Structure model' pdbx_entity_branch_list       
12 3 'Structure model' pdbx_entity_nonpoly           
13 3 'Structure model' pdbx_nonpoly_scheme           
14 3 'Structure model' pdbx_struct_assembly_gen      
15 3 'Structure model' struct_asym                   
16 3 'Structure model' struct_conn                   
17 3 'Structure model' struct_site                   
18 3 'Structure model' struct_site_gen               
19 4 'Structure model' chem_comp                     
20 4 'Structure model' chem_comp_atom                
21 4 'Structure model' chem_comp_bond                
22 4 'Structure model' database_2                    
23 4 'Structure model' pdbx_initial_refinement_model 
24 4 'Structure model' struct_conn                   
# 
loop_
_pdbx_audit_revision_item.ordinal 
_pdbx_audit_revision_item.revision_ordinal 
_pdbx_audit_revision_item.data_content_type 
_pdbx_audit_revision_item.item 
1  2 'Structure model' '_chem_comp.type'                          
2  2 'Structure model' '_pdbx_audit_support.funding_organization' 
3  3 'Structure model' '_atom_site.B_iso_or_equiv'                
4  3 'Structure model' '_atom_site.Cartn_x'                       
5  3 'Structure model' '_atom_site.Cartn_y'                       
6  3 'Structure model' '_atom_site.Cartn_z'                       
7  3 'Structure model' '_atom_site.auth_asym_id'                  
8  3 'Structure model' '_atom_site.auth_atom_id'                  
9  3 'Structure model' '_atom_site.auth_comp_id'                  
10 3 'Structure model' '_atom_site.auth_seq_id'                   
11 3 'Structure model' '_atom_site.label_asym_id'                 
12 3 'Structure model' '_atom_site.label_atom_id'                 
13 3 'Structure model' '_atom_site.label_comp_id'                 
14 3 'Structure model' '_atom_site.label_entity_id'               
15 3 'Structure model' '_atom_site.type_symbol'                   
16 3 'Structure model' '_chem_comp.name'                          
17 3 'Structure model' '_chem_comp.type'                          
18 3 'Structure model' '_pdbx_struct_assembly_gen.asym_id_list'   
19 3 'Structure model' '_struct_conn.pdbx_dist_value'             
20 3 'Structure model' '_struct_conn.ptnr1_auth_asym_id'          
21 3 'Structure model' '_struct_conn.ptnr1_auth_comp_id'          
22 3 'Structure model' '_struct_conn.ptnr1_auth_seq_id'           
23 3 'Structure model' '_struct_conn.ptnr1_label_asym_id'         
24 3 'Structure model' '_struct_conn.ptnr1_label_atom_id'         
25 3 'Structure model' '_struct_conn.ptnr1_label_comp_id'         
26 3 'Structure model' '_struct_conn.ptnr2_auth_asym_id'          
27 3 'Structure model' '_struct_conn.ptnr2_auth_comp_id'          
28 3 'Structure model' '_struct_conn.ptnr2_auth_seq_id'           
29 3 'Structure model' '_struct_conn.ptnr2_label_asym_id'         
30 3 'Structure model' '_struct_conn.ptnr2_label_atom_id'         
31 3 'Structure model' '_struct_conn.ptnr2_label_comp_id'         
32 4 'Structure model' '_chem_comp.pdbx_synonyms'                 
33 4 'Structure model' '_database_2.pdbx_DOI'                     
34 4 'Structure model' '_database_2.pdbx_database_accession'      
35 4 'Structure model' '_struct_conn.pdbx_leaving_atom_flag'      
# 
loop_
_software.citation_id 
_software.classification 
_software.compiler_name 
_software.compiler_version 
_software.contact_author 
_software.contact_author_email 
_software.date 
_software.description 
_software.dependencies 
_software.hardware 
_software.language 
_software.location 
_software.mods 
_software.name 
_software.os 
_software.os_version 
_software.type 
_software.version 
_software.pdbx_ordinal 
? refinement       ? ? ? ? ? ? ? ? ? ? ? PHENIX  ? ? ? 1.8.4_1496 1 
? 'data reduction' ? ? ? ? ? ? ? ? ? ? ? iMOSFLM ? ? ? 7.0.9      2 
? 'data scaling'   ? ? ? ? ? ? ? ? ? ? ? SCALA   ? ? ? 3.3.21     3 
? phasing          ? ? ? ? ? ? ? ? ? ? ? PHASER  ? ? ? 2.5.5      4 
# 
loop_
_pdbx_validate_torsion.id 
_pdbx_validate_torsion.PDB_model_num 
_pdbx_validate_torsion.auth_comp_id 
_pdbx_validate_torsion.auth_asym_id 
_pdbx_validate_torsion.auth_seq_id 
_pdbx_validate_torsion.PDB_ins_code 
_pdbx_validate_torsion.label_alt_id 
_pdbx_validate_torsion.phi 
_pdbx_validate_torsion.psi 
1 1 THR A 87  ? ? -103.27 -77.11  
2 1 THR A 99  ? ? -125.68 -54.95  
3 1 TYR A 170 ? ? 62.90   -102.72 
4 1 ASN A 192 ? ? -145.12 50.82   
# 
loop_
_chem_comp_atom.comp_id 
_chem_comp_atom.atom_id 
_chem_comp_atom.type_symbol 
_chem_comp_atom.pdbx_aromatic_flag 
_chem_comp_atom.pdbx_stereo_config 
_chem_comp_atom.pdbx_ordinal 
ALA N    N N N 1   
ALA CA   C N S 2   
ALA C    C N N 3   
ALA O    O N N 4   
ALA CB   C N N 5   
ALA OXT  O N N 6   
ALA H    H N N 7   
ALA H2   H N N 8   
ALA HA   H N N 9   
ALA HB1  H N N 10  
ALA HB2  H N N 11  
ALA HB3  H N N 12  
ALA HXT  H N N 13  
ARG N    N N N 14  
ARG CA   C N S 15  
ARG C    C N N 16  
ARG O    O N N 17  
ARG CB   C N N 18  
ARG CG   C N N 19  
ARG CD   C N N 20  
ARG NE   N N N 21  
ARG CZ   C N N 22  
ARG NH1  N N N 23  
ARG NH2  N N N 24  
ARG OXT  O N N 25  
ARG H    H N N 26  
ARG H2   H N N 27  
ARG HA   H N N 28  
ARG HB2  H N N 29  
ARG HB3  H N N 30  
ARG HG2  H N N 31  
ARG HG3  H N N 32  
ARG HD2  H N N 33  
ARG HD3  H N N 34  
ARG HE   H N N 35  
ARG HH11 H N N 36  
ARG HH12 H N N 37  
ARG HH21 H N N 38  
ARG HH22 H N N 39  
ARG HXT  H N N 40  
ASN N    N N N 41  
ASN CA   C N S 42  
ASN C    C N N 43  
ASN O    O N N 44  
ASN CB   C N N 45  
ASN CG   C N N 46  
ASN OD1  O N N 47  
ASN ND2  N N N 48  
ASN OXT  O N N 49  
ASN H    H N N 50  
ASN H2   H N N 51  
ASN HA   H N N 52  
ASN HB2  H N N 53  
ASN HB3  H N N 54  
ASN HD21 H N N 55  
ASN HD22 H N N 56  
ASN HXT  H N N 57  
ASP N    N N N 58  
ASP CA   C N S 59  
ASP C    C N N 60  
ASP O    O N N 61  
ASP CB   C N N 62  
ASP CG   C N N 63  
ASP OD1  O N N 64  
ASP OD2  O N N 65  
ASP OXT  O N N 66  
ASP H    H N N 67  
ASP H2   H N N 68  
ASP HA   H N N 69  
ASP HB2  H N N 70  
ASP HB3  H N N 71  
ASP HD2  H N N 72  
ASP HXT  H N N 73  
BGC C2   C N R 74  
BGC C3   C N S 75  
BGC C4   C N S 76  
BGC C5   C N R 77  
BGC C6   C N N 78  
BGC C1   C N R 79  
BGC O1   O N N 80  
BGC O2   O N N 81  
BGC O3   O N N 82  
BGC O4   O N N 83  
BGC O5   O N N 84  
BGC O6   O N N 85  
BGC H2   H N N 86  
BGC H3   H N N 87  
BGC H4   H N N 88  
BGC H5   H N N 89  
BGC H61  H N N 90  
BGC H62  H N N 91  
BGC H1   H N N 92  
BGC HO1  H N N 93  
BGC HO2  H N N 94  
BGC HO3  H N N 95  
BGC HO4  H N N 96  
BGC HO6  H N N 97  
CYS N    N N N 98  
CYS CA   C N R 99  
CYS C    C N N 100 
CYS O    O N N 101 
CYS CB   C N N 102 
CYS SG   S N N 103 
CYS OXT  O N N 104 
CYS H    H N N 105 
CYS H2   H N N 106 
CYS HA   H N N 107 
CYS HB2  H N N 108 
CYS HB3  H N N 109 
CYS HG   H N N 110 
CYS HXT  H N N 111 
FUC C1   C N R 112 
FUC C2   C N S 113 
FUC C3   C N R 114 
FUC C4   C N S 115 
FUC C5   C N S 116 
FUC C6   C N N 117 
FUC O1   O N N 118 
FUC O2   O N N 119 
FUC O3   O N N 120 
FUC O4   O N N 121 
FUC O5   O N N 122 
FUC H1   H N N 123 
FUC H2   H N N 124 
FUC H3   H N N 125 
FUC H4   H N N 126 
FUC H5   H N N 127 
FUC H61  H N N 128 
FUC H62  H N N 129 
FUC H63  H N N 130 
FUC HO1  H N N 131 
FUC HO2  H N N 132 
FUC HO3  H N N 133 
FUC HO4  H N N 134 
GAL C1   C N R 135 
GAL C2   C N R 136 
GAL C3   C N S 137 
GAL C4   C N R 138 
GAL C5   C N R 139 
GAL C6   C N N 140 
GAL O1   O N N 141 
GAL O2   O N N 142 
GAL O3   O N N 143 
GAL O4   O N N 144 
GAL O5   O N N 145 
GAL O6   O N N 146 
GAL H1   H N N 147 
GAL H2   H N N 148 
GAL H3   H N N 149 
GAL H4   H N N 150 
GAL H5   H N N 151 
GAL H61  H N N 152 
GAL H62  H N N 153 
GAL HO1  H N N 154 
GAL HO2  H N N 155 
GAL HO3  H N N 156 
GAL HO4  H N N 157 
GAL HO6  H N N 158 
GLN N    N N N 159 
GLN CA   C N S 160 
GLN C    C N N 161 
GLN O    O N N 162 
GLN CB   C N N 163 
GLN CG   C N N 164 
GLN CD   C N N 165 
GLN OE1  O N N 166 
GLN NE2  N N N 167 
GLN OXT  O N N 168 
GLN H    H N N 169 
GLN H2   H N N 170 
GLN HA   H N N 171 
GLN HB2  H N N 172 
GLN HB3  H N N 173 
GLN HG2  H N N 174 
GLN HG3  H N N 175 
GLN HE21 H N N 176 
GLN HE22 H N N 177 
GLN HXT  H N N 178 
GLU N    N N N 179 
GLU CA   C N S 180 
GLU C    C N N 181 
GLU O    O N N 182 
GLU CB   C N N 183 
GLU CG   C N N 184 
GLU CD   C N N 185 
GLU OE1  O N N 186 
GLU OE2  O N N 187 
GLU OXT  O N N 188 
GLU H    H N N 189 
GLU H2   H N N 190 
GLU HA   H N N 191 
GLU HB2  H N N 192 
GLU HB3  H N N 193 
GLU HG2  H N N 194 
GLU HG3  H N N 195 
GLU HE2  H N N 196 
GLU HXT  H N N 197 
GLY N    N N N 198 
GLY CA   C N N 199 
GLY C    C N N 200 
GLY O    O N N 201 
GLY OXT  O N N 202 
GLY H    H N N 203 
GLY H2   H N N 204 
GLY HA2  H N N 205 
GLY HA3  H N N 206 
GLY HXT  H N N 207 
HIS N    N N N 208 
HIS CA   C N S 209 
HIS C    C N N 210 
HIS O    O N N 211 
HIS CB   C N N 212 
HIS CG   C Y N 213 
HIS ND1  N Y N 214 
HIS CD2  C Y N 215 
HIS CE1  C Y N 216 
HIS NE2  N Y N 217 
HIS OXT  O N N 218 
HIS H    H N N 219 
HIS H2   H N N 220 
HIS HA   H N N 221 
HIS HB2  H N N 222 
HIS HB3  H N N 223 
HIS HD1  H N N 224 
HIS HD2  H N N 225 
HIS HE1  H N N 226 
HIS HE2  H N N 227 
HIS HXT  H N N 228 
HOH O    O N N 229 
HOH H1   H N N 230 
HOH H2   H N N 231 
ILE N    N N N 232 
ILE CA   C N S 233 
ILE C    C N N 234 
ILE O    O N N 235 
ILE CB   C N S 236 
ILE CG1  C N N 237 
ILE CG2  C N N 238 
ILE CD1  C N N 239 
ILE OXT  O N N 240 
ILE H    H N N 241 
ILE H2   H N N 242 
ILE HA   H N N 243 
ILE HB   H N N 244 
ILE HG12 H N N 245 
ILE HG13 H N N 246 
ILE HG21 H N N 247 
ILE HG22 H N N 248 
ILE HG23 H N N 249 
ILE HD11 H N N 250 
ILE HD12 H N N 251 
ILE HD13 H N N 252 
ILE HXT  H N N 253 
LEU N    N N N 254 
LEU CA   C N S 255 
LEU C    C N N 256 
LEU O    O N N 257 
LEU CB   C N N 258 
LEU CG   C N N 259 
LEU CD1  C N N 260 
LEU CD2  C N N 261 
LEU OXT  O N N 262 
LEU H    H N N 263 
LEU H2   H N N 264 
LEU HA   H N N 265 
LEU HB2  H N N 266 
LEU HB3  H N N 267 
LEU HG   H N N 268 
LEU HD11 H N N 269 
LEU HD12 H N N 270 
LEU HD13 H N N 271 
LEU HD21 H N N 272 
LEU HD22 H N N 273 
LEU HD23 H N N 274 
LEU HXT  H N N 275 
LYS N    N N N 276 
LYS CA   C N S 277 
LYS C    C N N 278 
LYS O    O N N 279 
LYS CB   C N N 280 
LYS CG   C N N 281 
LYS CD   C N N 282 
LYS CE   C N N 283 
LYS NZ   N N N 284 
LYS OXT  O N N 285 
LYS H    H N N 286 
LYS H2   H N N 287 
LYS HA   H N N 288 
LYS HB2  H N N 289 
LYS HB3  H N N 290 
LYS HG2  H N N 291 
LYS HG3  H N N 292 
LYS HD2  H N N 293 
LYS HD3  H N N 294 
LYS HE2  H N N 295 
LYS HE3  H N N 296 
LYS HZ1  H N N 297 
LYS HZ2  H N N 298 
LYS HZ3  H N N 299 
LYS HXT  H N N 300 
MET N    N N N 301 
MET CA   C N S 302 
MET C    C N N 303 
MET O    O N N 304 
MET CB   C N N 305 
MET CG   C N N 306 
MET SD   S N N 307 
MET CE   C N N 308 
MET OXT  O N N 309 
MET H    H N N 310 
MET H2   H N N 311 
MET HA   H N N 312 
MET HB2  H N N 313 
MET HB3  H N N 314 
MET HG2  H N N 315 
MET HG3  H N N 316 
MET HE1  H N N 317 
MET HE2  H N N 318 
MET HE3  H N N 319 
MET HXT  H N N 320 
NAG C1   C N R 321 
NAG C2   C N R 322 
NAG C3   C N R 323 
NAG C4   C N S 324 
NAG C5   C N R 325 
NAG C6   C N N 326 
NAG C7   C N N 327 
NAG C8   C N N 328 
NAG N2   N N N 329 
NAG O1   O N N 330 
NAG O3   O N N 331 
NAG O4   O N N 332 
NAG O5   O N N 333 
NAG O6   O N N 334 
NAG O7   O N N 335 
NAG H1   H N N 336 
NAG H2   H N N 337 
NAG H3   H N N 338 
NAG H4   H N N 339 
NAG H5   H N N 340 
NAG H61  H N N 341 
NAG H62  H N N 342 
NAG H81  H N N 343 
NAG H82  H N N 344 
NAG H83  H N N 345 
NAG HN2  H N N 346 
NAG HO1  H N N 347 
NAG HO3  H N N 348 
NAG HO4  H N N 349 
NAG HO6  H N N 350 
PHE N    N N N 351 
PHE CA   C N S 352 
PHE C    C N N 353 
PHE O    O N N 354 
PHE CB   C N N 355 
PHE CG   C Y N 356 
PHE CD1  C Y N 357 
PHE CD2  C Y N 358 
PHE CE1  C Y N 359 
PHE CE2  C Y N 360 
PHE CZ   C Y N 361 
PHE OXT  O N N 362 
PHE H    H N N 363 
PHE H2   H N N 364 
PHE HA   H N N 365 
PHE HB2  H N N 366 
PHE HB3  H N N 367 
PHE HD1  H N N 368 
PHE HD2  H N N 369 
PHE HE1  H N N 370 
PHE HE2  H N N 371 
PHE HZ   H N N 372 
PHE HXT  H N N 373 
PRO N    N N N 374 
PRO CA   C N S 375 
PRO C    C N N 376 
PRO O    O N N 377 
PRO CB   C N N 378 
PRO CG   C N N 379 
PRO CD   C N N 380 
PRO OXT  O N N 381 
PRO H    H N N 382 
PRO HA   H N N 383 
PRO HB2  H N N 384 
PRO HB3  H N N 385 
PRO HG2  H N N 386 
PRO HG3  H N N 387 
PRO HD2  H N N 388 
PRO HD3  H N N 389 
PRO HXT  H N N 390 
SER N    N N N 391 
SER CA   C N S 392 
SER C    C N N 393 
SER O    O N N 394 
SER CB   C N N 395 
SER OG   O N N 396 
SER OXT  O N N 397 
SER H    H N N 398 
SER H2   H N N 399 
SER HA   H N N 400 
SER HB2  H N N 401 
SER HB3  H N N 402 
SER HG   H N N 403 
SER HXT  H N N 404 
SO4 S    S N N 405 
SO4 O1   O N N 406 
SO4 O2   O N N 407 
SO4 O3   O N N 408 
SO4 O4   O N N 409 
THR N    N N N 410 
THR CA   C N S 411 
THR C    C N N 412 
THR O    O N N 413 
THR CB   C N R 414 
THR OG1  O N N 415 
THR CG2  C N N 416 
THR OXT  O N N 417 
THR H    H N N 418 
THR H2   H N N 419 
THR HA   H N N 420 
THR HB   H N N 421 
THR HG1  H N N 422 
THR HG21 H N N 423 
THR HG22 H N N 424 
THR HG23 H N N 425 
THR HXT  H N N 426 
TRP N    N N N 427 
TRP CA   C N S 428 
TRP C    C N N 429 
TRP O    O N N 430 
TRP CB   C N N 431 
TRP CG   C Y N 432 
TRP CD1  C Y N 433 
TRP CD2  C Y N 434 
TRP NE1  N Y N 435 
TRP CE2  C Y N 436 
TRP CE3  C Y N 437 
TRP CZ2  C Y N 438 
TRP CZ3  C Y N 439 
TRP CH2  C Y N 440 
TRP OXT  O N N 441 
TRP H    H N N 442 
TRP H2   H N N 443 
TRP HA   H N N 444 
TRP HB2  H N N 445 
TRP HB3  H N N 446 
TRP HD1  H N N 447 
TRP HE1  H N N 448 
TRP HE3  H N N 449 
TRP HZ2  H N N 450 
TRP HZ3  H N N 451 
TRP HH2  H N N 452 
TRP HXT  H N N 453 
TYR N    N N N 454 
TYR CA   C N S 455 
TYR C    C N N 456 
TYR O    O N N 457 
TYR CB   C N N 458 
TYR CG   C Y N 459 
TYR CD1  C Y N 460 
TYR CD2  C Y N 461 
TYR CE1  C Y N 462 
TYR CE2  C Y N 463 
TYR CZ   C Y N 464 
TYR OH   O N N 465 
TYR OXT  O N N 466 
TYR H    H N N 467 
TYR H2   H N N 468 
TYR HA   H N N 469 
TYR HB2  H N N 470 
TYR HB3  H N N 471 
TYR HD1  H N N 472 
TYR HD2  H N N 473 
TYR HE1  H N N 474 
TYR HE2  H N N 475 
TYR HH   H N N 476 
TYR HXT  H N N 477 
VAL N    N N N 478 
VAL CA   C N S 479 
VAL C    C N N 480 
VAL O    O N N 481 
VAL CB   C N N 482 
VAL CG1  C N N 483 
VAL CG2  C N N 484 
VAL OXT  O N N 485 
VAL H    H N N 486 
VAL H2   H N N 487 
VAL HA   H N N 488 
VAL HB   H N N 489 
VAL HG11 H N N 490 
VAL HG12 H N N 491 
VAL HG13 H N N 492 
VAL HG21 H N N 493 
VAL HG22 H N N 494 
VAL HG23 H N N 495 
VAL HXT  H N N 496 
# 
loop_
_chem_comp_bond.comp_id 
_chem_comp_bond.atom_id_1 
_chem_comp_bond.atom_id_2 
_chem_comp_bond.value_order 
_chem_comp_bond.pdbx_aromatic_flag 
_chem_comp_bond.pdbx_stereo_config 
_chem_comp_bond.pdbx_ordinal 
ALA N   CA   sing N N 1   
ALA N   H    sing N N 2   
ALA N   H2   sing N N 3   
ALA CA  C    sing N N 4   
ALA CA  CB   sing N N 5   
ALA CA  HA   sing N N 6   
ALA C   O    doub N N 7   
ALA C   OXT  sing N N 8   
ALA CB  HB1  sing N N 9   
ALA CB  HB2  sing N N 10  
ALA CB  HB3  sing N N 11  
ALA OXT HXT  sing N N 12  
ARG N   CA   sing N N 13  
ARG N   H    sing N N 14  
ARG N   H2   sing N N 15  
ARG CA  C    sing N N 16  
ARG CA  CB   sing N N 17  
ARG CA  HA   sing N N 18  
ARG C   O    doub N N 19  
ARG C   OXT  sing N N 20  
ARG CB  CG   sing N N 21  
ARG CB  HB2  sing N N 22  
ARG CB  HB3  sing N N 23  
ARG CG  CD   sing N N 24  
ARG CG  HG2  sing N N 25  
ARG CG  HG3  sing N N 26  
ARG CD  NE   sing N N 27  
ARG CD  HD2  sing N N 28  
ARG CD  HD3  sing N N 29  
ARG NE  CZ   sing N N 30  
ARG NE  HE   sing N N 31  
ARG CZ  NH1  sing N N 32  
ARG CZ  NH2  doub N N 33  
ARG NH1 HH11 sing N N 34  
ARG NH1 HH12 sing N N 35  
ARG NH2 HH21 sing N N 36  
ARG NH2 HH22 sing N N 37  
ARG OXT HXT  sing N N 38  
ASN N   CA   sing N N 39  
ASN N   H    sing N N 40  
ASN N   H2   sing N N 41  
ASN CA  C    sing N N 42  
ASN CA  CB   sing N N 43  
ASN CA  HA   sing N N 44  
ASN C   O    doub N N 45  
ASN C   OXT  sing N N 46  
ASN CB  CG   sing N N 47  
ASN CB  HB2  sing N N 48  
ASN CB  HB3  sing N N 49  
ASN CG  OD1  doub N N 50  
ASN CG  ND2  sing N N 51  
ASN ND2 HD21 sing N N 52  
ASN ND2 HD22 sing N N 53  
ASN OXT HXT  sing N N 54  
ASP N   CA   sing N N 55  
ASP N   H    sing N N 56  
ASP N   H2   sing N N 57  
ASP CA  C    sing N N 58  
ASP CA  CB   sing N N 59  
ASP CA  HA   sing N N 60  
ASP C   O    doub N N 61  
ASP C   OXT  sing N N 62  
ASP CB  CG   sing N N 63  
ASP CB  HB2  sing N N 64  
ASP CB  HB3  sing N N 65  
ASP CG  OD1  doub N N 66  
ASP CG  OD2  sing N N 67  
ASP OD2 HD2  sing N N 68  
ASP OXT HXT  sing N N 69  
BGC C2  C3   sing N N 70  
BGC C2  C1   sing N N 71  
BGC C2  O2   sing N N 72  
BGC C2  H2   sing N N 73  
BGC C3  C4   sing N N 74  
BGC C3  O3   sing N N 75  
BGC C3  H3   sing N N 76  
BGC C4  C5   sing N N 77  
BGC C4  O4   sing N N 78  
BGC C4  H4   sing N N 79  
BGC C5  C6   sing N N 80  
BGC C5  O5   sing N N 81  
BGC C5  H5   sing N N 82  
BGC C6  O6   sing N N 83  
BGC C6  H61  sing N N 84  
BGC C6  H62  sing N N 85  
BGC C1  O1   sing N N 86  
BGC C1  O5   sing N N 87  
BGC C1  H1   sing N N 88  
BGC O1  HO1  sing N N 89  
BGC O2  HO2  sing N N 90  
BGC O3  HO3  sing N N 91  
BGC O4  HO4  sing N N 92  
BGC O6  HO6  sing N N 93  
CYS N   CA   sing N N 94  
CYS N   H    sing N N 95  
CYS N   H2   sing N N 96  
CYS CA  C    sing N N 97  
CYS CA  CB   sing N N 98  
CYS CA  HA   sing N N 99  
CYS C   O    doub N N 100 
CYS C   OXT  sing N N 101 
CYS CB  SG   sing N N 102 
CYS CB  HB2  sing N N 103 
CYS CB  HB3  sing N N 104 
CYS SG  HG   sing N N 105 
CYS OXT HXT  sing N N 106 
FUC C1  C2   sing N N 107 
FUC C1  O1   sing N N 108 
FUC C1  O5   sing N N 109 
FUC C1  H1   sing N N 110 
FUC C2  C3   sing N N 111 
FUC C2  O2   sing N N 112 
FUC C2  H2   sing N N 113 
FUC C3  C4   sing N N 114 
FUC C3  O3   sing N N 115 
FUC C3  H3   sing N N 116 
FUC C4  C5   sing N N 117 
FUC C4  O4   sing N N 118 
FUC C4  H4   sing N N 119 
FUC C5  C6   sing N N 120 
FUC C5  O5   sing N N 121 
FUC C5  H5   sing N N 122 
FUC C6  H61  sing N N 123 
FUC C6  H62  sing N N 124 
FUC C6  H63  sing N N 125 
FUC O1  HO1  sing N N 126 
FUC O2  HO2  sing N N 127 
FUC O3  HO3  sing N N 128 
FUC O4  HO4  sing N N 129 
GAL C1  C2   sing N N 130 
GAL C1  O1   sing N N 131 
GAL C1  O5   sing N N 132 
GAL C1  H1   sing N N 133 
GAL C2  C3   sing N N 134 
GAL C2  O2   sing N N 135 
GAL C2  H2   sing N N 136 
GAL C3  C4   sing N N 137 
GAL C3  O3   sing N N 138 
GAL C3  H3   sing N N 139 
GAL C4  C5   sing N N 140 
GAL C4  O4   sing N N 141 
GAL C4  H4   sing N N 142 
GAL C5  C6   sing N N 143 
GAL C5  O5   sing N N 144 
GAL C5  H5   sing N N 145 
GAL C6  O6   sing N N 146 
GAL C6  H61  sing N N 147 
GAL C6  H62  sing N N 148 
GAL O1  HO1  sing N N 149 
GAL O2  HO2  sing N N 150 
GAL O3  HO3  sing N N 151 
GAL O4  HO4  sing N N 152 
GAL O6  HO6  sing N N 153 
GLN N   CA   sing N N 154 
GLN N   H    sing N N 155 
GLN N   H2   sing N N 156 
GLN CA  C    sing N N 157 
GLN CA  CB   sing N N 158 
GLN CA  HA   sing N N 159 
GLN C   O    doub N N 160 
GLN C   OXT  sing N N 161 
GLN CB  CG   sing N N 162 
GLN CB  HB2  sing N N 163 
GLN CB  HB3  sing N N 164 
GLN CG  CD   sing N N 165 
GLN CG  HG2  sing N N 166 
GLN CG  HG3  sing N N 167 
GLN CD  OE1  doub N N 168 
GLN CD  NE2  sing N N 169 
GLN NE2 HE21 sing N N 170 
GLN NE2 HE22 sing N N 171 
GLN OXT HXT  sing N N 172 
GLU N   CA   sing N N 173 
GLU N   H    sing N N 174 
GLU N   H2   sing N N 175 
GLU CA  C    sing N N 176 
GLU CA  CB   sing N N 177 
GLU CA  HA   sing N N 178 
GLU C   O    doub N N 179 
GLU C   OXT  sing N N 180 
GLU CB  CG   sing N N 181 
GLU CB  HB2  sing N N 182 
GLU CB  HB3  sing N N 183 
GLU CG  CD   sing N N 184 
GLU CG  HG2  sing N N 185 
GLU CG  HG3  sing N N 186 
GLU CD  OE1  doub N N 187 
GLU CD  OE2  sing N N 188 
GLU OE2 HE2  sing N N 189 
GLU OXT HXT  sing N N 190 
GLY N   CA   sing N N 191 
GLY N   H    sing N N 192 
GLY N   H2   sing N N 193 
GLY CA  C    sing N N 194 
GLY CA  HA2  sing N N 195 
GLY CA  HA3  sing N N 196 
GLY C   O    doub N N 197 
GLY C   OXT  sing N N 198 
GLY OXT HXT  sing N N 199 
HIS N   CA   sing N N 200 
HIS N   H    sing N N 201 
HIS N   H2   sing N N 202 
HIS CA  C    sing N N 203 
HIS CA  CB   sing N N 204 
HIS CA  HA   sing N N 205 
HIS C   O    doub N N 206 
HIS C   OXT  sing N N 207 
HIS CB  CG   sing N N 208 
HIS CB  HB2  sing N N 209 
HIS CB  HB3  sing N N 210 
HIS CG  ND1  sing Y N 211 
HIS CG  CD2  doub Y N 212 
HIS ND1 CE1  doub Y N 213 
HIS ND1 HD1  sing N N 214 
HIS CD2 NE2  sing Y N 215 
HIS CD2 HD2  sing N N 216 
HIS CE1 NE2  sing Y N 217 
HIS CE1 HE1  sing N N 218 
HIS NE2 HE2  sing N N 219 
HIS OXT HXT  sing N N 220 
HOH O   H1   sing N N 221 
HOH O   H2   sing N N 222 
ILE N   CA   sing N N 223 
ILE N   H    sing N N 224 
ILE N   H2   sing N N 225 
ILE CA  C    sing N N 226 
ILE CA  CB   sing N N 227 
ILE CA  HA   sing N N 228 
ILE C   O    doub N N 229 
ILE C   OXT  sing N N 230 
ILE CB  CG1  sing N N 231 
ILE CB  CG2  sing N N 232 
ILE CB  HB   sing N N 233 
ILE CG1 CD1  sing N N 234 
ILE CG1 HG12 sing N N 235 
ILE CG1 HG13 sing N N 236 
ILE CG2 HG21 sing N N 237 
ILE CG2 HG22 sing N N 238 
ILE CG2 HG23 sing N N 239 
ILE CD1 HD11 sing N N 240 
ILE CD1 HD12 sing N N 241 
ILE CD1 HD13 sing N N 242 
ILE OXT HXT  sing N N 243 
LEU N   CA   sing N N 244 
LEU N   H    sing N N 245 
LEU N   H2   sing N N 246 
LEU CA  C    sing N N 247 
LEU CA  CB   sing N N 248 
LEU CA  HA   sing N N 249 
LEU C   O    doub N N 250 
LEU C   OXT  sing N N 251 
LEU CB  CG   sing N N 252 
LEU CB  HB2  sing N N 253 
LEU CB  HB3  sing N N 254 
LEU CG  CD1  sing N N 255 
LEU CG  CD2  sing N N 256 
LEU CG  HG   sing N N 257 
LEU CD1 HD11 sing N N 258 
LEU CD1 HD12 sing N N 259 
LEU CD1 HD13 sing N N 260 
LEU CD2 HD21 sing N N 261 
LEU CD2 HD22 sing N N 262 
LEU CD2 HD23 sing N N 263 
LEU OXT HXT  sing N N 264 
LYS N   CA   sing N N 265 
LYS N   H    sing N N 266 
LYS N   H2   sing N N 267 
LYS CA  C    sing N N 268 
LYS CA  CB   sing N N 269 
LYS CA  HA   sing N N 270 
LYS C   O    doub N N 271 
LYS C   OXT  sing N N 272 
LYS CB  CG   sing N N 273 
LYS CB  HB2  sing N N 274 
LYS CB  HB3  sing N N 275 
LYS CG  CD   sing N N 276 
LYS CG  HG2  sing N N 277 
LYS CG  HG3  sing N N 278 
LYS CD  CE   sing N N 279 
LYS CD  HD2  sing N N 280 
LYS CD  HD3  sing N N 281 
LYS CE  NZ   sing N N 282 
LYS CE  HE2  sing N N 283 
LYS CE  HE3  sing N N 284 
LYS NZ  HZ1  sing N N 285 
LYS NZ  HZ2  sing N N 286 
LYS NZ  HZ3  sing N N 287 
LYS OXT HXT  sing N N 288 
MET N   CA   sing N N 289 
MET N   H    sing N N 290 
MET N   H2   sing N N 291 
MET CA  C    sing N N 292 
MET CA  CB   sing N N 293 
MET CA  HA   sing N N 294 
MET C   O    doub N N 295 
MET C   OXT  sing N N 296 
MET CB  CG   sing N N 297 
MET CB  HB2  sing N N 298 
MET CB  HB3  sing N N 299 
MET CG  SD   sing N N 300 
MET CG  HG2  sing N N 301 
MET CG  HG3  sing N N 302 
MET SD  CE   sing N N 303 
MET CE  HE1  sing N N 304 
MET CE  HE2  sing N N 305 
MET CE  HE3  sing N N 306 
MET OXT HXT  sing N N 307 
NAG C1  C2   sing N N 308 
NAG C1  O1   sing N N 309 
NAG C1  O5   sing N N 310 
NAG C1  H1   sing N N 311 
NAG C2  C3   sing N N 312 
NAG C2  N2   sing N N 313 
NAG C2  H2   sing N N 314 
NAG C3  C4   sing N N 315 
NAG C3  O3   sing N N 316 
NAG C3  H3   sing N N 317 
NAG C4  C5   sing N N 318 
NAG C4  O4   sing N N 319 
NAG C4  H4   sing N N 320 
NAG C5  C6   sing N N 321 
NAG C5  O5   sing N N 322 
NAG C5  H5   sing N N 323 
NAG C6  O6   sing N N 324 
NAG C6  H61  sing N N 325 
NAG C6  H62  sing N N 326 
NAG C7  C8   sing N N 327 
NAG C7  N2   sing N N 328 
NAG C7  O7   doub N N 329 
NAG C8  H81  sing N N 330 
NAG C8  H82  sing N N 331 
NAG C8  H83  sing N N 332 
NAG N2  HN2  sing N N 333 
NAG O1  HO1  sing N N 334 
NAG O3  HO3  sing N N 335 
NAG O4  HO4  sing N N 336 
NAG O6  HO6  sing N N 337 
PHE N   CA   sing N N 338 
PHE N   H    sing N N 339 
PHE N   H2   sing N N 340 
PHE CA  C    sing N N 341 
PHE CA  CB   sing N N 342 
PHE CA  HA   sing N N 343 
PHE C   O    doub N N 344 
PHE C   OXT  sing N N 345 
PHE CB  CG   sing N N 346 
PHE CB  HB2  sing N N 347 
PHE CB  HB3  sing N N 348 
PHE CG  CD1  doub Y N 349 
PHE CG  CD2  sing Y N 350 
PHE CD1 CE1  sing Y N 351 
PHE CD1 HD1  sing N N 352 
PHE CD2 CE2  doub Y N 353 
PHE CD2 HD2  sing N N 354 
PHE CE1 CZ   doub Y N 355 
PHE CE1 HE1  sing N N 356 
PHE CE2 CZ   sing Y N 357 
PHE CE2 HE2  sing N N 358 
PHE CZ  HZ   sing N N 359 
PHE OXT HXT  sing N N 360 
PRO N   CA   sing N N 361 
PRO N   CD   sing N N 362 
PRO N   H    sing N N 363 
PRO CA  C    sing N N 364 
PRO CA  CB   sing N N 365 
PRO CA  HA   sing N N 366 
PRO C   O    doub N N 367 
PRO C   OXT  sing N N 368 
PRO CB  CG   sing N N 369 
PRO CB  HB2  sing N N 370 
PRO CB  HB3  sing N N 371 
PRO CG  CD   sing N N 372 
PRO CG  HG2  sing N N 373 
PRO CG  HG3  sing N N 374 
PRO CD  HD2  sing N N 375 
PRO CD  HD3  sing N N 376 
PRO OXT HXT  sing N N 377 
SER N   CA   sing N N 378 
SER N   H    sing N N 379 
SER N   H2   sing N N 380 
SER CA  C    sing N N 381 
SER CA  CB   sing N N 382 
SER CA  HA   sing N N 383 
SER C   O    doub N N 384 
SER C   OXT  sing N N 385 
SER CB  OG   sing N N 386 
SER CB  HB2  sing N N 387 
SER CB  HB3  sing N N 388 
SER OG  HG   sing N N 389 
SER OXT HXT  sing N N 390 
SO4 S   O1   doub N N 391 
SO4 S   O2   doub N N 392 
SO4 S   O3   sing N N 393 
SO4 S   O4   sing N N 394 
THR N   CA   sing N N 395 
THR N   H    sing N N 396 
THR N   H2   sing N N 397 
THR CA  C    sing N N 398 
THR CA  CB   sing N N 399 
THR CA  HA   sing N N 400 
THR C   O    doub N N 401 
THR C   OXT  sing N N 402 
THR CB  OG1  sing N N 403 
THR CB  CG2  sing N N 404 
THR CB  HB   sing N N 405 
THR OG1 HG1  sing N N 406 
THR CG2 HG21 sing N N 407 
THR CG2 HG22 sing N N 408 
THR CG2 HG23 sing N N 409 
THR OXT HXT  sing N N 410 
TRP N   CA   sing N N 411 
TRP N   H    sing N N 412 
TRP N   H2   sing N N 413 
TRP CA  C    sing N N 414 
TRP CA  CB   sing N N 415 
TRP CA  HA   sing N N 416 
TRP C   O    doub N N 417 
TRP C   OXT  sing N N 418 
TRP CB  CG   sing N N 419 
TRP CB  HB2  sing N N 420 
TRP CB  HB3  sing N N 421 
TRP CG  CD1  doub Y N 422 
TRP CG  CD2  sing Y N 423 
TRP CD1 NE1  sing Y N 424 
TRP CD1 HD1  sing N N 425 
TRP CD2 CE2  doub Y N 426 
TRP CD2 CE3  sing Y N 427 
TRP NE1 CE2  sing Y N 428 
TRP NE1 HE1  sing N N 429 
TRP CE2 CZ2  sing Y N 430 
TRP CE3 CZ3  doub Y N 431 
TRP CE3 HE3  sing N N 432 
TRP CZ2 CH2  doub Y N 433 
TRP CZ2 HZ2  sing N N 434 
TRP CZ3 CH2  sing Y N 435 
TRP CZ3 HZ3  sing N N 436 
TRP CH2 HH2  sing N N 437 
TRP OXT HXT  sing N N 438 
TYR N   CA   sing N N 439 
TYR N   H    sing N N 440 
TYR N   H2   sing N N 441 
TYR CA  C    sing N N 442 
TYR CA  CB   sing N N 443 
TYR CA  HA   sing N N 444 
TYR C   O    doub N N 445 
TYR C   OXT  sing N N 446 
TYR CB  CG   sing N N 447 
TYR CB  HB2  sing N N 448 
TYR CB  HB3  sing N N 449 
TYR CG  CD1  doub Y N 450 
TYR CG  CD2  sing Y N 451 
TYR CD1 CE1  sing Y N 452 
TYR CD1 HD1  sing N N 453 
TYR CD2 CE2  doub Y N 454 
TYR CD2 HD2  sing N N 455 
TYR CE1 CZ   doub Y N 456 
TYR CE1 HE1  sing N N 457 
TYR CE2 CZ   sing Y N 458 
TYR CE2 HE2  sing N N 459 
TYR CZ  OH   sing N N 460 
TYR OH  HH   sing N N 461 
TYR OXT HXT  sing N N 462 
VAL N   CA   sing N N 463 
VAL N   H    sing N N 464 
VAL N   H2   sing N N 465 
VAL CA  C    sing N N 466 
VAL CA  CB   sing N N 467 
VAL CA  HA   sing N N 468 
VAL C   O    doub N N 469 
VAL C   OXT  sing N N 470 
VAL CB  CG1  sing N N 471 
VAL CB  CG2  sing N N 472 
VAL CB  HB   sing N N 473 
VAL CG1 HG11 sing N N 474 
VAL CG1 HG12 sing N N 475 
VAL CG1 HG13 sing N N 476 
VAL CG2 HG21 sing N N 477 
VAL CG2 HG22 sing N N 478 
VAL CG2 HG23 sing N N 479 
VAL OXT HXT  sing N N 480 
# 
loop_
_pdbx_audit_support.funding_organization 
_pdbx_audit_support.country 
_pdbx_audit_support.grant_number 
_pdbx_audit_support.ordinal 
'National Institutes of Health/National Institute Of Allergy and Infectious Diseases (NIH/NIAID)' 'United States' AI36040 1 
'Robert A. Welch Foundation'                                                                      'United States' Q1279   2 
# 
loop_
_pdbx_branch_scheme.asym_id 
_pdbx_branch_scheme.entity_id 
_pdbx_branch_scheme.mon_id 
_pdbx_branch_scheme.num 
_pdbx_branch_scheme.pdb_asym_id 
_pdbx_branch_scheme.pdb_mon_id 
_pdbx_branch_scheme.pdb_seq_num 
_pdbx_branch_scheme.auth_asym_id 
_pdbx_branch_scheme.auth_mon_id 
_pdbx_branch_scheme.auth_seq_num 
_pdbx_branch_scheme.hetero 
B 2 BGC 1 B BGC 1 B BGC 5 n 
B 2 GAL 2 B GAL 2 B GAL 4 n 
B 2 NAG 3 B NAG 3 B NAG 3 n 
B 2 GAL 4 B GAL 4 B GAL 2 n 
B 2 FUC 5 B FUC 5 B FUC 1 n 
# 
loop_
_pdbx_chem_comp_identifier.comp_id 
_pdbx_chem_comp_identifier.type 
_pdbx_chem_comp_identifier.program 
_pdbx_chem_comp_identifier.program_version 
_pdbx_chem_comp_identifier.identifier 
BGC 'CONDENSED IUPAC CARBOHYDRATE SYMBOL' GMML     1.0 DGlcpb                         
BGC 'COMMON NAME'                         GMML     1.0 b-D-glucopyranose              
BGC 'IUPAC CARBOHYDRATE SYMBOL'           PDB-CARE 1.0 b-D-Glcp                       
BGC 'SNFG CARBOHYDRATE SYMBOL'            GMML     1.0 Glc                            
FUC 'CONDENSED IUPAC CARBOHYDRATE SYMBOL' GMML     1.0 LFucpa                         
FUC 'COMMON NAME'                         GMML     1.0 a-L-fucopyranose               
FUC 'IUPAC CARBOHYDRATE SYMBOL'           PDB-CARE 1.0 a-L-Fucp                       
FUC 'SNFG CARBOHYDRATE SYMBOL'            GMML     1.0 Fuc                            
GAL 'CONDENSED IUPAC CARBOHYDRATE SYMBOL' GMML     1.0 DGalpb                         
GAL 'COMMON NAME'                         GMML     1.0 b-D-galactopyranose            
GAL 'IUPAC CARBOHYDRATE SYMBOL'           PDB-CARE 1.0 b-D-Galp                       
GAL 'SNFG CARBOHYDRATE SYMBOL'            GMML     1.0 Gal                            
NAG 'CONDENSED IUPAC CARBOHYDRATE SYMBOL' GMML     1.0 DGlcpNAcb                      
NAG 'COMMON NAME'                         GMML     1.0 N-acetyl-b-D-glucopyranosamine 
NAG 'IUPAC CARBOHYDRATE SYMBOL'           PDB-CARE 1.0 b-D-GlcpNAc                    
NAG 'SNFG CARBOHYDRATE SYMBOL'            GMML     1.0 GlcNAc                         
# 
_pdbx_entity_branch.entity_id   2 
_pdbx_entity_branch.type        oligosaccharide 
# 
loop_
_pdbx_entity_branch_descriptor.ordinal 
_pdbx_entity_branch_descriptor.entity_id 
_pdbx_entity_branch_descriptor.descriptor 
_pdbx_entity_branch_descriptor.type 
_pdbx_entity_branch_descriptor.program 
_pdbx_entity_branch_descriptor.program_version 
1 2 LFucpa1-2DGalpb1-3DGlcpNAcb1-3DGalpb1-4DGlcpb1-ROH                                                                         
'Glycam Condensed Sequence' GMML       1.0   
2 2 'WURCS=2.0/4,5,4/[a2122h-1b_1-5][a2112h-1b_1-5][a2122h-1b_1-5_2*NCC/3=O][a1221m-1a_1-5]/1-2-3-2-4/a4-b1_b3-c1_c3-d1_d2-e1' 
WURCS                       PDB2Glycan 1.1.0 
3 2 '[][b-D-Glcp]{[(4+1)][b-D-Galp]{[(3+1)][b-D-GlcpNAc]{[(3+1)][b-D-Galp]{[(2+1)][a-L-Fucp]{}}}}}'                            
LINUCS                      PDB-CARE   ?     
# 
loop_
_pdbx_entity_branch_link.link_id 
_pdbx_entity_branch_link.entity_id 
_pdbx_entity_branch_link.entity_branch_list_num_1 
_pdbx_entity_branch_link.comp_id_1 
_pdbx_entity_branch_link.atom_id_1 
_pdbx_entity_branch_link.leaving_atom_id_1 
_pdbx_entity_branch_link.entity_branch_list_num_2 
_pdbx_entity_branch_link.comp_id_2 
_pdbx_entity_branch_link.atom_id_2 
_pdbx_entity_branch_link.leaving_atom_id_2 
_pdbx_entity_branch_link.value_order 
_pdbx_entity_branch_link.details 
1 2 2 GAL C1 O1 1 BGC O4 HO4 sing ? 
2 2 3 NAG C1 O1 2 GAL O3 HO3 sing ? 
3 2 4 GAL C1 O1 3 NAG O3 HO3 sing ? 
4 2 5 FUC C1 O1 4 GAL O2 HO2 sing ? 
# 
loop_
_pdbx_entity_branch_list.entity_id 
_pdbx_entity_branch_list.comp_id 
_pdbx_entity_branch_list.num 
_pdbx_entity_branch_list.hetero 
2 BGC 1 n 
2 GAL 2 n 
2 NAG 3 n 
2 GAL 4 n 
2 FUC 5 n 
# 
loop_
_pdbx_entity_nonpoly.entity_id 
_pdbx_entity_nonpoly.name 
_pdbx_entity_nonpoly.comp_id 
3 'SULFATE ION' SO4 
4 water         HOH 
# 
_pdbx_initial_refinement_model.id               1 
_pdbx_initial_refinement_model.entity_id_list   ? 
_pdbx_initial_refinement_model.type             'experimental model' 
_pdbx_initial_refinement_model.source_name      PDB 
_pdbx_initial_refinement_model.accession_code   2AEN 
_pdbx_initial_refinement_model.details          'PDB entry 2AEN' 
# 
_pdbx_struct_assembly_auth_evidence.id                     1 
_pdbx_struct_assembly_auth_evidence.assembly_id            1 
_pdbx_struct_assembly_auth_evidence.experimental_support   'gel filtration' 
_pdbx_struct_assembly_auth_evidence.details                ? 
# 
